data_4PLL
# 
_entry.id   4PLL 
# 
_audit_conform.dict_name       mmcif_pdbx.dic 
_audit_conform.dict_version    5.383 
_audit_conform.dict_location   http://mmcif.pdb.org/dictionaries/ascii/mmcif_pdbx.dic 
# 
loop_
_database_2.database_id 
_database_2.database_code 
_database_2.pdbx_database_accession 
_database_2.pdbx_DOI 
PDB   4PLL         pdb_00004pll 10.2210/pdb4pll/pdb 
WWPDB D_1000201609 ?            ?                   
# 
loop_
_pdbx_audit_revision_history.ordinal 
_pdbx_audit_revision_history.data_content_type 
_pdbx_audit_revision_history.major_revision 
_pdbx_audit_revision_history.minor_revision 
_pdbx_audit_revision_history.revision_date 
1 'Structure model' 1 0 2015-07-22 
2 'Structure model' 1 1 2016-05-04 
3 'Structure model' 1 2 2023-12-27 
# 
_pdbx_audit_revision_details.ordinal             1 
_pdbx_audit_revision_details.revision_ordinal    1 
_pdbx_audit_revision_details.data_content_type   'Structure model' 
_pdbx_audit_revision_details.provider            repository 
_pdbx_audit_revision_details.type                'Initial release' 
_pdbx_audit_revision_details.description         ? 
_pdbx_audit_revision_details.details             ? 
# 
loop_
_pdbx_audit_revision_group.ordinal 
_pdbx_audit_revision_group.revision_ordinal 
_pdbx_audit_revision_group.data_content_type 
_pdbx_audit_revision_group.group 
1 2 'Structure model' 'Database references'  
2 3 'Structure model' 'Data collection'      
3 3 'Structure model' 'Database references'  
4 3 'Structure model' 'Derived calculations' 
# 
loop_
_pdbx_audit_revision_category.ordinal 
_pdbx_audit_revision_category.revision_ordinal 
_pdbx_audit_revision_category.data_content_type 
_pdbx_audit_revision_category.category 
1 3 'Structure model' chem_comp_atom        
2 3 'Structure model' chem_comp_bond        
3 3 'Structure model' database_2            
4 3 'Structure model' pdbx_struct_oper_list 
# 
loop_
_pdbx_audit_revision_item.ordinal 
_pdbx_audit_revision_item.revision_ordinal 
_pdbx_audit_revision_item.data_content_type 
_pdbx_audit_revision_item.item 
1 3 'Structure model' '_database_2.pdbx_DOI'                      
2 3 'Structure model' '_database_2.pdbx_database_accession'       
3 3 'Structure model' '_pdbx_struct_oper_list.symmetry_operation' 
# 
_pdbx_database_status.status_code                     REL 
_pdbx_database_status.status_code_sf                  REL 
_pdbx_database_status.status_code_mr                  ? 
_pdbx_database_status.entry_id                        4PLL 
_pdbx_database_status.recvd_initial_deposition_date   2014-05-18 
_pdbx_database_status.SG_entry                        N 
_pdbx_database_status.deposit_site                    RCSB 
_pdbx_database_status.process_site                    RCSB 
_pdbx_database_status.status_code_cs                  ? 
_pdbx_database_status.methods_development_category    ? 
_pdbx_database_status.pdb_format_compatible           Y 
_pdbx_database_status.status_code_nmr_data            ? 
# 
loop_
_pdbx_database_related.content_type 
_pdbx_database_related.db_id 
_pdbx_database_related.db_name 
_pdbx_database_related.details 
unspecified 4PL6 PDB . 
unspecified 4PLI PDB . 
# 
loop_
_audit_author.name 
_audit_author.pdbx_ordinal 
'Liu, Y.'   1 
'Huang, Y.' 2 
# 
_citation.abstract                  ? 
_citation.abstract_id_CAS           ? 
_citation.book_id_ISBN              ? 
_citation.book_publisher            ? 
_citation.book_publisher_city       ? 
_citation.book_title                ? 
_citation.coordinate_linkage        ? 
_citation.country                   US 
_citation.database_id_Medline       ? 
_citation.details                   ? 
_citation.id                        primary 
_citation.journal_abbrev            'Plos Genet.' 
_citation.journal_id_ASTM           ? 
_citation.journal_id_CSD            ? 
_citation.journal_id_ISSN           1553-7404 
_citation.journal_full              ? 
_citation.journal_issue             ? 
_citation.journal_volume            10 
_citation.language                  ? 
_citation.page_first                e1004617 
_citation.page_last                 e1004617 
_citation.title                     
'Regulation of arabidopsis flowering by the histone mark readers MRG1/2 via interaction with CONSTANS to modulate FT expression.' 
_citation.year                      2014 
_citation.database_id_CSD           ? 
_citation.pdbx_database_id_DOI      10.1371/journal.pgen.1004617 
_citation.pdbx_database_id_PubMed   25211338 
_citation.unpublished_flag          ? 
# 
loop_
_citation_author.citation_id 
_citation_author.name 
_citation_author.ordinal 
_citation_author.identifier_ORCID 
primary 'Bu, Z.'     1 ? 
primary 'Yu, Y.'     2 ? 
primary 'Li, Z.'     3 ? 
primary 'Liu, Y.'    4 ? 
primary 'Jiang, W.'  5 ? 
primary 'Huang, Y.'  6 ? 
primary 'Dong, A.W.' 7 ? 
# 
loop_
_entity.id 
_entity.type 
_entity.src_method 
_entity.pdbx_description 
_entity.formula_weight 
_entity.pdbx_number_of_molecules 
_entity.pdbx_ec 
_entity.pdbx_mutation 
_entity.pdbx_fragment 
_entity.details 
1 polymer man At1g02740 9118.196 2 ? ? 'UNP residues 51-123' ? 
2 polymer man H3K36me3  1259.500 2 ? ? ?                     ? 
3 water   nat water     18.015   8 ? ? ?                     ? 
# 
_entity_name_com.entity_id   1 
_entity_name_com.name        'MRG family protein' 
# 
loop_
_entity_poly.entity_id 
_entity_poly.type 
_entity_poly.nstd_linkage 
_entity_poly.nstd_monomer 
_entity_poly.pdbx_seq_one_letter_code 
_entity_poly.pdbx_seq_one_letter_code_can 
_entity_poly.pdbx_strand_id 
_entity_poly.pdbx_target_identifier 
1 'polypeptide(L)' no no  GSHFEEGERVLAKHSDCFYEAKVLKVEFKDNEWKYFVHYIGWNKSWDEWIRLDCLLKHSDENIEKQKEQGLKQQG 
GSHFEEGERVLAKHSDCFYEAKVLKVEFKDNEWKYFVHYIGWNKSWDEWIRLDCLLKHSDENIEKQKEQGLKQQG A,B ? 
2 'polypeptide(L)' no yes 'ATGGV(M3L)KPHRY'                                                           ATGGVKKPHRY C,D ? 
# 
_pdbx_entity_nonpoly.entity_id   3 
_pdbx_entity_nonpoly.name        water 
_pdbx_entity_nonpoly.comp_id     HOH 
# 
loop_
_entity_poly_seq.entity_id 
_entity_poly_seq.num 
_entity_poly_seq.mon_id 
_entity_poly_seq.hetero 
1 1  GLY n 
1 2  SER n 
1 3  HIS n 
1 4  PHE n 
1 5  GLU n 
1 6  GLU n 
1 7  GLY n 
1 8  GLU n 
1 9  ARG n 
1 10 VAL n 
1 11 LEU n 
1 12 ALA n 
1 13 LYS n 
1 14 HIS n 
1 15 SER n 
1 16 ASP n 
1 17 CYS n 
1 18 PHE n 
1 19 TYR n 
1 20 GLU n 
1 21 ALA n 
1 22 LYS n 
1 23 VAL n 
1 24 LEU n 
1 25 LYS n 
1 26 VAL n 
1 27 GLU n 
1 28 PHE n 
1 29 LYS n 
1 30 ASP n 
1 31 ASN n 
1 32 GLU n 
1 33 TRP n 
1 34 LYS n 
1 35 TYR n 
1 36 PHE n 
1 37 VAL n 
1 38 HIS n 
1 39 TYR n 
1 40 ILE n 
1 41 GLY n 
1 42 TRP n 
1 43 ASN n 
1 44 LYS n 
1 45 SER n 
1 46 TRP n 
1 47 ASP n 
1 48 GLU n 
1 49 TRP n 
1 50 ILE n 
1 51 ARG n 
1 52 LEU n 
1 53 ASP n 
1 54 CYS n 
1 55 LEU n 
1 56 LEU n 
1 57 LYS n 
1 58 HIS n 
1 59 SER n 
1 60 ASP n 
1 61 GLU n 
1 62 ASN n 
1 63 ILE n 
1 64 GLU n 
1 65 LYS n 
1 66 GLN n 
1 67 LYS n 
1 68 GLU n 
1 69 GLN n 
1 70 GLY n 
1 71 LEU n 
1 72 LYS n 
1 73 GLN n 
1 74 GLN n 
1 75 GLY n 
2 1  ALA n 
2 2  THR n 
2 3  GLY n 
2 4  GLY n 
2 5  VAL n 
2 6  M3L n 
2 7  LYS n 
2 8  PRO n 
2 9  HIS n 
2 10 ARG n 
2 11 TYR n 
# 
loop_
_entity_src_gen.entity_id 
_entity_src_gen.pdbx_src_id 
_entity_src_gen.pdbx_alt_source_flag 
_entity_src_gen.pdbx_seq_type 
_entity_src_gen.pdbx_beg_seq_num 
_entity_src_gen.pdbx_end_seq_num 
_entity_src_gen.gene_src_common_name 
_entity_src_gen.gene_src_genus 
_entity_src_gen.pdbx_gene_src_gene 
_entity_src_gen.gene_src_species 
_entity_src_gen.gene_src_strain 
_entity_src_gen.gene_src_tissue 
_entity_src_gen.gene_src_tissue_fraction 
_entity_src_gen.gene_src_details 
_entity_src_gen.pdbx_gene_src_fragment 
_entity_src_gen.pdbx_gene_src_scientific_name 
_entity_src_gen.pdbx_gene_src_ncbi_taxonomy_id 
_entity_src_gen.pdbx_gene_src_variant 
_entity_src_gen.pdbx_gene_src_cell_line 
_entity_src_gen.pdbx_gene_src_atcc 
_entity_src_gen.pdbx_gene_src_organ 
_entity_src_gen.pdbx_gene_src_organelle 
_entity_src_gen.pdbx_gene_src_cell 
_entity_src_gen.pdbx_gene_src_cellular_location 
_entity_src_gen.host_org_common_name 
_entity_src_gen.pdbx_host_org_scientific_name 
_entity_src_gen.pdbx_host_org_ncbi_taxonomy_id 
_entity_src_gen.host_org_genus 
_entity_src_gen.pdbx_host_org_gene 
_entity_src_gen.pdbx_host_org_organ 
_entity_src_gen.host_org_species 
_entity_src_gen.pdbx_host_org_tissue 
_entity_src_gen.pdbx_host_org_tissue_fraction 
_entity_src_gen.pdbx_host_org_strain 
_entity_src_gen.pdbx_host_org_variant 
_entity_src_gen.pdbx_host_org_cell_line 
_entity_src_gen.pdbx_host_org_atcc 
_entity_src_gen.pdbx_host_org_culture_collection 
_entity_src_gen.pdbx_host_org_cell 
_entity_src_gen.pdbx_host_org_organelle 
_entity_src_gen.pdbx_host_org_cellular_location 
_entity_src_gen.pdbx_host_org_vector_type 
_entity_src_gen.pdbx_host_org_vector 
_entity_src_gen.host_org_details 
_entity_src_gen.expression_system_id 
_entity_src_gen.plasmid_name 
_entity_src_gen.plasmid_details 
_entity_src_gen.pdbx_description 
1 1 sample 'Biological sequence' 1 75 'Mouse-ear cress' ? At1g02740 ? ? ? ? ? ? 'Arabidopsis thaliana' 3702 ? ? ? ? ? ? ? ? 
'Escherichia coli' 562 ? ? ? ? ? ? ? ? ? ? ? ? ? ? ? ? ? ? ? ? ? 
2 1 sample 'Biological sequence' 1 11 ?                 ? ?         ? ? ? ? ? ? 'Arabidopsis thaliana' 3702 ? ? ? ? ? ? ? ? 
'Escherichia coli' 562 ? ? ? ? ? ? ? ? ? ? ? ? ? ? ? ? ? ? ? ? ? 
# 
loop_
_chem_comp.id 
_chem_comp.type 
_chem_comp.mon_nstd_flag 
_chem_comp.name 
_chem_comp.pdbx_synonyms 
_chem_comp.formula 
_chem_comp.formula_weight 
ALA 'L-peptide linking' y ALANINE           ? 'C3 H7 N O2'     89.093  
ARG 'L-peptide linking' y ARGININE          ? 'C6 H15 N4 O2 1' 175.209 
ASN 'L-peptide linking' y ASPARAGINE        ? 'C4 H8 N2 O3'    132.118 
ASP 'L-peptide linking' y 'ASPARTIC ACID'   ? 'C4 H7 N O4'     133.103 
CYS 'L-peptide linking' y CYSTEINE          ? 'C3 H7 N O2 S'   121.158 
GLN 'L-peptide linking' y GLUTAMINE         ? 'C5 H10 N2 O3'   146.144 
GLU 'L-peptide linking' y 'GLUTAMIC ACID'   ? 'C5 H9 N O4'     147.129 
GLY 'peptide linking'   y GLYCINE           ? 'C2 H5 N O2'     75.067  
HIS 'L-peptide linking' y HISTIDINE         ? 'C6 H10 N3 O2 1' 156.162 
HOH non-polymer         . WATER             ? 'H2 O'           18.015  
ILE 'L-peptide linking' y ISOLEUCINE        ? 'C6 H13 N O2'    131.173 
LEU 'L-peptide linking' y LEUCINE           ? 'C6 H13 N O2'    131.173 
LYS 'L-peptide linking' y LYSINE            ? 'C6 H15 N2 O2 1' 147.195 
M3L 'L-peptide linking' n N-TRIMETHYLLYSINE ? 'C9 H21 N2 O2 1' 189.275 
PHE 'L-peptide linking' y PHENYLALANINE     ? 'C9 H11 N O2'    165.189 
PRO 'L-peptide linking' y PROLINE           ? 'C5 H9 N O2'     115.130 
SER 'L-peptide linking' y SERINE            ? 'C3 H7 N O3'     105.093 
THR 'L-peptide linking' y THREONINE         ? 'C4 H9 N O3'     119.119 
TRP 'L-peptide linking' y TRYPTOPHAN        ? 'C11 H12 N2 O2'  204.225 
TYR 'L-peptide linking' y TYROSINE          ? 'C9 H11 N O3'    181.189 
VAL 'L-peptide linking' y VALINE            ? 'C5 H11 N O2'    117.146 
# 
loop_
_pdbx_poly_seq_scheme.asym_id 
_pdbx_poly_seq_scheme.entity_id 
_pdbx_poly_seq_scheme.seq_id 
_pdbx_poly_seq_scheme.mon_id 
_pdbx_poly_seq_scheme.ndb_seq_num 
_pdbx_poly_seq_scheme.pdb_seq_num 
_pdbx_poly_seq_scheme.auth_seq_num 
_pdbx_poly_seq_scheme.pdb_mon_id 
_pdbx_poly_seq_scheme.auth_mon_id 
_pdbx_poly_seq_scheme.pdb_strand_id 
_pdbx_poly_seq_scheme.pdb_ins_code 
_pdbx_poly_seq_scheme.hetero 
A 1 1  GLY 1  49  ?  ?   ?   A . n 
A 1 2  SER 2  50  ?  ?   ?   A . n 
A 1 3  HIS 3  51  10 HIS HIS A . n 
A 1 4  PHE 4  52  11 PHE PHE A . n 
A 1 5  GLU 5  53  12 GLU GLU A . n 
A 1 6  GLU 6  54  13 GLU GLU A . n 
A 1 7  GLY 7  55  14 GLY GLY A . n 
A 1 8  GLU 8  56  15 GLU GLU A . n 
A 1 9  ARG 9  57  16 ARG ARG A . n 
A 1 10 VAL 10 58  17 VAL VAL A . n 
A 1 11 LEU 11 59  18 LEU LEU A . n 
A 1 12 ALA 12 60  19 ALA ALA A . n 
A 1 13 LYS 13 61  20 LYS LYS A . n 
A 1 14 HIS 14 62  21 HIS HIS A . n 
A 1 15 SER 15 63  22 SER SER A . n 
A 1 16 ASP 16 64  23 ASP ASP A . n 
A 1 17 CYS 17 65  24 CYS CYS A . n 
A 1 18 PHE 18 66  25 PHE PHE A . n 
A 1 19 TYR 19 67  26 TYR TYR A . n 
A 1 20 GLU 20 68  27 GLU GLU A . n 
A 1 21 ALA 21 69  28 ALA ALA A . n 
A 1 22 LYS 22 70  29 LYS LYS A . n 
A 1 23 VAL 23 71  30 VAL VAL A . n 
A 1 24 LEU 24 72  31 LEU LEU A . n 
A 1 25 LYS 25 73  32 LYS LYS A . n 
A 1 26 VAL 26 74  33 VAL VAL A . n 
A 1 27 GLU 27 75  34 GLU GLU A . n 
A 1 28 PHE 28 76  35 PHE PHE A . n 
A 1 29 LYS 29 77  36 LYS LYS A . n 
A 1 30 ASP 30 78  37 ASP ASP A . n 
A 1 31 ASN 31 79  38 ASN ASN A . n 
A 1 32 GLU 32 80  39 GLU GLU A . n 
A 1 33 TRP 33 81  40 TRP TRP A . n 
A 1 34 LYS 34 82  41 LYS LYS A . n 
A 1 35 TYR 35 83  42 TYR TYR A . n 
A 1 36 PHE 36 84  43 PHE PHE A . n 
A 1 37 VAL 37 85  44 VAL VAL A . n 
A 1 38 HIS 38 86  45 HIS HIS A . n 
A 1 39 TYR 39 87  46 TYR TYR A . n 
A 1 40 ILE 40 88  47 ILE ILE A . n 
A 1 41 GLY 41 89  48 GLY GLY A . n 
A 1 42 TRP 42 90  49 TRP TRP A . n 
A 1 43 ASN 43 91  50 ASN ASN A . n 
A 1 44 LYS 44 92  51 LYS LYS A . n 
A 1 45 SER 45 93  52 SER SER A . n 
A 1 46 TRP 46 94  53 TRP TRP A . n 
A 1 47 ASP 47 95  54 ASP ASP A . n 
A 1 48 GLU 48 96  55 GLU GLU A . n 
A 1 49 TRP 49 97  56 TRP TRP A . n 
A 1 50 ILE 50 98  57 ILE ILE A . n 
A 1 51 ARG 51 99  58 ARG ARG A . n 
A 1 52 LEU 52 100 59 LEU LEU A . n 
A 1 53 ASP 53 101 60 ASP ASP A . n 
A 1 54 CYS 54 102 61 CYS CYS A . n 
A 1 55 LEU 55 103 62 LEU LEU A . n 
A 1 56 LEU 56 104 63 LEU LEU A . n 
A 1 57 LYS 57 105 64 LYS LYS A . n 
A 1 58 HIS 58 106 65 HIS HIS A . n 
A 1 59 SER 59 107 ?  ?   ?   A . n 
A 1 60 ASP 60 108 ?  ?   ?   A . n 
A 1 61 GLU 61 109 ?  ?   ?   A . n 
A 1 62 ASN 62 110 ?  ?   ?   A . n 
A 1 63 ILE 63 111 ?  ?   ?   A . n 
A 1 64 GLU 64 112 ?  ?   ?   A . n 
A 1 65 LYS 65 113 ?  ?   ?   A . n 
A 1 66 GLN 66 114 ?  ?   ?   A . n 
A 1 67 LYS 67 115 ?  ?   ?   A . n 
A 1 68 GLU 68 116 ?  ?   ?   A . n 
A 1 69 GLN 69 117 ?  ?   ?   A . n 
A 1 70 GLY 70 118 ?  ?   ?   A . n 
A 1 71 LEU 71 119 ?  ?   ?   A . n 
A 1 72 LYS 72 120 ?  ?   ?   A . n 
A 1 73 GLN 73 121 ?  ?   ?   A . n 
A 1 74 GLN 74 122 ?  ?   ?   A . n 
A 1 75 GLY 75 123 ?  ?   ?   A . n 
B 1 1  GLY 1  49  ?  ?   ?   B . n 
B 1 2  SER 2  50  ?  ?   ?   B . n 
B 1 3  HIS 3  51  10 HIS HIS B . n 
B 1 4  PHE 4  52  11 PHE PHE B . n 
B 1 5  GLU 5  53  12 GLU GLU B . n 
B 1 6  GLU 6  54  13 GLU GLU B . n 
B 1 7  GLY 7  55  14 GLY GLY B . n 
B 1 8  GLU 8  56  15 GLU GLU B . n 
B 1 9  ARG 9  57  16 ARG ARG B . n 
B 1 10 VAL 10 58  17 VAL VAL B . n 
B 1 11 LEU 11 59  18 LEU LEU B . n 
B 1 12 ALA 12 60  19 ALA ALA B . n 
B 1 13 LYS 13 61  20 LYS LYS B . n 
B 1 14 HIS 14 62  21 HIS HIS B . n 
B 1 15 SER 15 63  22 SER SER B . n 
B 1 16 ASP 16 64  23 ASP ASP B . n 
B 1 17 CYS 17 65  24 CYS CYS B . n 
B 1 18 PHE 18 66  25 PHE PHE B . n 
B 1 19 TYR 19 67  26 TYR TYR B . n 
B 1 20 GLU 20 68  27 GLU GLU B . n 
B 1 21 ALA 21 69  28 ALA ALA B . n 
B 1 22 LYS 22 70  29 LYS LYS B . n 
B 1 23 VAL 23 71  30 VAL VAL B . n 
B 1 24 LEU 24 72  31 LEU LEU B . n 
B 1 25 LYS 25 73  32 LYS LYS B . n 
B 1 26 VAL 26 74  33 VAL VAL B . n 
B 1 27 GLU 27 75  34 GLU GLU B . n 
B 1 28 PHE 28 76  35 PHE PHE B . n 
B 1 29 LYS 29 77  36 LYS LYS B . n 
B 1 30 ASP 30 78  37 ASP ASP B . n 
B 1 31 ASN 31 79  38 ASN ASN B . n 
B 1 32 GLU 32 80  39 GLU GLU B . n 
B 1 33 TRP 33 81  40 TRP TRP B . n 
B 1 34 LYS 34 82  41 LYS LYS B . n 
B 1 35 TYR 35 83  42 TYR TYR B . n 
B 1 36 PHE 36 84  43 PHE PHE B . n 
B 1 37 VAL 37 85  44 VAL VAL B . n 
B 1 38 HIS 38 86  45 HIS HIS B . n 
B 1 39 TYR 39 87  46 TYR TYR B . n 
B 1 40 ILE 40 88  47 ILE ILE B . n 
B 1 41 GLY 41 89  48 GLY GLY B . n 
B 1 42 TRP 42 90  49 TRP TRP B . n 
B 1 43 ASN 43 91  50 ASN ASN B . n 
B 1 44 LYS 44 92  51 LYS LYS B . n 
B 1 45 SER 45 93  52 SER SER B . n 
B 1 46 TRP 46 94  53 TRP TRP B . n 
B 1 47 ASP 47 95  54 ASP ASP B . n 
B 1 48 GLU 48 96  55 GLU GLU B . n 
B 1 49 TRP 49 97  56 TRP TRP B . n 
B 1 50 ILE 50 98  57 ILE ILE B . n 
B 1 51 ARG 51 99  58 ARG ARG B . n 
B 1 52 LEU 52 100 59 LEU LEU B . n 
B 1 53 ASP 53 101 60 ASP ASP B . n 
B 1 54 CYS 54 102 61 CYS CYS B . n 
B 1 55 LEU 55 103 62 LEU LEU B . n 
B 1 56 LEU 56 104 63 LEU LEU B . n 
B 1 57 LYS 57 105 64 LYS LYS B . n 
B 1 58 HIS 58 106 65 HIS HIS B . n 
B 1 59 SER 59 107 ?  ?   ?   B . n 
B 1 60 ASP 60 108 ?  ?   ?   B . n 
B 1 61 GLU 61 109 ?  ?   ?   B . n 
B 1 62 ASN 62 110 ?  ?   ?   B . n 
B 1 63 ILE 63 111 ?  ?   ?   B . n 
B 1 64 GLU 64 112 ?  ?   ?   B . n 
B 1 65 LYS 65 113 ?  ?   ?   B . n 
B 1 66 GLN 66 114 ?  ?   ?   B . n 
B 1 67 LYS 67 115 ?  ?   ?   B . n 
B 1 68 GLU 68 116 ?  ?   ?   B . n 
B 1 69 GLN 69 117 ?  ?   ?   B . n 
B 1 70 GLY 70 118 ?  ?   ?   B . n 
B 1 71 LEU 71 119 ?  ?   ?   B . n 
B 1 72 LYS 72 120 ?  ?   ?   B . n 
B 1 73 GLN 73 121 ?  ?   ?   B . n 
B 1 74 GLN 74 122 ?  ?   ?   B . n 
B 1 75 GLY 75 123 ?  ?   ?   B . n 
C 2 1  ALA 1  31  ?  ?   ?   C . n 
C 2 2  THR 2  32  ?  ?   ?   C . n 
C 2 3  GLY 3  33  ?  ?   ?   C . n 
C 2 4  GLY 4  34  ?  ?   ?   C . n 
C 2 5  VAL 5  35  ?  ?   ?   C . n 
C 2 6  M3L 6  36  36 M3L M3L C . n 
C 2 7  LYS 7  37  ?  ?   ?   C . n 
C 2 8  PRO 8  38  ?  ?   ?   C . n 
C 2 9  HIS 9  39  ?  ?   ?   C . n 
C 2 10 ARG 10 40  ?  ?   ?   C . n 
C 2 11 TYR 11 41  ?  ?   ?   C . n 
D 2 1  ALA 1  31  ?  ?   ?   D . n 
D 2 2  THR 2  32  ?  ?   ?   D . n 
D 2 3  GLY 3  33  ?  ?   ?   D . n 
D 2 4  GLY 4  34  ?  ?   ?   D . n 
D 2 5  VAL 5  35  ?  ?   ?   D . n 
D 2 6  M3L 6  36  36 M3L M3L D . n 
D 2 7  LYS 7  37  ?  ?   ?   D . n 
D 2 8  PRO 8  38  ?  ?   ?   D . n 
D 2 9  HIS 9  39  ?  ?   ?   D . n 
D 2 10 ARG 10 40  ?  ?   ?   D . n 
D 2 11 TYR 11 41  ?  ?   ?   D . n 
# 
loop_
_pdbx_nonpoly_scheme.asym_id 
_pdbx_nonpoly_scheme.entity_id 
_pdbx_nonpoly_scheme.mon_id 
_pdbx_nonpoly_scheme.ndb_seq_num 
_pdbx_nonpoly_scheme.pdb_seq_num 
_pdbx_nonpoly_scheme.auth_seq_num 
_pdbx_nonpoly_scheme.pdb_mon_id 
_pdbx_nonpoly_scheme.auth_mon_id 
_pdbx_nonpoly_scheme.pdb_strand_id 
_pdbx_nonpoly_scheme.pdb_ins_code 
E 3 HOH 1 201 3 HOH HOH A . 
E 3 HOH 2 202 2 HOH HOH A . 
E 3 HOH 3 203 1 HOH HOH A . 
E 3 HOH 4 204 5 HOH HOH A . 
E 3 HOH 5 205 4 HOH HOH A . 
F 3 HOH 1 201 8 HOH HOH B . 
F 3 HOH 2 202 7 HOH HOH B . 
F 3 HOH 3 203 6 HOH HOH B . 
# 
_software.citation_id            ? 
_software.classification         refinement 
_software.compiler_name          ? 
_software.compiler_version       ? 
_software.contact_author         ? 
_software.contact_author_email   ? 
_software.date                   ? 
_software.description            ? 
_software.dependencies           ? 
_software.hardware               ? 
_software.language               ? 
_software.location               ? 
_software.mods                   ? 
_software.name                   PHENIX 
_software.os                     ? 
_software.os_version             ? 
_software.type                   ? 
_software.version                '(phenix.refine: 1.8.4_1496)' 
_software.pdbx_ordinal           1 
# 
_cell.entry_id           4PLL 
_cell.length_a           109.157 
_cell.length_b           109.157 
_cell.length_c           29.977 
_cell.angle_alpha        90.00 
_cell.angle_beta         90.00 
_cell.angle_gamma        120.00 
_cell.Z_PDB              12 
_cell.pdbx_unique_axis   ? 
# 
_symmetry.entry_id                         4PLL 
_symmetry.cell_setting                     ? 
_symmetry.Int_Tables_number                169 
_symmetry.space_group_name_Hall            ? 
_symmetry.space_group_name_H-M             'P 61' 
_symmetry.pdbx_full_space_group_name_H-M   ? 
# 
_exptl.absorpt_coefficient_mu     ? 
_exptl.absorpt_correction_T_max   ? 
_exptl.absorpt_correction_T_min   ? 
_exptl.absorpt_correction_type    ? 
_exptl.absorpt_process_details    ? 
_exptl.entry_id                   4PLL 
_exptl.crystals_number            ? 
_exptl.details                    ? 
_exptl.method                     'X-RAY DIFFRACTION' 
_exptl.method_details             ? 
# 
_exptl_crystal.colour                      ? 
_exptl_crystal.density_diffrn              ? 
_exptl_crystal.density_Matthews            2.48 
_exptl_crystal.density_method              ? 
_exptl_crystal.density_percent_sol         50.48 
_exptl_crystal.description                 ? 
_exptl_crystal.F_000                       ? 
_exptl_crystal.id                          1 
_exptl_crystal.preparation                 ? 
_exptl_crystal.size_max                    ? 
_exptl_crystal.size_mid                    ? 
_exptl_crystal.size_min                    ? 
_exptl_crystal.size_rad                    ? 
_exptl_crystal.colour_lustre               ? 
_exptl_crystal.colour_modifier             ? 
_exptl_crystal.colour_primary              ? 
_exptl_crystal.density_meas                ? 
_exptl_crystal.density_meas_esd            ? 
_exptl_crystal.density_meas_gt             ? 
_exptl_crystal.density_meas_lt             ? 
_exptl_crystal.density_meas_temp           ? 
_exptl_crystal.density_meas_temp_esd       ? 
_exptl_crystal.density_meas_temp_gt        ? 
_exptl_crystal.density_meas_temp_lt        ? 
_exptl_crystal.pdbx_crystal_image_url      ? 
_exptl_crystal.pdbx_crystal_image_format   ? 
_exptl_crystal.pdbx_mosaicity              ? 
_exptl_crystal.pdbx_mosaicity_esd          ? 
# 
_exptl_crystal_grow.apparatus       ? 
_exptl_crystal_grow.atmosphere      ? 
_exptl_crystal_grow.crystal_id      1 
_exptl_crystal_grow.details         ? 
_exptl_crystal_grow.method          'VAPOR DIFFUSION, HANGING DROP' 
_exptl_crystal_grow.method_ref      ? 
_exptl_crystal_grow.pH              8.0 
_exptl_crystal_grow.pressure        ? 
_exptl_crystal_grow.pressure_esd    ? 
_exptl_crystal_grow.seeding         ? 
_exptl_crystal_grow.seeding_ref     ? 
_exptl_crystal_grow.temp            290 
_exptl_crystal_grow.temp_details    ? 
_exptl_crystal_grow.temp_esd        ? 
_exptl_crystal_grow.time            ? 
_exptl_crystal_grow.pdbx_details    '0.1M MES pH 6.5, 30% polyethylene glycol monomethyl ether 5000, 0.2M Ammonium sulfate' 
_exptl_crystal_grow.pdbx_pH_range   ? 
# 
_diffrn.ambient_environment    ? 
_diffrn.ambient_temp           100 
_diffrn.ambient_temp_details   ? 
_diffrn.ambient_temp_esd       ? 
_diffrn.crystal_id             1 
_diffrn.crystal_support        ? 
_diffrn.crystal_treatment      ? 
_diffrn.details                ? 
_diffrn.id                     1 
_diffrn.ambient_pressure       ? 
_diffrn.ambient_pressure_esd   ? 
_diffrn.ambient_pressure_gt    ? 
_diffrn.ambient_pressure_lt    ? 
_diffrn.ambient_temp_gt        ? 
_diffrn.ambient_temp_lt        ? 
# 
_diffrn_detector.details                      ? 
_diffrn_detector.detector                     CCD 
_diffrn_detector.diffrn_id                    1 
_diffrn_detector.type                         'ADSC QUANTUM 315' 
_diffrn_detector.area_resol_mean              ? 
_diffrn_detector.dtime                        ? 
_diffrn_detector.pdbx_frames_total            ? 
_diffrn_detector.pdbx_collection_time_total   ? 
_diffrn_detector.pdbx_collection_date         2013-11-15 
# 
_diffrn_radiation.collimation                      ? 
_diffrn_radiation.diffrn_id                        1 
_diffrn_radiation.filter_edge                      ? 
_diffrn_radiation.inhomogeneity                    ? 
_diffrn_radiation.monochromator                    ? 
_diffrn_radiation.polarisn_norm                    ? 
_diffrn_radiation.polarisn_ratio                   ? 
_diffrn_radiation.probe                            ? 
_diffrn_radiation.type                             ? 
_diffrn_radiation.xray_symbol                      ? 
_diffrn_radiation.wavelength_id                    1 
_diffrn_radiation.pdbx_monochromatic_or_laue_m_l   M 
_diffrn_radiation.pdbx_wavelength_list             ? 
_diffrn_radiation.pdbx_wavelength                  ? 
_diffrn_radiation.pdbx_diffrn_protocol             'SINGLE WAVELENGTH' 
_diffrn_radiation.pdbx_analyzer                    ? 
_diffrn_radiation.pdbx_scattering_type             x-ray 
# 
_diffrn_radiation_wavelength.id           1 
_diffrn_radiation_wavelength.wavelength   0.9791 
_diffrn_radiation_wavelength.wt           1.0 
# 
_diffrn_source.current                     ? 
_diffrn_source.details                     ? 
_diffrn_source.diffrn_id                   1 
_diffrn_source.power                       ? 
_diffrn_source.size                        ? 
_diffrn_source.source                      SYNCHROTRON 
_diffrn_source.target                      ? 
_diffrn_source.type                        'SSRF BEAMLINE BL17U' 
_diffrn_source.voltage                     ? 
_diffrn_source.take-off_angle              ? 
_diffrn_source.pdbx_wavelength_list        0.9791 
_diffrn_source.pdbx_wavelength             ? 
_diffrn_source.pdbx_synchrotron_beamline   BL17U 
_diffrn_source.pdbx_synchrotron_site       SSRF 
# 
_reflns.B_iso_Wilson_estimate            ? 
_reflns.entry_id                         4PLL 
_reflns.data_reduction_details           ? 
_reflns.data_reduction_method            ? 
_reflns.d_resolution_high                2.6 
_reflns.d_resolution_low                 30 
_reflns.details                          ? 
_reflns.limit_h_max                      ? 
_reflns.limit_h_min                      ? 
_reflns.limit_k_max                      ? 
_reflns.limit_k_min                      ? 
_reflns.limit_l_max                      ? 
_reflns.limit_l_min                      ? 
_reflns.number_all                       ? 
_reflns.number_obs                       6489 
_reflns.observed_criterion               ? 
_reflns.observed_criterion_F_max         ? 
_reflns.observed_criterion_F_min         ? 
_reflns.observed_criterion_I_max         ? 
_reflns.observed_criterion_I_min         ? 
_reflns.observed_criterion_sigma_F       ? 
_reflns.observed_criterion_sigma_I       ? 
_reflns.percent_possible_obs             99.07 
_reflns.R_free_details                   ? 
_reflns.Rmerge_F_all                     ? 
_reflns.Rmerge_F_obs                     ? 
_reflns.Friedel_coverage                 ? 
_reflns.number_gt                        ? 
_reflns.threshold_expression             ? 
_reflns.pdbx_redundancy                  6.7 
_reflns.pdbx_Rmerge_I_obs                0.094 
_reflns.pdbx_Rmerge_I_all                ? 
_reflns.pdbx_Rsym_value                  ? 
_reflns.pdbx_netI_over_av_sigmaI         ? 
_reflns.pdbx_netI_over_sigmaI            31.0 
_reflns.pdbx_res_netI_over_av_sigmaI_2   ? 
_reflns.pdbx_res_netI_over_sigmaI_2      ? 
_reflns.pdbx_chi_squared                 ? 
_reflns.pdbx_scaling_rejects             ? 
_reflns.pdbx_d_res_high_opt              ? 
_reflns.pdbx_d_res_low_opt               ? 
_reflns.pdbx_d_res_opt_method            ? 
_reflns.phase_calculation_details        ? 
_reflns.pdbx_Rrim_I_all                  ? 
_reflns.pdbx_Rpim_I_all                  ? 
_reflns.pdbx_d_opt                       ? 
_reflns.pdbx_number_measured_all         ? 
_reflns.pdbx_diffrn_id                   1 
_reflns.pdbx_ordinal                     1 
_reflns.pdbx_CC_half                     ? 
_reflns.pdbx_R_split                     ? 
# 
_reflns_shell.d_res_high                  2.6 
_reflns_shell.d_res_low                   2.69 
_reflns_shell.meanI_over_sigI_all         ? 
_reflns_shell.meanI_over_sigI_obs         2.4 
_reflns_shell.number_measured_all         ? 
_reflns_shell.number_measured_obs         ? 
_reflns_shell.number_possible             ? 
_reflns_shell.number_unique_all           ? 
_reflns_shell.number_unique_obs           ? 
_reflns_shell.percent_possible_all        97.4 
_reflns_shell.percent_possible_obs        ? 
_reflns_shell.Rmerge_F_all                ? 
_reflns_shell.Rmerge_F_obs                ? 
_reflns_shell.Rmerge_I_all                ? 
_reflns_shell.Rmerge_I_obs                0.48 
_reflns_shell.meanI_over_sigI_gt          ? 
_reflns_shell.meanI_over_uI_all           ? 
_reflns_shell.meanI_over_uI_gt            ? 
_reflns_shell.number_measured_gt          ? 
_reflns_shell.number_unique_gt            ? 
_reflns_shell.percent_possible_gt         ? 
_reflns_shell.Rmerge_F_gt                 ? 
_reflns_shell.Rmerge_I_gt                 ? 
_reflns_shell.pdbx_redundancy             3.7 
_reflns_shell.pdbx_Rsym_value             ? 
_reflns_shell.pdbx_chi_squared            ? 
_reflns_shell.pdbx_netI_over_sigmaI_all   ? 
_reflns_shell.pdbx_netI_over_sigmaI_obs   ? 
_reflns_shell.pdbx_Rrim_I_all             ? 
_reflns_shell.pdbx_Rpim_I_all             ? 
_reflns_shell.pdbx_rejects                ? 
_reflns_shell.pdbx_ordinal                1 
_reflns_shell.pdbx_diffrn_id              1 
_reflns_shell.pdbx_CC_half                ? 
_reflns_shell.pdbx_R_split                ? 
# 
_refine.aniso_B[1][1]                            ? 
_refine.aniso_B[1][2]                            ? 
_refine.aniso_B[1][3]                            ? 
_refine.aniso_B[2][2]                            ? 
_refine.aniso_B[2][3]                            ? 
_refine.aniso_B[3][3]                            ? 
_refine.B_iso_max                                ? 
_refine.B_iso_mean                               ? 
_refine.B_iso_min                                ? 
_refine.correlation_coeff_Fo_to_Fc               ? 
_refine.correlation_coeff_Fo_to_Fc_free          ? 
_refine.details                                  ? 
_refine.diff_density_max                         ? 
_refine.diff_density_max_esd                     ? 
_refine.diff_density_min                         ? 
_refine.diff_density_min_esd                     ? 
_refine.diff_density_rms                         ? 
_refine.diff_density_rms_esd                     ? 
_refine.entry_id                                 4PLL 
_refine.pdbx_refine_id                           'X-RAY DIFFRACTION' 
_refine.ls_abs_structure_details                 ? 
_refine.ls_abs_structure_Flack                   ? 
_refine.ls_abs_structure_Flack_esd               ? 
_refine.ls_abs_structure_Rogers                  ? 
_refine.ls_abs_structure_Rogers_esd              ? 
_refine.ls_d_res_high                            2.600 
_refine.ls_d_res_low                             28.575 
_refine.ls_extinction_coef                       ? 
_refine.ls_extinction_coef_esd                   ? 
_refine.ls_extinction_expression                 ? 
_refine.ls_extinction_method                     ? 
_refine.ls_goodness_of_fit_all                   ? 
_refine.ls_goodness_of_fit_all_esd               ? 
_refine.ls_goodness_of_fit_obs                   ? 
_refine.ls_goodness_of_fit_obs_esd               ? 
_refine.ls_hydrogen_treatment                    ? 
_refine.ls_matrix_type                           ? 
_refine.ls_number_constraints                    ? 
_refine.ls_number_parameters                     ? 
_refine.ls_number_reflns_all                     ? 
_refine.ls_number_reflns_obs                     6489 
_refine.ls_number_reflns_R_free                  644 
_refine.ls_number_reflns_R_work                  ? 
_refine.ls_number_restraints                     ? 
_refine.ls_percent_reflns_obs                    99.07 
_refine.ls_percent_reflns_R_free                 9.92 
_refine.ls_R_factor_all                          ? 
_refine.ls_R_factor_obs                          0.2437 
_refine.ls_R_factor_R_free                       0.2793 
_refine.ls_R_factor_R_free_error                 ? 
_refine.ls_R_factor_R_free_error_details         ? 
_refine.ls_R_factor_R_work                       0.2399 
_refine.ls_R_Fsqd_factor_obs                     ? 
_refine.ls_R_I_factor_obs                        ? 
_refine.ls_redundancy_reflns_all                 ? 
_refine.ls_redundancy_reflns_obs                 ? 
_refine.ls_restrained_S_all                      ? 
_refine.ls_restrained_S_obs                      ? 
_refine.ls_shift_over_esd_max                    ? 
_refine.ls_shift_over_esd_mean                   ? 
_refine.ls_structure_factor_coef                 ? 
_refine.ls_weighting_details                     ? 
_refine.ls_weighting_scheme                      ? 
_refine.ls_wR_factor_all                         ? 
_refine.ls_wR_factor_obs                         ? 
_refine.ls_wR_factor_R_free                      ? 
_refine.ls_wR_factor_R_work                      ? 
_refine.occupancy_max                            ? 
_refine.occupancy_min                            ? 
_refine.solvent_model_details                    'FLAT BULK SOLVENT MODEL' 
_refine.solvent_model_param_bsol                 ? 
_refine.solvent_model_param_ksol                 ? 
_refine.ls_R_factor_gt                           ? 
_refine.ls_goodness_of_fit_gt                    ? 
_refine.ls_goodness_of_fit_ref                   ? 
_refine.ls_shift_over_su_max                     ? 
_refine.ls_shift_over_su_max_lt                  ? 
_refine.ls_shift_over_su_mean                    ? 
_refine.ls_shift_over_su_mean_lt                 ? 
_refine.pdbx_ls_sigma_I                          ? 
_refine.pdbx_ls_sigma_F                          1.43 
_refine.pdbx_ls_sigma_Fsqd                       ? 
_refine.pdbx_data_cutoff_high_absF               ? 
_refine.pdbx_data_cutoff_high_rms_absF           ? 
_refine.pdbx_data_cutoff_low_absF                ? 
_refine.pdbx_isotropic_thermal_model             ? 
_refine.pdbx_ls_cross_valid_method               'FREE R-VALUE' 
_refine.pdbx_method_to_determine_struct          'MOLECULAR REPLACEMENT' 
_refine.pdbx_starting_model                      ? 
_refine.pdbx_stereochemistry_target_values       ML 
_refine.pdbx_R_Free_selection_details            ? 
_refine.pdbx_stereochem_target_val_spec_case     ? 
_refine.pdbx_overall_ESU_R                       ? 
_refine.pdbx_overall_ESU_R_Free                  ? 
_refine.pdbx_solvent_vdw_probe_radii             1.10 
_refine.pdbx_solvent_ion_probe_radii             ? 
_refine.pdbx_solvent_shrinkage_radii             0.90 
_refine.pdbx_real_space_R                        ? 
_refine.pdbx_density_correlation                 ? 
_refine.pdbx_pd_number_of_powder_patterns        ? 
_refine.pdbx_pd_number_of_points                 ? 
_refine.pdbx_pd_meas_number_of_points            ? 
_refine.pdbx_pd_proc_ls_prof_R_factor            ? 
_refine.pdbx_pd_proc_ls_prof_wR_factor           ? 
_refine.pdbx_pd_Marquardt_correlation_coeff      ? 
_refine.pdbx_pd_Fsqrd_R_factor                   ? 
_refine.pdbx_pd_ls_matrix_band_width             ? 
_refine.pdbx_overall_phase_error                 32.28 
_refine.pdbx_overall_SU_R_free_Cruickshank_DPI   ? 
_refine.pdbx_overall_SU_R_free_Blow_DPI          ? 
_refine.pdbx_overall_SU_R_Blow_DPI               ? 
_refine.pdbx_TLS_residual_ADP_flag               ? 
_refine.pdbx_diffrn_id                           1 
_refine.overall_SU_B                             ? 
_refine.overall_SU_ML                            0.46 
_refine.overall_SU_R_Cruickshank_DPI             ? 
_refine.overall_SU_R_free                        ? 
_refine.overall_FOM_free_R_set                   ? 
_refine.overall_FOM_work_R_set                   ? 
# 
_refine_hist.pdbx_refine_id                   'X-RAY DIFFRACTION' 
_refine_hist.cycle_id                         LAST 
_refine_hist.pdbx_number_atoms_protein        1020 
_refine_hist.pdbx_number_atoms_nucleic_acid   0 
_refine_hist.pdbx_number_atoms_ligand         0 
_refine_hist.number_atoms_solvent             8 
_refine_hist.number_atoms_total               1028 
_refine_hist.d_res_high                       2.600 
_refine_hist.d_res_low                        28.575 
# 
loop_
_refine_ls_restr.pdbx_refine_id 
_refine_ls_restr.criterion 
_refine_ls_restr.dev_ideal 
_refine_ls_restr.dev_ideal_target 
_refine_ls_restr.number 
_refine_ls_restr.rejects 
_refine_ls_restr.type 
_refine_ls_restr.weight 
_refine_ls_restr.pdbx_restraint_function 
'X-RAY DIFFRACTION' ? 0.010  ? 1055 ? f_bond_d           ? ? 
'X-RAY DIFFRACTION' ? 1.330  ? 1418 ? f_angle_d          ? ? 
'X-RAY DIFFRACTION' ? 19.901 ? 372  ? f_dihedral_angle_d ? ? 
'X-RAY DIFFRACTION' ? 0.059  ? 134  ? f_chiral_restr     ? ? 
'X-RAY DIFFRACTION' ? 0.006  ? 170  ? f_plane_restr      ? ? 
# 
loop_
_refine_ls_shell.pdbx_refine_id 
_refine_ls_shell.d_res_high 
_refine_ls_shell.d_res_low 
_refine_ls_shell.number_reflns_all 
_refine_ls_shell.number_reflns_obs 
_refine_ls_shell.number_reflns_R_free 
_refine_ls_shell.number_reflns_R_work 
_refine_ls_shell.percent_reflns_obs 
_refine_ls_shell.percent_reflns_R_free 
_refine_ls_shell.R_factor_all 
_refine_ls_shell.R_factor_obs 
_refine_ls_shell.R_factor_R_free 
_refine_ls_shell.R_factor_R_free_error 
_refine_ls_shell.R_factor_R_work 
_refine_ls_shell.redundancy_reflns_all 
_refine_ls_shell.redundancy_reflns_obs 
_refine_ls_shell.wR_factor_all 
_refine_ls_shell.wR_factor_obs 
_refine_ls_shell.wR_factor_R_free 
_refine_ls_shell.wR_factor_R_work 
_refine_ls_shell.pdbx_total_number_of_bins_used 
_refine_ls_shell.pdbx_phase_error 
'X-RAY DIFFRACTION' 2.6000 2.8005  . . 118 1139 97.00  . . . 0.3747 . 0.3195 . . . . . . . . 
'X-RAY DIFFRACTION' 2.8005 3.0821  . . 129 1138 99.00  . . . 0.3252 . 0.3073 . . . . . . . . 
'X-RAY DIFFRACTION' 3.0821 3.5273  . . 130 1166 100.00 . . . 0.2793 . 0.2635 . . . . . . . . 
'X-RAY DIFFRACTION' 3.5273 4.4414  . . 131 1174 100.00 . . . 0.2652 . 0.2166 . . . . . . . . 
'X-RAY DIFFRACTION' 4.4414 28.5764 . . 136 1228 100.00 . . . 0.2638 . 0.2205 . . . . . . . . 
# 
_struct.entry_id                     4PLL 
_struct.title                        'Structure of the chromodaomain of MRG2 in complex with H3K36me3' 
_struct.pdbx_model_details           ? 
_struct.pdbx_formula_weight          ? 
_struct.pdbx_formula_weight_method   ? 
_struct.pdbx_model_type_details      ? 
_struct.pdbx_CASP_flag               ? 
# 
_struct_keywords.entry_id        4PLL 
_struct_keywords.text            'chromodomain, H3K36me3, TRANSCRIPTION' 
_struct_keywords.pdbx_keywords   TRANSCRIPTION 
# 
loop_
_struct_asym.id 
_struct_asym.pdbx_blank_PDB_chainid_flag 
_struct_asym.pdbx_modified 
_struct_asym.entity_id 
_struct_asym.details 
A N N 1 ? 
B N N 1 ? 
C N N 2 ? 
D N N 2 ? 
E N N 3 ? 
F N N 3 ? 
# 
loop_
_struct_ref.id 
_struct_ref.db_name 
_struct_ref.db_code 
_struct_ref.pdbx_db_accession 
_struct_ref.entity_id 
_struct_ref.pdbx_seq_one_letter_code 
_struct_ref.pdbx_align_begin 
_struct_ref.pdbx_db_isoform 
1 UNP Q4V3E2_ARATH Q4V3E2 1 HFEEGERVLAKHSDCFYEAKVLKVEFKDNEWKYFVHYIGWNKSWDEWIRLDCLLKHSDENIEKQKEQGLKQQG 51 ? 
2 PDB 4PLL         4PLL   2 ?                                                                         1  ? 
# 
loop_
_struct_ref_seq.align_id 
_struct_ref_seq.ref_id 
_struct_ref_seq.pdbx_PDB_id_code 
_struct_ref_seq.pdbx_strand_id 
_struct_ref_seq.seq_align_beg 
_struct_ref_seq.pdbx_seq_align_beg_ins_code 
_struct_ref_seq.seq_align_end 
_struct_ref_seq.pdbx_seq_align_end_ins_code 
_struct_ref_seq.pdbx_db_accession 
_struct_ref_seq.db_align_beg 
_struct_ref_seq.pdbx_db_align_beg_ins_code 
_struct_ref_seq.db_align_end 
_struct_ref_seq.pdbx_db_align_end_ins_code 
_struct_ref_seq.pdbx_auth_seq_align_beg 
_struct_ref_seq.pdbx_auth_seq_align_end 
1 1 4PLL A 3 ? 75 ? Q4V3E2 51 ? 123 ? 51 123 
2 1 4PLL B 3 ? 75 ? Q4V3E2 51 ? 123 ? 51 123 
3 2 4PLL C 1 ? 11 ? 4PLL   31 ? 41  ? 31 41  
4 2 4PLL D 1 ? 11 ? 4PLL   31 ? 41  ? 31 41  
# 
loop_
_struct_ref_seq_dif.align_id 
_struct_ref_seq_dif.pdbx_pdb_id_code 
_struct_ref_seq_dif.mon_id 
_struct_ref_seq_dif.pdbx_pdb_strand_id 
_struct_ref_seq_dif.seq_num 
_struct_ref_seq_dif.pdbx_pdb_ins_code 
_struct_ref_seq_dif.pdbx_seq_db_name 
_struct_ref_seq_dif.pdbx_seq_db_accession_code 
_struct_ref_seq_dif.db_mon_id 
_struct_ref_seq_dif.pdbx_seq_db_seq_num 
_struct_ref_seq_dif.details 
_struct_ref_seq_dif.pdbx_auth_seq_num 
_struct_ref_seq_dif.pdbx_ordinal 
1 4PLL GLY A 1 ? UNP Q4V3E2 ? ? 'expression tag' 49 1 
1 4PLL SER A 2 ? UNP Q4V3E2 ? ? 'expression tag' 50 2 
2 4PLL GLY B 1 ? UNP Q4V3E2 ? ? 'expression tag' 49 3 
2 4PLL SER B 2 ? UNP Q4V3E2 ? ? 'expression tag' 50 4 
# 
loop_
_pdbx_struct_assembly.id 
_pdbx_struct_assembly.details 
_pdbx_struct_assembly.method_details 
_pdbx_struct_assembly.oligomeric_details 
_pdbx_struct_assembly.oligomeric_count 
1 author_and_software_defined_assembly PISA dimeric 2 
2 author_and_software_defined_assembly PISA dimeric 2 
# 
loop_
_pdbx_struct_assembly_prop.biol_id 
_pdbx_struct_assembly_prop.type 
_pdbx_struct_assembly_prop.value 
_pdbx_struct_assembly_prop.details 
1 'ABSA (A^2)' 370  ? 
1 MORE         -4   ? 
1 'SSA (A^2)'  4050 ? 
2 'ABSA (A^2)' 370  ? 
2 MORE         -5   ? 
2 'SSA (A^2)'  4170 ? 
# 
loop_
_pdbx_struct_assembly_gen.assembly_id 
_pdbx_struct_assembly_gen.oper_expression 
_pdbx_struct_assembly_gen.asym_id_list 
1 1 A,C,E 
2 1 B,D,F 
# 
_pdbx_struct_oper_list.id                   1 
_pdbx_struct_oper_list.type                 'identity operation' 
_pdbx_struct_oper_list.name                 1_555 
_pdbx_struct_oper_list.symmetry_operation   x,y,z 
_pdbx_struct_oper_list.matrix[1][1]         1.0000000000 
_pdbx_struct_oper_list.matrix[1][2]         0.0000000000 
_pdbx_struct_oper_list.matrix[1][3]         0.0000000000 
_pdbx_struct_oper_list.vector[1]            0.0000000000 
_pdbx_struct_oper_list.matrix[2][1]         0.0000000000 
_pdbx_struct_oper_list.matrix[2][2]         1.0000000000 
_pdbx_struct_oper_list.matrix[2][3]         0.0000000000 
_pdbx_struct_oper_list.vector[2]            0.0000000000 
_pdbx_struct_oper_list.matrix[3][1]         0.0000000000 
_pdbx_struct_oper_list.matrix[3][2]         0.0000000000 
_pdbx_struct_oper_list.matrix[3][3]         1.0000000000 
_pdbx_struct_oper_list.vector[3]            0.0000000000 
# 
loop_
_struct_conf.conf_type_id 
_struct_conf.id 
_struct_conf.pdbx_PDB_helix_id 
_struct_conf.beg_label_comp_id 
_struct_conf.beg_label_asym_id 
_struct_conf.beg_label_seq_id 
_struct_conf.pdbx_beg_PDB_ins_code 
_struct_conf.end_label_comp_id 
_struct_conf.end_label_asym_id 
_struct_conf.end_label_seq_id 
_struct_conf.pdbx_end_PDB_ins_code 
_struct_conf.beg_auth_comp_id 
_struct_conf.beg_auth_asym_id 
_struct_conf.beg_auth_seq_id 
_struct_conf.end_auth_comp_id 
_struct_conf.end_auth_asym_id 
_struct_conf.end_auth_seq_id 
_struct_conf.pdbx_PDB_helix_class 
_struct_conf.details 
_struct_conf.pdbx_PDB_helix_length 
HELX_P HELX_P1 AA1 ASN A 43 ? ASP A 47 ? ASN A 91 ASP A 95  5 ? 5 
HELX_P HELX_P2 AA2 ARG A 51 ? ASP A 53 ? ARG A 99 ASP A 101 5 ? 3 
HELX_P HELX_P3 AA3 ARG B 51 ? ASP B 53 ? ARG B 99 ASP B 101 5 ? 3 
# 
_struct_conf_type.id          HELX_P 
_struct_conf_type.criteria    ? 
_struct_conf_type.reference   ? 
# 
_struct_conn.id                            disulf1 
_struct_conn.conn_type_id                  disulf 
_struct_conn.pdbx_leaving_atom_flag        ? 
_struct_conn.pdbx_PDB_id                   ? 
_struct_conn.ptnr1_label_asym_id           A 
_struct_conn.ptnr1_label_comp_id           CYS 
_struct_conn.ptnr1_label_seq_id            17 
_struct_conn.ptnr1_label_atom_id           SG 
_struct_conn.pdbx_ptnr1_label_alt_id       ? 
_struct_conn.pdbx_ptnr1_PDB_ins_code       ? 
_struct_conn.pdbx_ptnr1_standard_comp_id   ? 
_struct_conn.ptnr1_symmetry                1_555 
_struct_conn.ptnr2_label_asym_id           B 
_struct_conn.ptnr2_label_comp_id           CYS 
_struct_conn.ptnr2_label_seq_id            17 
_struct_conn.ptnr2_label_atom_id           SG 
_struct_conn.pdbx_ptnr2_label_alt_id       ? 
_struct_conn.pdbx_ptnr2_PDB_ins_code       ? 
_struct_conn.ptnr1_auth_asym_id            A 
_struct_conn.ptnr1_auth_comp_id            CYS 
_struct_conn.ptnr1_auth_seq_id             65 
_struct_conn.ptnr2_auth_asym_id            B 
_struct_conn.ptnr2_auth_comp_id            CYS 
_struct_conn.ptnr2_auth_seq_id             65 
_struct_conn.ptnr2_symmetry                1_555 
_struct_conn.pdbx_ptnr3_label_atom_id      ? 
_struct_conn.pdbx_ptnr3_label_seq_id       ? 
_struct_conn.pdbx_ptnr3_label_comp_id      ? 
_struct_conn.pdbx_ptnr3_label_asym_id      ? 
_struct_conn.pdbx_ptnr3_label_alt_id       ? 
_struct_conn.pdbx_ptnr3_PDB_ins_code       ? 
_struct_conn.details                       ? 
_struct_conn.pdbx_dist_value               2.014 
_struct_conn.pdbx_value_order              ? 
_struct_conn.pdbx_role                     ? 
# 
_struct_conn_type.id          disulf 
_struct_conn_type.criteria    ? 
_struct_conn_type.reference   ? 
# 
loop_
_struct_sheet.id 
_struct_sheet.type 
_struct_sheet.number_strands 
_struct_sheet.details 
AA1 ? 5 ? 
AA2 ? 5 ? 
# 
loop_
_struct_sheet_order.sheet_id 
_struct_sheet_order.range_id_1 
_struct_sheet_order.range_id_2 
_struct_sheet_order.offset 
_struct_sheet_order.sense 
AA1 1 2 ? anti-parallel 
AA1 2 3 ? anti-parallel 
AA1 3 4 ? anti-parallel 
AA1 4 5 ? anti-parallel 
AA2 1 2 ? anti-parallel 
AA2 2 3 ? anti-parallel 
AA2 3 4 ? anti-parallel 
AA2 4 5 ? anti-parallel 
# 
loop_
_struct_sheet_range.sheet_id 
_struct_sheet_range.id 
_struct_sheet_range.beg_label_comp_id 
_struct_sheet_range.beg_label_asym_id 
_struct_sheet_range.beg_label_seq_id 
_struct_sheet_range.pdbx_beg_PDB_ins_code 
_struct_sheet_range.end_label_comp_id 
_struct_sheet_range.end_label_asym_id 
_struct_sheet_range.end_label_seq_id 
_struct_sheet_range.pdbx_end_PDB_ins_code 
_struct_sheet_range.beg_auth_comp_id 
_struct_sheet_range.beg_auth_asym_id 
_struct_sheet_range.beg_auth_seq_id 
_struct_sheet_range.end_auth_comp_id 
_struct_sheet_range.end_auth_asym_id 
_struct_sheet_range.end_auth_seq_id 
AA1 1 GLU A 48 ? ILE A 50 ? GLU A 96  ILE A 98  
AA1 2 GLU A 32 ? TYR A 39 ? GLU A 80  TYR A 87  
AA1 3 CYS A 17 ? LYS A 29 ? CYS A 65  LYS A 77  
AA1 4 ARG A 9  ? HIS A 14 ? ARG A 57  HIS A 62  
AA1 5 LEU A 55 ? LYS A 57 ? LEU A 103 LYS A 105 
AA2 1 GLU B 48 ? ILE B 50 ? GLU B 96  ILE B 98  
AA2 2 GLU B 32 ? TYR B 39 ? GLU B 80  TYR B 87  
AA2 3 CYS B 17 ? LYS B 29 ? CYS B 65  LYS B 77  
AA2 4 ARG B 9  ? HIS B 14 ? ARG B 57  HIS B 62  
AA2 5 LEU B 55 ? LEU B 56 ? LEU B 103 LEU B 104 
# 
loop_
_pdbx_struct_sheet_hbond.sheet_id 
_pdbx_struct_sheet_hbond.range_id_1 
_pdbx_struct_sheet_hbond.range_id_2 
_pdbx_struct_sheet_hbond.range_1_label_atom_id 
_pdbx_struct_sheet_hbond.range_1_label_comp_id 
_pdbx_struct_sheet_hbond.range_1_label_asym_id 
_pdbx_struct_sheet_hbond.range_1_label_seq_id 
_pdbx_struct_sheet_hbond.range_1_PDB_ins_code 
_pdbx_struct_sheet_hbond.range_1_auth_atom_id 
_pdbx_struct_sheet_hbond.range_1_auth_comp_id 
_pdbx_struct_sheet_hbond.range_1_auth_asym_id 
_pdbx_struct_sheet_hbond.range_1_auth_seq_id 
_pdbx_struct_sheet_hbond.range_2_label_atom_id 
_pdbx_struct_sheet_hbond.range_2_label_comp_id 
_pdbx_struct_sheet_hbond.range_2_label_asym_id 
_pdbx_struct_sheet_hbond.range_2_label_seq_id 
_pdbx_struct_sheet_hbond.range_2_PDB_ins_code 
_pdbx_struct_sheet_hbond.range_2_auth_atom_id 
_pdbx_struct_sheet_hbond.range_2_auth_comp_id 
_pdbx_struct_sheet_hbond.range_2_auth_asym_id 
_pdbx_struct_sheet_hbond.range_2_auth_seq_id 
AA1 1 2 O ILE A 50 ? O ILE A 98 N TYR A 35 ? N TYR A 83  
AA1 2 3 O HIS A 38 ? O HIS A 86 N LYS A 22 ? N LYS A 70  
AA1 3 4 O TYR A 19 ? O TYR A 67 N ALA A 12 ? N ALA A 60  
AA1 4 5 N LEU A 11 ? N LEU A 59 O LEU A 56 ? O LEU A 104 
AA2 1 2 O GLU B 48 ? O GLU B 96 N VAL B 37 ? N VAL B 85  
AA2 2 3 O HIS B 38 ? O HIS B 86 N LYS B 22 ? N LYS B 70  
AA2 3 4 O CYS B 17 ? O CYS B 65 N HIS B 14 ? N HIS B 62  
AA2 4 5 N LEU B 11 ? N LEU B 59 O LEU B 56 ? O LEU B 104 
# 
_pdbx_validate_close_contact.id               1 
_pdbx_validate_close_contact.PDB_model_num    1 
_pdbx_validate_close_contact.auth_atom_id_1   O 
_pdbx_validate_close_contact.auth_asym_id_1   A 
_pdbx_validate_close_contact.auth_comp_id_1   GLU 
_pdbx_validate_close_contact.auth_seq_id_1    68 
_pdbx_validate_close_contact.PDB_ins_code_1   ? 
_pdbx_validate_close_contact.label_alt_id_1   ? 
_pdbx_validate_close_contact.auth_atom_id_2   O 
_pdbx_validate_close_contact.auth_asym_id_2   A 
_pdbx_validate_close_contact.auth_comp_id_2   HOH 
_pdbx_validate_close_contact.auth_seq_id_2    201 
_pdbx_validate_close_contact.PDB_ins_code_2   ? 
_pdbx_validate_close_contact.label_alt_id_2   ? 
_pdbx_validate_close_contact.dist             2.12 
# 
loop_
_pdbx_validate_torsion.id 
_pdbx_validate_torsion.PDB_model_num 
_pdbx_validate_torsion.auth_comp_id 
_pdbx_validate_torsion.auth_asym_id 
_pdbx_validate_torsion.auth_seq_id 
_pdbx_validate_torsion.PDB_ins_code 
_pdbx_validate_torsion.label_alt_id 
_pdbx_validate_torsion.phi 
_pdbx_validate_torsion.psi 
1 1 SER A 63 ? ? 60.11  -132.99 
2 1 ASN A 91 ? ? -29.62 165.54  
3 1 SER B 63 ? ? 62.91  -123.80 
4 1 ASN B 79 ? ? 52.90  11.23   
# 
loop_
_pdbx_unobs_or_zero_occ_residues.id 
_pdbx_unobs_or_zero_occ_residues.PDB_model_num 
_pdbx_unobs_or_zero_occ_residues.polymer_flag 
_pdbx_unobs_or_zero_occ_residues.occupancy_flag 
_pdbx_unobs_or_zero_occ_residues.auth_asym_id 
_pdbx_unobs_or_zero_occ_residues.auth_comp_id 
_pdbx_unobs_or_zero_occ_residues.auth_seq_id 
_pdbx_unobs_or_zero_occ_residues.PDB_ins_code 
_pdbx_unobs_or_zero_occ_residues.label_asym_id 
_pdbx_unobs_or_zero_occ_residues.label_comp_id 
_pdbx_unobs_or_zero_occ_residues.label_seq_id 
1  1 Y 1 A GLY 49  ? A GLY 1  
2  1 Y 1 A SER 50  ? A SER 2  
3  1 Y 1 A SER 107 ? A SER 59 
4  1 Y 1 A ASP 108 ? A ASP 60 
5  1 Y 1 A GLU 109 ? A GLU 61 
6  1 Y 1 A ASN 110 ? A ASN 62 
7  1 Y 1 A ILE 111 ? A ILE 63 
8  1 Y 1 A GLU 112 ? A GLU 64 
9  1 Y 1 A LYS 113 ? A LYS 65 
10 1 Y 1 A GLN 114 ? A GLN 66 
11 1 Y 1 A LYS 115 ? A LYS 67 
12 1 Y 1 A GLU 116 ? A GLU 68 
13 1 Y 1 A GLN 117 ? A GLN 69 
14 1 Y 1 A GLY 118 ? A GLY 70 
15 1 Y 1 A LEU 119 ? A LEU 71 
16 1 Y 1 A LYS 120 ? A LYS 72 
17 1 Y 1 A GLN 121 ? A GLN 73 
18 1 Y 1 A GLN 122 ? A GLN 74 
19 1 Y 1 A GLY 123 ? A GLY 75 
20 1 Y 1 B GLY 49  ? B GLY 1  
21 1 Y 1 B SER 50  ? B SER 2  
22 1 Y 1 B SER 107 ? B SER 59 
23 1 Y 1 B ASP 108 ? B ASP 60 
24 1 Y 1 B GLU 109 ? B GLU 61 
25 1 Y 1 B ASN 110 ? B ASN 62 
26 1 Y 1 B ILE 111 ? B ILE 63 
27 1 Y 1 B GLU 112 ? B GLU 64 
28 1 Y 1 B LYS 113 ? B LYS 65 
29 1 Y 1 B GLN 114 ? B GLN 66 
30 1 Y 1 B LYS 115 ? B LYS 67 
31 1 Y 1 B GLU 116 ? B GLU 68 
32 1 Y 1 B GLN 117 ? B GLN 69 
33 1 Y 1 B GLY 118 ? B GLY 70 
34 1 Y 1 B LEU 119 ? B LEU 71 
35 1 Y 1 B LYS 120 ? B LYS 72 
36 1 Y 1 B GLN 121 ? B GLN 73 
37 1 Y 1 B GLN 122 ? B GLN 74 
38 1 Y 1 B GLY 123 ? B GLY 75 
39 1 Y 1 C ALA 31  ? C ALA 1  
40 1 Y 1 C THR 32  ? C THR 2  
41 1 Y 1 C GLY 33  ? C GLY 3  
42 1 Y 1 C GLY 34  ? C GLY 4  
43 1 Y 1 C VAL 35  ? C VAL 5  
44 1 Y 1 C LYS 37  ? C LYS 7  
45 1 Y 1 C PRO 38  ? C PRO 8  
46 1 Y 1 C HIS 39  ? C HIS 9  
47 1 Y 1 C ARG 40  ? C ARG 10 
48 1 Y 1 C TYR 41  ? C TYR 11 
49 1 Y 1 D ALA 31  ? D ALA 1  
50 1 Y 1 D THR 32  ? D THR 2  
51 1 Y 1 D GLY 33  ? D GLY 3  
52 1 Y 1 D GLY 34  ? D GLY 4  
53 1 Y 1 D VAL 35  ? D VAL 5  
54 1 Y 1 D LYS 37  ? D LYS 7  
55 1 Y 1 D PRO 38  ? D PRO 8  
56 1 Y 1 D HIS 39  ? D HIS 9  
57 1 Y 1 D ARG 40  ? D ARG 10 
58 1 Y 1 D TYR 41  ? D TYR 11 
# 
loop_
_chem_comp_atom.comp_id 
_chem_comp_atom.atom_id 
_chem_comp_atom.type_symbol 
_chem_comp_atom.pdbx_aromatic_flag 
_chem_comp_atom.pdbx_stereo_config 
_chem_comp_atom.pdbx_ordinal 
ALA N    N N N 1   
ALA CA   C N S 2   
ALA C    C N N 3   
ALA O    O N N 4   
ALA CB   C N N 5   
ALA OXT  O N N 6   
ALA H    H N N 7   
ALA H2   H N N 8   
ALA HA   H N N 9   
ALA HB1  H N N 10  
ALA HB2  H N N 11  
ALA HB3  H N N 12  
ALA HXT  H N N 13  
ARG N    N N N 14  
ARG CA   C N S 15  
ARG C    C N N 16  
ARG O    O N N 17  
ARG CB   C N N 18  
ARG CG   C N N 19  
ARG CD   C N N 20  
ARG NE   N N N 21  
ARG CZ   C N N 22  
ARG NH1  N N N 23  
ARG NH2  N N N 24  
ARG OXT  O N N 25  
ARG H    H N N 26  
ARG H2   H N N 27  
ARG HA   H N N 28  
ARG HB2  H N N 29  
ARG HB3  H N N 30  
ARG HG2  H N N 31  
ARG HG3  H N N 32  
ARG HD2  H N N 33  
ARG HD3  H N N 34  
ARG HE   H N N 35  
ARG HH11 H N N 36  
ARG HH12 H N N 37  
ARG HH21 H N N 38  
ARG HH22 H N N 39  
ARG HXT  H N N 40  
ASN N    N N N 41  
ASN CA   C N S 42  
ASN C    C N N 43  
ASN O    O N N 44  
ASN CB   C N N 45  
ASN CG   C N N 46  
ASN OD1  O N N 47  
ASN ND2  N N N 48  
ASN OXT  O N N 49  
ASN H    H N N 50  
ASN H2   H N N 51  
ASN HA   H N N 52  
ASN HB2  H N N 53  
ASN HB3  H N N 54  
ASN HD21 H N N 55  
ASN HD22 H N N 56  
ASN HXT  H N N 57  
ASP N    N N N 58  
ASP CA   C N S 59  
ASP C    C N N 60  
ASP O    O N N 61  
ASP CB   C N N 62  
ASP CG   C N N 63  
ASP OD1  O N N 64  
ASP OD2  O N N 65  
ASP OXT  O N N 66  
ASP H    H N N 67  
ASP H2   H N N 68  
ASP HA   H N N 69  
ASP HB2  H N N 70  
ASP HB3  H N N 71  
ASP HD2  H N N 72  
ASP HXT  H N N 73  
CYS N    N N N 74  
CYS CA   C N R 75  
CYS C    C N N 76  
CYS O    O N N 77  
CYS CB   C N N 78  
CYS SG   S N N 79  
CYS OXT  O N N 80  
CYS H    H N N 81  
CYS H2   H N N 82  
CYS HA   H N N 83  
CYS HB2  H N N 84  
CYS HB3  H N N 85  
CYS HG   H N N 86  
CYS HXT  H N N 87  
GLN N    N N N 88  
GLN CA   C N S 89  
GLN C    C N N 90  
GLN O    O N N 91  
GLN CB   C N N 92  
GLN CG   C N N 93  
GLN CD   C N N 94  
GLN OE1  O N N 95  
GLN NE2  N N N 96  
GLN OXT  O N N 97  
GLN H    H N N 98  
GLN H2   H N N 99  
GLN HA   H N N 100 
GLN HB2  H N N 101 
GLN HB3  H N N 102 
GLN HG2  H N N 103 
GLN HG3  H N N 104 
GLN HE21 H N N 105 
GLN HE22 H N N 106 
GLN HXT  H N N 107 
GLU N    N N N 108 
GLU CA   C N S 109 
GLU C    C N N 110 
GLU O    O N N 111 
GLU CB   C N N 112 
GLU CG   C N N 113 
GLU CD   C N N 114 
GLU OE1  O N N 115 
GLU OE2  O N N 116 
GLU OXT  O N N 117 
GLU H    H N N 118 
GLU H2   H N N 119 
GLU HA   H N N 120 
GLU HB2  H N N 121 
GLU HB3  H N N 122 
GLU HG2  H N N 123 
GLU HG3  H N N 124 
GLU HE2  H N N 125 
GLU HXT  H N N 126 
GLY N    N N N 127 
GLY CA   C N N 128 
GLY C    C N N 129 
GLY O    O N N 130 
GLY OXT  O N N 131 
GLY H    H N N 132 
GLY H2   H N N 133 
GLY HA2  H N N 134 
GLY HA3  H N N 135 
GLY HXT  H N N 136 
HIS N    N N N 137 
HIS CA   C N S 138 
HIS C    C N N 139 
HIS O    O N N 140 
HIS CB   C N N 141 
HIS CG   C Y N 142 
HIS ND1  N Y N 143 
HIS CD2  C Y N 144 
HIS CE1  C Y N 145 
HIS NE2  N Y N 146 
HIS OXT  O N N 147 
HIS H    H N N 148 
HIS H2   H N N 149 
HIS HA   H N N 150 
HIS HB2  H N N 151 
HIS HB3  H N N 152 
HIS HD1  H N N 153 
HIS HD2  H N N 154 
HIS HE1  H N N 155 
HIS HE2  H N N 156 
HIS HXT  H N N 157 
HOH O    O N N 158 
HOH H1   H N N 159 
HOH H2   H N N 160 
ILE N    N N N 161 
ILE CA   C N S 162 
ILE C    C N N 163 
ILE O    O N N 164 
ILE CB   C N S 165 
ILE CG1  C N N 166 
ILE CG2  C N N 167 
ILE CD1  C N N 168 
ILE OXT  O N N 169 
ILE H    H N N 170 
ILE H2   H N N 171 
ILE HA   H N N 172 
ILE HB   H N N 173 
ILE HG12 H N N 174 
ILE HG13 H N N 175 
ILE HG21 H N N 176 
ILE HG22 H N N 177 
ILE HG23 H N N 178 
ILE HD11 H N N 179 
ILE HD12 H N N 180 
ILE HD13 H N N 181 
ILE HXT  H N N 182 
LEU N    N N N 183 
LEU CA   C N S 184 
LEU C    C N N 185 
LEU O    O N N 186 
LEU CB   C N N 187 
LEU CG   C N N 188 
LEU CD1  C N N 189 
LEU CD2  C N N 190 
LEU OXT  O N N 191 
LEU H    H N N 192 
LEU H2   H N N 193 
LEU HA   H N N 194 
LEU HB2  H N N 195 
LEU HB3  H N N 196 
LEU HG   H N N 197 
LEU HD11 H N N 198 
LEU HD12 H N N 199 
LEU HD13 H N N 200 
LEU HD21 H N N 201 
LEU HD22 H N N 202 
LEU HD23 H N N 203 
LEU HXT  H N N 204 
LYS N    N N N 205 
LYS CA   C N S 206 
LYS C    C N N 207 
LYS O    O N N 208 
LYS CB   C N N 209 
LYS CG   C N N 210 
LYS CD   C N N 211 
LYS CE   C N N 212 
LYS NZ   N N N 213 
LYS OXT  O N N 214 
LYS H    H N N 215 
LYS H2   H N N 216 
LYS HA   H N N 217 
LYS HB2  H N N 218 
LYS HB3  H N N 219 
LYS HG2  H N N 220 
LYS HG3  H N N 221 
LYS HD2  H N N 222 
LYS HD3  H N N 223 
LYS HE2  H N N 224 
LYS HE3  H N N 225 
LYS HZ1  H N N 226 
LYS HZ2  H N N 227 
LYS HZ3  H N N 228 
LYS HXT  H N N 229 
M3L N    N N N 230 
M3L CA   C N S 231 
M3L CB   C N N 232 
M3L CG   C N N 233 
M3L CD   C N N 234 
M3L CE   C N N 235 
M3L NZ   N N N 236 
M3L C    C N N 237 
M3L O    O N N 238 
M3L OXT  O N N 239 
M3L CM1  C N N 240 
M3L CM2  C N N 241 
M3L CM3  C N N 242 
M3L H    H N N 243 
M3L H2   H N N 244 
M3L HA   H N N 245 
M3L HB2  H N N 246 
M3L HB3  H N N 247 
M3L HG2  H N N 248 
M3L HG3  H N N 249 
M3L HD2  H N N 250 
M3L HD3  H N N 251 
M3L HE2  H N N 252 
M3L HE3  H N N 253 
M3L HXT  H N N 254 
M3L HM11 H N N 255 
M3L HM12 H N N 256 
M3L HM13 H N N 257 
M3L HM21 H N N 258 
M3L HM22 H N N 259 
M3L HM23 H N N 260 
M3L HM31 H N N 261 
M3L HM32 H N N 262 
M3L HM33 H N N 263 
PHE N    N N N 264 
PHE CA   C N S 265 
PHE C    C N N 266 
PHE O    O N N 267 
PHE CB   C N N 268 
PHE CG   C Y N 269 
PHE CD1  C Y N 270 
PHE CD2  C Y N 271 
PHE CE1  C Y N 272 
PHE CE2  C Y N 273 
PHE CZ   C Y N 274 
PHE OXT  O N N 275 
PHE H    H N N 276 
PHE H2   H N N 277 
PHE HA   H N N 278 
PHE HB2  H N N 279 
PHE HB3  H N N 280 
PHE HD1  H N N 281 
PHE HD2  H N N 282 
PHE HE1  H N N 283 
PHE HE2  H N N 284 
PHE HZ   H N N 285 
PHE HXT  H N N 286 
PRO N    N N N 287 
PRO CA   C N S 288 
PRO C    C N N 289 
PRO O    O N N 290 
PRO CB   C N N 291 
PRO CG   C N N 292 
PRO CD   C N N 293 
PRO OXT  O N N 294 
PRO H    H N N 295 
PRO HA   H N N 296 
PRO HB2  H N N 297 
PRO HB3  H N N 298 
PRO HG2  H N N 299 
PRO HG3  H N N 300 
PRO HD2  H N N 301 
PRO HD3  H N N 302 
PRO HXT  H N N 303 
SER N    N N N 304 
SER CA   C N S 305 
SER C    C N N 306 
SER O    O N N 307 
SER CB   C N N 308 
SER OG   O N N 309 
SER OXT  O N N 310 
SER H    H N N 311 
SER H2   H N N 312 
SER HA   H N N 313 
SER HB2  H N N 314 
SER HB3  H N N 315 
SER HG   H N N 316 
SER HXT  H N N 317 
THR N    N N N 318 
THR CA   C N S 319 
THR C    C N N 320 
THR O    O N N 321 
THR CB   C N R 322 
THR OG1  O N N 323 
THR CG2  C N N 324 
THR OXT  O N N 325 
THR H    H N N 326 
THR H2   H N N 327 
THR HA   H N N 328 
THR HB   H N N 329 
THR HG1  H N N 330 
THR HG21 H N N 331 
THR HG22 H N N 332 
THR HG23 H N N 333 
THR HXT  H N N 334 
TRP N    N N N 335 
TRP CA   C N S 336 
TRP C    C N N 337 
TRP O    O N N 338 
TRP CB   C N N 339 
TRP CG   C Y N 340 
TRP CD1  C Y N 341 
TRP CD2  C Y N 342 
TRP NE1  N Y N 343 
TRP CE2  C Y N 344 
TRP CE3  C Y N 345 
TRP CZ2  C Y N 346 
TRP CZ3  C Y N 347 
TRP CH2  C Y N 348 
TRP OXT  O N N 349 
TRP H    H N N 350 
TRP H2   H N N 351 
TRP HA   H N N 352 
TRP HB2  H N N 353 
TRP HB3  H N N 354 
TRP HD1  H N N 355 
TRP HE1  H N N 356 
TRP HE3  H N N 357 
TRP HZ2  H N N 358 
TRP HZ3  H N N 359 
TRP HH2  H N N 360 
TRP HXT  H N N 361 
TYR N    N N N 362 
TYR CA   C N S 363 
TYR C    C N N 364 
TYR O    O N N 365 
TYR CB   C N N 366 
TYR CG   C Y N 367 
TYR CD1  C Y N 368 
TYR CD2  C Y N 369 
TYR CE1  C Y N 370 
TYR CE2  C Y N 371 
TYR CZ   C Y N 372 
TYR OH   O N N 373 
TYR OXT  O N N 374 
TYR H    H N N 375 
TYR H2   H N N 376 
TYR HA   H N N 377 
TYR HB2  H N N 378 
TYR HB3  H N N 379 
TYR HD1  H N N 380 
TYR HD2  H N N 381 
TYR HE1  H N N 382 
TYR HE2  H N N 383 
TYR HH   H N N 384 
TYR HXT  H N N 385 
VAL N    N N N 386 
VAL CA   C N S 387 
VAL C    C N N 388 
VAL O    O N N 389 
VAL CB   C N N 390 
VAL CG1  C N N 391 
VAL CG2  C N N 392 
VAL OXT  O N N 393 
VAL H    H N N 394 
VAL H2   H N N 395 
VAL HA   H N N 396 
VAL HB   H N N 397 
VAL HG11 H N N 398 
VAL HG12 H N N 399 
VAL HG13 H N N 400 
VAL HG21 H N N 401 
VAL HG22 H N N 402 
VAL HG23 H N N 403 
VAL HXT  H N N 404 
# 
loop_
_chem_comp_bond.comp_id 
_chem_comp_bond.atom_id_1 
_chem_comp_bond.atom_id_2 
_chem_comp_bond.value_order 
_chem_comp_bond.pdbx_aromatic_flag 
_chem_comp_bond.pdbx_stereo_config 
_chem_comp_bond.pdbx_ordinal 
ALA N   CA   sing N N 1   
ALA N   H    sing N N 2   
ALA N   H2   sing N N 3   
ALA CA  C    sing N N 4   
ALA CA  CB   sing N N 5   
ALA CA  HA   sing N N 6   
ALA C   O    doub N N 7   
ALA C   OXT  sing N N 8   
ALA CB  HB1  sing N N 9   
ALA CB  HB2  sing N N 10  
ALA CB  HB3  sing N N 11  
ALA OXT HXT  sing N N 12  
ARG N   CA   sing N N 13  
ARG N   H    sing N N 14  
ARG N   H2   sing N N 15  
ARG CA  C    sing N N 16  
ARG CA  CB   sing N N 17  
ARG CA  HA   sing N N 18  
ARG C   O    doub N N 19  
ARG C   OXT  sing N N 20  
ARG CB  CG   sing N N 21  
ARG CB  HB2  sing N N 22  
ARG CB  HB3  sing N N 23  
ARG CG  CD   sing N N 24  
ARG CG  HG2  sing N N 25  
ARG CG  HG3  sing N N 26  
ARG CD  NE   sing N N 27  
ARG CD  HD2  sing N N 28  
ARG CD  HD3  sing N N 29  
ARG NE  CZ   sing N N 30  
ARG NE  HE   sing N N 31  
ARG CZ  NH1  sing N N 32  
ARG CZ  NH2  doub N N 33  
ARG NH1 HH11 sing N N 34  
ARG NH1 HH12 sing N N 35  
ARG NH2 HH21 sing N N 36  
ARG NH2 HH22 sing N N 37  
ARG OXT HXT  sing N N 38  
ASN N   CA   sing N N 39  
ASN N   H    sing N N 40  
ASN N   H2   sing N N 41  
ASN CA  C    sing N N 42  
ASN CA  CB   sing N N 43  
ASN CA  HA   sing N N 44  
ASN C   O    doub N N 45  
ASN C   OXT  sing N N 46  
ASN CB  CG   sing N N 47  
ASN CB  HB2  sing N N 48  
ASN CB  HB3  sing N N 49  
ASN CG  OD1  doub N N 50  
ASN CG  ND2  sing N N 51  
ASN ND2 HD21 sing N N 52  
ASN ND2 HD22 sing N N 53  
ASN OXT HXT  sing N N 54  
ASP N   CA   sing N N 55  
ASP N   H    sing N N 56  
ASP N   H2   sing N N 57  
ASP CA  C    sing N N 58  
ASP CA  CB   sing N N 59  
ASP CA  HA   sing N N 60  
ASP C   O    doub N N 61  
ASP C   OXT  sing N N 62  
ASP CB  CG   sing N N 63  
ASP CB  HB2  sing N N 64  
ASP CB  HB3  sing N N 65  
ASP CG  OD1  doub N N 66  
ASP CG  OD2  sing N N 67  
ASP OD2 HD2  sing N N 68  
ASP OXT HXT  sing N N 69  
CYS N   CA   sing N N 70  
CYS N   H    sing N N 71  
CYS N   H2   sing N N 72  
CYS CA  C    sing N N 73  
CYS CA  CB   sing N N 74  
CYS CA  HA   sing N N 75  
CYS C   O    doub N N 76  
CYS C   OXT  sing N N 77  
CYS CB  SG   sing N N 78  
CYS CB  HB2  sing N N 79  
CYS CB  HB3  sing N N 80  
CYS SG  HG   sing N N 81  
CYS OXT HXT  sing N N 82  
GLN N   CA   sing N N 83  
GLN N   H    sing N N 84  
GLN N   H2   sing N N 85  
GLN CA  C    sing N N 86  
GLN CA  CB   sing N N 87  
GLN CA  HA   sing N N 88  
GLN C   O    doub N N 89  
GLN C   OXT  sing N N 90  
GLN CB  CG   sing N N 91  
GLN CB  HB2  sing N N 92  
GLN CB  HB3  sing N N 93  
GLN CG  CD   sing N N 94  
GLN CG  HG2  sing N N 95  
GLN CG  HG3  sing N N 96  
GLN CD  OE1  doub N N 97  
GLN CD  NE2  sing N N 98  
GLN NE2 HE21 sing N N 99  
GLN NE2 HE22 sing N N 100 
GLN OXT HXT  sing N N 101 
GLU N   CA   sing N N 102 
GLU N   H    sing N N 103 
GLU N   H2   sing N N 104 
GLU CA  C    sing N N 105 
GLU CA  CB   sing N N 106 
GLU CA  HA   sing N N 107 
GLU C   O    doub N N 108 
GLU C   OXT  sing N N 109 
GLU CB  CG   sing N N 110 
GLU CB  HB2  sing N N 111 
GLU CB  HB3  sing N N 112 
GLU CG  CD   sing N N 113 
GLU CG  HG2  sing N N 114 
GLU CG  HG3  sing N N 115 
GLU CD  OE1  doub N N 116 
GLU CD  OE2  sing N N 117 
GLU OE2 HE2  sing N N 118 
GLU OXT HXT  sing N N 119 
GLY N   CA   sing N N 120 
GLY N   H    sing N N 121 
GLY N   H2   sing N N 122 
GLY CA  C    sing N N 123 
GLY CA  HA2  sing N N 124 
GLY CA  HA3  sing N N 125 
GLY C   O    doub N N 126 
GLY C   OXT  sing N N 127 
GLY OXT HXT  sing N N 128 
HIS N   CA   sing N N 129 
HIS N   H    sing N N 130 
HIS N   H2   sing N N 131 
HIS CA  C    sing N N 132 
HIS CA  CB   sing N N 133 
HIS CA  HA   sing N N 134 
HIS C   O    doub N N 135 
HIS C   OXT  sing N N 136 
HIS CB  CG   sing N N 137 
HIS CB  HB2  sing N N 138 
HIS CB  HB3  sing N N 139 
HIS CG  ND1  sing Y N 140 
HIS CG  CD2  doub Y N 141 
HIS ND1 CE1  doub Y N 142 
HIS ND1 HD1  sing N N 143 
HIS CD2 NE2  sing Y N 144 
HIS CD2 HD2  sing N N 145 
HIS CE1 NE2  sing Y N 146 
HIS CE1 HE1  sing N N 147 
HIS NE2 HE2  sing N N 148 
HIS OXT HXT  sing N N 149 
HOH O   H1   sing N N 150 
HOH O   H2   sing N N 151 
ILE N   CA   sing N N 152 
ILE N   H    sing N N 153 
ILE N   H2   sing N N 154 
ILE CA  C    sing N N 155 
ILE CA  CB   sing N N 156 
ILE CA  HA   sing N N 157 
ILE C   O    doub N N 158 
ILE C   OXT  sing N N 159 
ILE CB  CG1  sing N N 160 
ILE CB  CG2  sing N N 161 
ILE CB  HB   sing N N 162 
ILE CG1 CD1  sing N N 163 
ILE CG1 HG12 sing N N 164 
ILE CG1 HG13 sing N N 165 
ILE CG2 HG21 sing N N 166 
ILE CG2 HG22 sing N N 167 
ILE CG2 HG23 sing N N 168 
ILE CD1 HD11 sing N N 169 
ILE CD1 HD12 sing N N 170 
ILE CD1 HD13 sing N N 171 
ILE OXT HXT  sing N N 172 
LEU N   CA   sing N N 173 
LEU N   H    sing N N 174 
LEU N   H2   sing N N 175 
LEU CA  C    sing N N 176 
LEU CA  CB   sing N N 177 
LEU CA  HA   sing N N 178 
LEU C   O    doub N N 179 
LEU C   OXT  sing N N 180 
LEU CB  CG   sing N N 181 
LEU CB  HB2  sing N N 182 
LEU CB  HB3  sing N N 183 
LEU CG  CD1  sing N N 184 
LEU CG  CD2  sing N N 185 
LEU CG  HG   sing N N 186 
LEU CD1 HD11 sing N N 187 
LEU CD1 HD12 sing N N 188 
LEU CD1 HD13 sing N N 189 
LEU CD2 HD21 sing N N 190 
LEU CD2 HD22 sing N N 191 
LEU CD2 HD23 sing N N 192 
LEU OXT HXT  sing N N 193 
LYS N   CA   sing N N 194 
LYS N   H    sing N N 195 
LYS N   H2   sing N N 196 
LYS CA  C    sing N N 197 
LYS CA  CB   sing N N 198 
LYS CA  HA   sing N N 199 
LYS C   O    doub N N 200 
LYS C   OXT  sing N N 201 
LYS CB  CG   sing N N 202 
LYS CB  HB2  sing N N 203 
LYS CB  HB3  sing N N 204 
LYS CG  CD   sing N N 205 
LYS CG  HG2  sing N N 206 
LYS CG  HG3  sing N N 207 
LYS CD  CE   sing N N 208 
LYS CD  HD2  sing N N 209 
LYS CD  HD3  sing N N 210 
LYS CE  NZ   sing N N 211 
LYS CE  HE2  sing N N 212 
LYS CE  HE3  sing N N 213 
LYS NZ  HZ1  sing N N 214 
LYS NZ  HZ2  sing N N 215 
LYS NZ  HZ3  sing N N 216 
LYS OXT HXT  sing N N 217 
M3L N   CA   sing N N 218 
M3L N   H    sing N N 219 
M3L N   H2   sing N N 220 
M3L CA  CB   sing N N 221 
M3L CA  C    sing N N 222 
M3L CA  HA   sing N N 223 
M3L CB  CG   sing N N 224 
M3L CB  HB2  sing N N 225 
M3L CB  HB3  sing N N 226 
M3L CG  CD   sing N N 227 
M3L CG  HG2  sing N N 228 
M3L CG  HG3  sing N N 229 
M3L CD  CE   sing N N 230 
M3L CD  HD2  sing N N 231 
M3L CD  HD3  sing N N 232 
M3L CE  NZ   sing N N 233 
M3L CE  HE2  sing N N 234 
M3L CE  HE3  sing N N 235 
M3L NZ  CM1  sing N N 236 
M3L NZ  CM2  sing N N 237 
M3L NZ  CM3  sing N N 238 
M3L C   O    doub N N 239 
M3L C   OXT  sing N N 240 
M3L OXT HXT  sing N N 241 
M3L CM1 HM11 sing N N 242 
M3L CM1 HM12 sing N N 243 
M3L CM1 HM13 sing N N 244 
M3L CM2 HM21 sing N N 245 
M3L CM2 HM22 sing N N 246 
M3L CM2 HM23 sing N N 247 
M3L CM3 HM31 sing N N 248 
M3L CM3 HM32 sing N N 249 
M3L CM3 HM33 sing N N 250 
PHE N   CA   sing N N 251 
PHE N   H    sing N N 252 
PHE N   H2   sing N N 253 
PHE CA  C    sing N N 254 
PHE CA  CB   sing N N 255 
PHE CA  HA   sing N N 256 
PHE C   O    doub N N 257 
PHE C   OXT  sing N N 258 
PHE CB  CG   sing N N 259 
PHE CB  HB2  sing N N 260 
PHE CB  HB3  sing N N 261 
PHE CG  CD1  doub Y N 262 
PHE CG  CD2  sing Y N 263 
PHE CD1 CE1  sing Y N 264 
PHE CD1 HD1  sing N N 265 
PHE CD2 CE2  doub Y N 266 
PHE CD2 HD2  sing N N 267 
PHE CE1 CZ   doub Y N 268 
PHE CE1 HE1  sing N N 269 
PHE CE2 CZ   sing Y N 270 
PHE CE2 HE2  sing N N 271 
PHE CZ  HZ   sing N N 272 
PHE OXT HXT  sing N N 273 
PRO N   CA   sing N N 274 
PRO N   CD   sing N N 275 
PRO N   H    sing N N 276 
PRO CA  C    sing N N 277 
PRO CA  CB   sing N N 278 
PRO CA  HA   sing N N 279 
PRO C   O    doub N N 280 
PRO C   OXT  sing N N 281 
PRO CB  CG   sing N N 282 
PRO CB  HB2  sing N N 283 
PRO CB  HB3  sing N N 284 
PRO CG  CD   sing N N 285 
PRO CG  HG2  sing N N 286 
PRO CG  HG3  sing N N 287 
PRO CD  HD2  sing N N 288 
PRO CD  HD3  sing N N 289 
PRO OXT HXT  sing N N 290 
SER N   CA   sing N N 291 
SER N   H    sing N N 292 
SER N   H2   sing N N 293 
SER CA  C    sing N N 294 
SER CA  CB   sing N N 295 
SER CA  HA   sing N N 296 
SER C   O    doub N N 297 
SER C   OXT  sing N N 298 
SER CB  OG   sing N N 299 
SER CB  HB2  sing N N 300 
SER CB  HB3  sing N N 301 
SER OG  HG   sing N N 302 
SER OXT HXT  sing N N 303 
THR N   CA   sing N N 304 
THR N   H    sing N N 305 
THR N   H2   sing N N 306 
THR CA  C    sing N N 307 
THR CA  CB   sing N N 308 
THR CA  HA   sing N N 309 
THR C   O    doub N N 310 
THR C   OXT  sing N N 311 
THR CB  OG1  sing N N 312 
THR CB  CG2  sing N N 313 
THR CB  HB   sing N N 314 
THR OG1 HG1  sing N N 315 
THR CG2 HG21 sing N N 316 
THR CG2 HG22 sing N N 317 
THR CG2 HG23 sing N N 318 
THR OXT HXT  sing N N 319 
TRP N   CA   sing N N 320 
TRP N   H    sing N N 321 
TRP N   H2   sing N N 322 
TRP CA  C    sing N N 323 
TRP CA  CB   sing N N 324 
TRP CA  HA   sing N N 325 
TRP C   O    doub N N 326 
TRP C   OXT  sing N N 327 
TRP CB  CG   sing N N 328 
TRP CB  HB2  sing N N 329 
TRP CB  HB3  sing N N 330 
TRP CG  CD1  doub Y N 331 
TRP CG  CD2  sing Y N 332 
TRP CD1 NE1  sing Y N 333 
TRP CD1 HD1  sing N N 334 
TRP CD2 CE2  doub Y N 335 
TRP CD2 CE3  sing Y N 336 
TRP NE1 CE2  sing Y N 337 
TRP NE1 HE1  sing N N 338 
TRP CE2 CZ2  sing Y N 339 
TRP CE3 CZ3  doub Y N 340 
TRP CE3 HE3  sing N N 341 
TRP CZ2 CH2  doub Y N 342 
TRP CZ2 HZ2  sing N N 343 
TRP CZ3 CH2  sing Y N 344 
TRP CZ3 HZ3  sing N N 345 
TRP CH2 HH2  sing N N 346 
TRP OXT HXT  sing N N 347 
TYR N   CA   sing N N 348 
TYR N   H    sing N N 349 
TYR N   H2   sing N N 350 
TYR CA  C    sing N N 351 
TYR CA  CB   sing N N 352 
TYR CA  HA   sing N N 353 
TYR C   O    doub N N 354 
TYR C   OXT  sing N N 355 
TYR CB  CG   sing N N 356 
TYR CB  HB2  sing N N 357 
TYR CB  HB3  sing N N 358 
TYR CG  CD1  doub Y N 359 
TYR CG  CD2  sing Y N 360 
TYR CD1 CE1  sing Y N 361 
TYR CD1 HD1  sing N N 362 
TYR CD2 CE2  doub Y N 363 
TYR CD2 HD2  sing N N 364 
TYR CE1 CZ   doub Y N 365 
TYR CE1 HE1  sing N N 366 
TYR CE2 CZ   sing Y N 367 
TYR CE2 HE2  sing N N 368 
TYR CZ  OH   sing N N 369 
TYR OH  HH   sing N N 370 
TYR OXT HXT  sing N N 371 
VAL N   CA   sing N N 372 
VAL N   H    sing N N 373 
VAL N   H2   sing N N 374 
VAL CA  C    sing N N 375 
VAL CA  CB   sing N N 376 
VAL CA  HA   sing N N 377 
VAL C   O    doub N N 378 
VAL C   OXT  sing N N 379 
VAL CB  CG1  sing N N 380 
VAL CB  CG2  sing N N 381 
VAL CB  HB   sing N N 382 
VAL CG1 HG11 sing N N 383 
VAL CG1 HG12 sing N N 384 
VAL CG1 HG13 sing N N 385 
VAL CG2 HG21 sing N N 386 
VAL CG2 HG22 sing N N 387 
VAL CG2 HG23 sing N N 388 
VAL OXT HXT  sing N N 389 
# 
_atom_sites.entry_id                    4PLL 
_atom_sites.fract_transf_matrix[1][1]   -0.00875370 
_atom_sites.fract_transf_matrix[1][2]   -0.00585169 
_atom_sites.fract_transf_matrix[1][3]   -0.00101385 
_atom_sites.fract_transf_matrix[2][1]   -0.00945793 
_atom_sites.fract_transf_matrix[2][2]   0.00469584 
_atom_sites.fract_transf_matrix[2][3]   -0.00062510 
_atom_sites.fract_transf_matrix[3][1]   0.00289811 
_atom_sites.fract_transf_matrix[3][2]   0.00141726 
_atom_sites.fract_transf_matrix[3][3]   -0.03320264 
_atom_sites.fract_transf_vector[1]      -0.450411 
_atom_sites.fract_transf_vector[2]      -0.337106 
_atom_sites.fract_transf_vector[3]      0.103261 
# 
loop_
_atom_type.symbol 
C 
N 
O 
S 
# 
loop_
_atom_site.group_PDB 
_atom_site.id 
_atom_site.type_symbol 
_atom_site.label_atom_id 
_atom_site.label_alt_id 
_atom_site.label_comp_id 
_atom_site.label_asym_id 
_atom_site.label_entity_id 
_atom_site.label_seq_id 
_atom_site.pdbx_PDB_ins_code 
_atom_site.Cartn_x 
_atom_site.Cartn_y 
_atom_site.Cartn_z 
_atom_site.occupancy 
_atom_site.B_iso_or_equiv 
_atom_site.pdbx_formal_charge 
_atom_site.auth_seq_id 
_atom_site.auth_comp_id 
_atom_site.auth_asym_id 
_atom_site.auth_atom_id 
_atom_site.pdbx_PDB_model_num 
ATOM   1    N N   . HIS A 1 3  ? -6.155  -16.689 6.340   1.00 88.85  ? 51  HIS A N   1 
ATOM   2    C CA  . HIS A 1 3  ? -7.288  -16.064 5.661   1.00 91.50  ? 51  HIS A CA  1 
ATOM   3    C C   . HIS A 1 3  ? -6.882  -15.598 4.269   1.00 97.09  ? 51  HIS A C   1 
ATOM   4    O O   . HIS A 1 3  ? -7.589  -14.816 3.622   1.00 89.21  ? 51  HIS A O   1 
ATOM   5    C CB  . HIS A 1 3  ? -7.817  -14.884 6.473   1.00 90.45  ? 51  HIS A CB  1 
ATOM   6    C CG  . HIS A 1 3  ? -8.416  -15.277 7.787   1.00 117.53 ? 51  HIS A CG  1 
ATOM   7    N ND1 . HIS A 1 3  ? -7.916  -16.309 8.555   1.00 116.34 ? 51  HIS A ND1 1 
ATOM   8    C CD2 . HIS A 1 3  ? -9.464  -14.770 8.475   1.00 123.22 ? 51  HIS A CD2 1 
ATOM   9    C CE1 . HIS A 1 3  ? -8.637  -16.425 9.655   1.00 112.23 ? 51  HIS A CE1 1 
ATOM   10   N NE2 . HIS A 1 3  ? -9.582  -15.502 9.633   1.00 132.42 ? 51  HIS A NE2 1 
ATOM   11   N N   . PHE A 1 4  ? -5.724  -16.078 3.826   1.00 90.96  ? 52  PHE A N   1 
ATOM   12   C CA  . PHE A 1 4  ? -5.167  -15.729 2.523   1.00 84.16  ? 52  PHE A CA  1 
ATOM   13   C C   . PHE A 1 4  ? -4.611  -16.987 1.884   1.00 81.61  ? 52  PHE A C   1 
ATOM   14   O O   . PHE A 1 4  ? -3.814  -17.691 2.503   1.00 83.52  ? 52  PHE A O   1 
ATOM   15   C CB  . PHE A 1 4  ? -4.043  -14.692 2.661   1.00 79.51  ? 52  PHE A CB  1 
ATOM   16   C CG  . PHE A 1 4  ? -4.513  -13.273 2.858   1.00 76.97  ? 52  PHE A CG  1 
ATOM   17   C CD1 . PHE A 1 4  ? -4.600  -12.402 1.774   1.00 77.04  ? 52  PHE A CD1 1 
ATOM   18   C CD2 . PHE A 1 4  ? -4.831  -12.797 4.126   1.00 76.42  ? 52  PHE A CD2 1 
ATOM   19   C CE1 . PHE A 1 4  ? -5.016  -11.084 1.944   1.00 78.82  ? 52  PHE A CE1 1 
ATOM   20   C CE2 . PHE A 1 4  ? -5.257  -11.479 4.306   1.00 74.93  ? 52  PHE A CE2 1 
ATOM   21   C CZ  . PHE A 1 4  ? -5.348  -10.622 3.211   1.00 74.28  ? 52  PHE A CZ  1 
ATOM   22   N N   . GLU A 1 5  ? -4.997  -17.269 0.650   1.00 79.37  ? 53  GLU A N   1 
ATOM   23   C CA  . GLU A 1 5  ? -4.481  -18.449 -0.035  1.00 84.51  ? 53  GLU A CA  1 
ATOM   24   C C   . GLU A 1 5  ? -3.004  -18.249 -0.390  1.00 78.92  ? 53  GLU A C   1 
ATOM   25   O O   . GLU A 1 5  ? -2.570  -17.120 -0.611  1.00 77.64  ? 53  GLU A O   1 
ATOM   26   C CB  . GLU A 1 5  ? -5.319  -18.731 -1.285  1.00 91.99  ? 53  GLU A CB  1 
ATOM   27   C CG  . GLU A 1 5  ? -6.785  -18.341 -1.117  1.00 86.71  ? 53  GLU A CG  1 
ATOM   28   C CD  . GLU A 1 5  ? -7.728  -19.276 -1.830  1.00 103.07 ? 53  GLU A CD  1 
ATOM   29   O OE1 . GLU A 1 5  ? -7.490  -20.505 -1.808  1.00 100.54 ? 53  GLU A OE1 1 
ATOM   30   O OE2 . GLU A 1 5  ? -8.725  -18.777 -2.388  1.00 105.66 ? 53  GLU A OE2 1 
ATOM   31   N N   . GLU A 1 6  ? -2.228  -19.330 -0.415  1.00 78.18  ? 54  GLU A N   1 
ATOM   32   C CA  . GLU A 1 6  ? -0.841  -19.246 -0.869  1.00 72.27  ? 54  GLU A CA  1 
ATOM   33   C C   . GLU A 1 6  ? -0.783  -18.876 -2.339  1.00 79.42  ? 54  GLU A C   1 
ATOM   34   O O   . GLU A 1 6  ? -1.685  -19.227 -3.099  1.00 86.50  ? 54  GLU A O   1 
ATOM   35   C CB  . GLU A 1 6  ? -0.120  -20.561 -0.658  1.00 68.57  ? 54  GLU A CB  1 
ATOM   36   C CG  . GLU A 1 6  ? -0.332  -21.143 0.718   1.00 78.78  ? 54  GLU A CG  1 
ATOM   37   C CD  . GLU A 1 6  ? 0.756   -22.142 1.081   1.00 82.98  ? 54  GLU A CD  1 
ATOM   38   O OE1 . GLU A 1 6  ? 1.337   -22.745 0.148   1.00 83.53  ? 54  GLU A OE1 1 
ATOM   39   O OE2 . GLU A 1 6  ? 1.019   -22.337 2.294   1.00 78.70  ? 54  GLU A OE2 1 
ATOM   40   N N   . GLY A 1 7  ? 0.283   -18.193 -2.745  1.00 73.68  ? 55  GLY A N   1 
ATOM   41   C CA  . GLY A 1 7  ? 0.417   -17.722 -4.114  1.00 69.38  ? 55  GLY A CA  1 
ATOM   42   C C   . GLY A 1 7  ? -0.401  -16.467 -4.404  1.00 67.91  ? 55  GLY A C   1 
ATOM   43   O O   . GLY A 1 7  ? -0.302  -15.885 -5.491  1.00 71.37  ? 55  GLY A O   1 
ATOM   44   N N   . GLU A 1 8  ? -1.204  -16.039 -3.438  1.00 63.54  ? 56  GLU A N   1 
ATOM   45   C CA  . GLU A 1 8  ? -2.088  -14.909 -3.653  1.00 65.93  ? 56  GLU A CA  1 
ATOM   46   C C   . GLU A 1 8  ? -1.327  -13.590 -3.650  1.00 69.05  ? 56  GLU A C   1 
ATOM   47   O O   . GLU A 1 8  ? -0.490  -13.336 -2.779  1.00 68.41  ? 56  GLU A O   1 
ATOM   48   C CB  . GLU A 1 8  ? -3.183  -14.881 -2.585  1.00 67.96  ? 56  GLU A CB  1 
ATOM   49   C CG  . GLU A 1 8  ? -4.045  -13.623 -2.627  1.00 74.92  ? 56  GLU A CG  1 
ATOM   50   C CD  . GLU A 1 8  ? -5.177  -13.666 -1.620  1.00 85.00  ? 56  GLU A CD  1 
ATOM   51   O OE1 . GLU A 1 8  ? -5.343  -14.713 -0.946  1.00 80.19  ? 56  GLU A OE1 1 
ATOM   52   O OE2 . GLU A 1 8  ? -5.908  -12.658 -1.519  1.00 73.59  ? 56  GLU A OE2 1 
ATOM   53   N N   . ARG A 1 9  ? -1.613  -12.747 -4.632  1.00 70.95  ? 57  ARG A N   1 
ATOM   54   C CA  . ARG A 1 9  ? -0.998  -11.442 -4.663  1.00 66.87  ? 57  ARG A CA  1 
ATOM   55   C C   . ARG A 1 9  ? -1.755  -10.486 -3.768  1.00 67.62  ? 57  ARG A C   1 
ATOM   56   O O   . ARG A 1 9  ? -2.991  -10.454 -3.761  1.00 67.99  ? 57  ARG A O   1 
ATOM   57   C CB  . ARG A 1 9  ? -0.912  -10.908 -6.083  1.00 66.01  ? 57  ARG A CB  1 
ATOM   58   C CG  . ARG A 1 9  ? 0.474   -11.143 -6.696  1.00 72.13  ? 57  ARG A CG  1 
ATOM   59   C CD  . ARG A 1 9  ? 0.487   -10.825 -8.167  1.00 88.68  ? 57  ARG A CD  1 
ATOM   60   N NE  . ARG A 1 9  ? -0.651  -9.989  -8.540  1.00 102.73 ? 57  ARG A NE  1 
ATOM   61   C CZ  . ARG A 1 9  ? -1.698  -10.415 -9.248  1.00 105.75 ? 57  ARG A CZ  1 
ATOM   62   N NH1 . ARG A 1 9  ? -1.749  -11.676 -9.679  1.00 91.77  ? 57  ARG A NH1 1 
ATOM   63   N NH2 . ARG A 1 9  ? -2.694  -9.577  -9.531  1.00 110.40 ? 57  ARG A NH2 1 
ATOM   64   N N   . VAL A 1 10 ? -0.987  -9.738  -2.980  1.00 62.58  ? 58  VAL A N   1 
ATOM   65   C CA  . VAL A 1 10 ? -1.514  -8.893  -1.913  1.00 63.66  ? 58  VAL A CA  1 
ATOM   66   C C   . VAL A 1 10 ? -0.708  -7.610  -1.809  1.00 61.39  ? 58  VAL A C   1 
ATOM   67   O O   . VAL A 1 10 ? 0.204   -7.375  -2.597  1.00 61.64  ? 58  VAL A O   1 
ATOM   68   C CB  . VAL A 1 10 ? -1.453  -9.603  -0.550  1.00 62.97  ? 58  VAL A CB  1 
ATOM   69   C CG1 . VAL A 1 10 ? -1.971  -11.030 -0.659  1.00 65.74  ? 58  VAL A CG1 1 
ATOM   70   C CG2 . VAL A 1 10 ? -0.008  -9.651  -0.063  1.00 61.82  ? 58  VAL A CG2 1 
ATOM   71   N N   . LEU A 1 11 ? -1.037  -6.789  -0.820  1.00 63.63  ? 59  LEU A N   1 
ATOM   72   C CA  . LEU A 1 11 ? -0.188  -5.666  -0.445  1.00 66.21  ? 59  LEU A CA  1 
ATOM   73   C C   . LEU A 1 11 ? 0.321   -5.832  0.972   1.00 56.61  ? 59  LEU A C   1 
ATOM   74   O O   . LEU A 1 11 ? -0.472  -5.888  1.912   1.00 63.14  ? 59  LEU A O   1 
ATOM   75   C CB  . LEU A 1 11 ? -0.943  -4.353  -0.560  1.00 63.72  ? 59  LEU A CB  1 
ATOM   76   C CG  . LEU A 1 11 ? -1.218  -3.988  -2.002  1.00 67.84  ? 59  LEU A CG  1 
ATOM   77   C CD1 . LEU A 1 11 ? -1.993  -2.692  -2.082  1.00 70.44  ? 59  LEU A CD1 1 
ATOM   78   C CD2 . LEU A 1 11 ? 0.107   -3.882  -2.710  1.00 68.45  ? 59  LEU A CD2 1 
ATOM   79   N N   . ALA A 1 12 ? 1.635   -5.887  1.145   1.00 49.16  ? 60  ALA A N   1 
ATOM   80   C CA  . ALA A 1 12 ? 2.163   -6.164  2.470   1.00 49.20  ? 60  ALA A CA  1 
ATOM   81   C C   . ALA A 1 12 ? 2.950   -4.991  3.064   1.00 50.87  ? 60  ALA A C   1 
ATOM   82   O O   . ALA A 1 12 ? 3.838   -4.430  2.419   1.00 45.36  ? 60  ALA A O   1 
ATOM   83   C CB  . ALA A 1 12 ? 2.999   -7.364  2.408   1.00 42.09  ? 60  ALA A CB  1 
ATOM   84   N N   . LYS A 1 13 ? 2.629   -4.634  4.304   1.00 52.46  ? 61  LYS A N   1 
ATOM   85   C CA  . LYS A 1 13 ? 3.218   -3.469  4.934   1.00 54.87  ? 61  LYS A CA  1 
ATOM   86   C C   . LYS A 1 13 ? 4.553   -3.773  5.564   1.00 52.87  ? 61  LYS A C   1 
ATOM   87   O O   . LYS A 1 13 ? 4.645   -4.570  6.483   1.00 63.50  ? 61  LYS A O   1 
ATOM   88   C CB  . LYS A 1 13 ? 2.274   -2.904  5.990   1.00 57.69  ? 61  LYS A CB  1 
ATOM   89   C CG  . LYS A 1 13 ? 2.789   -1.623  6.639   1.00 54.59  ? 61  LYS A CG  1 
ATOM   90   C CD  . LYS A 1 13 ? 1.877   -1.187  7.773   1.00 64.47  ? 61  LYS A CD  1 
ATOM   91   C CE  . LYS A 1 13 ? 1.801   0.334   7.864   1.00 71.43  ? 61  LYS A CE  1 
ATOM   92   N NZ  . LYS A 1 13 ? 0.691   0.808   8.742   1.00 70.70  ? 61  LYS A NZ  1 
ATOM   93   N N   . HIS A 1 14 ? 5.592   -3.126  5.068   1.00 55.50  ? 62  HIS A N   1 
ATOM   94   C CA  . HIS A 1 14 ? 6.914   -3.193  5.674   1.00 55.80  ? 62  HIS A CA  1 
ATOM   95   C C   . HIS A 1 14 ? 7.344   -1.768  5.970   1.00 56.85  ? 62  HIS A C   1 
ATOM   96   O O   . HIS A 1 14 ? 7.417   -0.939  5.066   1.00 63.44  ? 62  HIS A O   1 
ATOM   97   C CB  . HIS A 1 14 ? 7.903   -3.879  4.747   1.00 50.58  ? 62  HIS A CB  1 
ATOM   98   C CG  . HIS A 1 14 ? 9.291   -3.968  5.291   1.00 53.02  ? 62  HIS A CG  1 
ATOM   99   N ND1 . HIS A 1 14 ? 9.747   -5.049  6.013   1.00 51.09  ? 62  HIS A ND1 1 
ATOM   100  C CD2 . HIS A 1 14 ? 10.336  -3.116  5.196   1.00 59.30  ? 62  HIS A CD2 1 
ATOM   101  C CE1 . HIS A 1 14 ? 11.010  -4.860  6.339   1.00 53.58  ? 62  HIS A CE1 1 
ATOM   102  N NE2 . HIS A 1 14 ? 11.394  -3.693  5.854   1.00 54.19  ? 62  HIS A NE2 1 
ATOM   103  N N   . SER A 1 15 ? 7.641   -1.498  7.237   1.00 64.58  ? 63  SER A N   1 
ATOM   104  C CA  . SER A 1 15 ? 7.907   -0.149  7.715   1.00 64.97  ? 63  SER A CA  1 
ATOM   105  C C   . SER A 1 15 ? 6.672   0.704   7.463   1.00 71.31  ? 63  SER A C   1 
ATOM   106  O O   . SER A 1 15 ? 5.555   0.271   7.757   1.00 65.99  ? 63  SER A O   1 
ATOM   107  C CB  . SER A 1 15 ? 9.139   0.443   7.043   1.00 64.93  ? 63  SER A CB  1 
ATOM   108  O OG  . SER A 1 15 ? 10.300  -0.281  7.416   1.00 88.02  ? 63  SER A OG  1 
ATOM   109  N N   . ASP A 1 16 ? 6.871   1.897   6.906   1.00 76.41  ? 64  ASP A N   1 
ATOM   110  C CA  . ASP A 1 16 ? 5.790   2.870   6.758   1.00 76.52  ? 64  ASP A CA  1 
ATOM   111  C C   . ASP A 1 16 ? 4.784   2.610   5.615   1.00 75.90  ? 64  ASP A C   1 
ATOM   112  O O   . ASP A 1 16 ? 3.633   3.058   5.691   1.00 73.73  ? 64  ASP A O   1 
ATOM   113  C CB  . ASP A 1 16 ? 6.388   4.277   6.597   1.00 81.15  ? 64  ASP A CB  1 
ATOM   114  C CG  . ASP A 1 16 ? 7.759   4.261   5.942   1.00 102.97 ? 64  ASP A CG  1 
ATOM   115  O OD1 . ASP A 1 16 ? 7.999   3.385   5.084   1.00 86.37  ? 64  ASP A OD1 1 
ATOM   116  O OD2 . ASP A 1 16 ? 8.583   5.145   6.263   1.00 106.66 ? 64  ASP A OD2 1 
ATOM   117  N N   . CYS A 1 17 ? 5.179   1.902   4.563   1.00 69.91  ? 65  CYS A N   1 
ATOM   118  C CA  . CYS A 1 17 ? 4.258   1.741   3.437   1.00 68.41  ? 65  CYS A CA  1 
ATOM   119  C C   . CYS A 1 17 ? 4.037   0.294   2.977   1.00 67.76  ? 65  CYS A C   1 
ATOM   120  O O   . CYS A 1 17 ? 4.744   -0.630  3.386   1.00 62.28  ? 65  CYS A O   1 
ATOM   121  C CB  . CYS A 1 17 ? 4.739   2.602   2.261   1.00 66.31  ? 65  CYS A CB  1 
ATOM   122  S SG  . CYS A 1 17 ? 6.267   2.025   1.463   1.00 71.65  ? 65  CYS A SG  1 
ATOM   123  N N   . PHE A 1 18 ? 3.027   0.113   2.132   1.00 61.10  ? 66  PHE A N   1 
ATOM   124  C CA  . PHE A 1 18 ? 2.686   -1.202  1.610   1.00 54.39  ? 66  PHE A CA  1 
ATOM   125  C C   . PHE A 1 18 ? 3.433   -1.480  0.331   1.00 56.83  ? 66  PHE A C   1 
ATOM   126  O O   . PHE A 1 18 ? 3.621   -0.582  -0.489  1.00 60.36  ? 66  PHE A O   1 
ATOM   127  C CB  . PHE A 1 18 ? 1.199   -1.300  1.352   1.00 52.30  ? 66  PHE A CB  1 
ATOM   128  C CG  . PHE A 1 18 ? 0.376   -1.263  2.589   1.00 62.09  ? 66  PHE A CG  1 
ATOM   129  C CD1 . PHE A 1 18 ? 0.243   -0.085  3.322   1.00 63.17  ? 66  PHE A CD1 1 
ATOM   130  C CD2 . PHE A 1 18 ? -0.278  -2.412  3.034   1.00 64.80  ? 66  PHE A CD2 1 
ATOM   131  C CE1 . PHE A 1 18 ? -0.541  -0.046  4.487   1.00 63.83  ? 66  PHE A CE1 1 
ATOM   132  C CE2 . PHE A 1 18 ? -1.066  -2.386  4.207   1.00 64.78  ? 66  PHE A CE2 1 
ATOM   133  C CZ  . PHE A 1 18 ? -1.192  -1.204  4.927   1.00 59.27  ? 66  PHE A CZ  1 
ATOM   134  N N   . TYR A 1 19 ? 3.843   -2.728  0.155   1.00 50.97  ? 67  TYR A N   1 
ATOM   135  C CA  . TYR A 1 19 ? 4.565   -3.149  -1.034  1.00 44.74  ? 67  TYR A CA  1 
ATOM   136  C C   . TYR A 1 19 ? 3.761   -4.203  -1.748  1.00 49.95  ? 67  TYR A C   1 
ATOM   137  O O   . TYR A 1 19 ? 3.000   -4.929  -1.101  1.00 52.32  ? 67  TYR A O   1 
ATOM   138  C CB  . TYR A 1 19 ? 5.917   -3.707  -0.653  1.00 45.30  ? 67  TYR A CB  1 
ATOM   139  C CG  . TYR A 1 19 ? 6.887   -2.664  -0.179  1.00 49.11  ? 67  TYR A CG  1 
ATOM   140  C CD1 . TYR A 1 19 ? 6.849   -2.189  1.126   1.00 48.06  ? 67  TYR A CD1 1 
ATOM   141  C CD2 . TYR A 1 19 ? 7.859   -2.173  -1.031  1.00 51.85  ? 67  TYR A CD2 1 
ATOM   142  C CE1 . TYR A 1 19 ? 7.745   -1.222  1.551   1.00 59.46  ? 67  TYR A CE1 1 
ATOM   143  C CE2 . TYR A 1 19 ? 8.751   -1.220  -0.620  1.00 50.75  ? 67  TYR A CE2 1 
ATOM   144  C CZ  . TYR A 1 19 ? 8.703   -0.741  0.665   1.00 53.87  ? 67  TYR A CZ  1 
ATOM   145  O OH  . TYR A 1 19 ? 9.624   0.210   1.049   1.00 56.06  ? 67  TYR A OH  1 
ATOM   146  N N   . GLU A 1 20 ? 3.903   -4.328  -3.061  1.00 54.37  ? 68  GLU A N   1 
ATOM   147  C CA  . GLU A 1 20 ? 3.143   -5.384  -3.695  1.00 55.29  ? 68  GLU A CA  1 
ATOM   148  C C   . GLU A 1 20 ? 3.848   -6.698  -3.469  1.00 53.38  ? 68  GLU A C   1 
ATOM   149  O O   . GLU A 1 20 ? 5.045   -6.847  -3.764  1.00 52.84  ? 68  GLU A O   1 
ATOM   150  C CB  . GLU A 1 20 ? 2.918   -5.135  -5.180  1.00 56.69  ? 68  GLU A CB  1 
ATOM   151  C CG  . GLU A 1 20 ? 1.811   -6.050  -5.689  1.00 78.41  ? 68  GLU A CG  1 
ATOM   152  C CD  . GLU A 1 20 ? 0.968   -5.417  -6.741  1.00 102.22 ? 68  GLU A CD  1 
ATOM   153  O OE1 . GLU A 1 20 ? 1.246   -4.258  -7.104  1.00 92.81  ? 68  GLU A OE1 1 
ATOM   154  O OE2 . GLU A 1 20 ? 0.035   -6.094  -7.206  1.00 102.63 ? 68  GLU A OE2 1 
ATOM   155  N N   . ALA A 1 21 ? 3.107   -7.656  -2.924  1.00 55.39  ? 69  ALA A N   1 
ATOM   156  C CA  . ALA A 1 21 ? 3.730   -8.888  -2.475  1.00 52.06  ? 69  ALA A CA  1 
ATOM   157  C C   . ALA A 1 21 ? 2.975   -10.121 -2.945  1.00 57.98  ? 69  ALA A C   1 
ATOM   158  O O   . ALA A 1 21 ? 1.900   -10.012 -3.556  1.00 60.81  ? 69  ALA A O   1 
ATOM   159  C CB  . ALA A 1 21 ? 3.854   -8.885  -0.955  1.00 49.93  ? 69  ALA A CB  1 
ATOM   160  N N   . LYS A 1 22 ? 3.555   -11.281 -2.657  1.00 45.81  ? 70  LYS A N   1 
ATOM   161  C CA  . LYS A 1 22 ? 2.951   -12.558 -2.977  1.00 59.21  ? 70  LYS A CA  1 
ATOM   162  C C   . LYS A 1 22 ? 3.093   -13.492 -1.782  1.00 53.82  ? 70  LYS A C   1 
ATOM   163  O O   . LYS A 1 22 ? 4.161   -13.556 -1.160  1.00 51.44  ? 70  LYS A O   1 
ATOM   164  C CB  . LYS A 1 22 ? 3.612   -13.181 -4.222  1.00 64.46  ? 70  LYS A CB  1 
ATOM   165  C CG  . LYS A 1 22 ? 2.793   -14.287 -4.868  1.00 72.89  ? 70  LYS A CG  1 
ATOM   166  C CD  . LYS A 1 22 ? 3.673   -15.433 -5.349  1.00 73.39  ? 70  LYS A CD  1 
ATOM   167  C CE  . LYS A 1 22 ? 3.150   -16.024 -6.661  1.00 80.57  ? 70  LYS A CE  1 
ATOM   168  N NZ  . LYS A 1 22 ? 1.667   -15.982 -6.753  1.00 93.21  ? 70  LYS A NZ  1 
ATOM   169  N N   . VAL A 1 23 ? 2.034   -14.235 -1.479  1.00 54.50  ? 71  VAL A N   1 
ATOM   170  C CA  . VAL A 1 23 ? 2.035   -15.087 -0.302  1.00 57.71  ? 71  VAL A CA  1 
ATOM   171  C C   . VAL A 1 23 ? 2.653   -16.428 -0.618  1.00 56.38  ? 71  VAL A C   1 
ATOM   172  O O   . VAL A 1 23 ? 2.190   -17.133 -1.491  1.00 64.50  ? 71  VAL A O   1 
ATOM   173  C CB  . VAL A 1 23 ? 0.638   -15.285 0.231   1.00 60.14  ? 71  VAL A CB  1 
ATOM   174  C CG1 . VAL A 1 23 ? 0.712   -15.964 1.558   1.00 56.43  ? 71  VAL A CG1 1 
ATOM   175  C CG2 . VAL A 1 23 ? -0.055  -13.938 0.357   1.00 69.22  ? 71  VAL A CG2 1 
ATOM   176  N N   . LEU A 1 24 ? 3.717   -16.771 0.091   1.00 48.64  ? 72  LEU A N   1 
ATOM   177  C CA  . LEU A 1 24 ? 4.446   -18.000 -0.180  1.00 49.16  ? 72  LEU A CA  1 
ATOM   178  C C   . LEU A 1 24 ? 4.003   -19.124 0.763   1.00 56.05  ? 72  LEU A C   1 
ATOM   179  O O   . LEU A 1 24 ? 3.888   -20.265 0.361   1.00 66.67  ? 72  LEU A O   1 
ATOM   180  C CB  . LEU A 1 24 ? 5.962   -17.784 -0.049  1.00 51.49  ? 72  LEU A CB  1 
ATOM   181  C CG  . LEU A 1 24 ? 6.586   -16.708 -0.928  1.00 54.05  ? 72  LEU A CG  1 
ATOM   182  C CD1 . LEU A 1 24 ? 8.094   -16.869 -1.072  1.00 43.47  ? 72  LEU A CD1 1 
ATOM   183  C CD2 . LEU A 1 24 ? 5.906   -16.747 -2.274  1.00 52.74  ? 72  LEU A CD2 1 
ATOM   184  N N   . LYS A 1 25 ? 3.776   -18.800 2.024   1.00 52.76  ? 73  LYS A N   1 
ATOM   185  C CA  . LYS A 1 25 ? 3.328   -19.795 2.967   1.00 50.24  ? 73  LYS A CA  1 
ATOM   186  C C   . LYS A 1 25 ? 2.271   -19.225 3.881   1.00 55.99  ? 73  LYS A C   1 
ATOM   187  O O   . LYS A 1 25 ? 2.240   -18.035 4.155   1.00 54.63  ? 73  LYS A O   1 
ATOM   188  C CB  . LYS A 1 25 ? 4.482   -20.338 3.796   1.00 49.15  ? 73  LYS A CB  1 
ATOM   189  C CG  . LYS A 1 25 ? 5.325   -21.349 3.071   1.00 51.54  ? 73  LYS A CG  1 
ATOM   190  C CD  . LYS A 1 25 ? 6.439   -21.884 3.951   1.00 53.95  ? 73  LYS A CD  1 
ATOM   191  C CE  . LYS A 1 25 ? 7.700   -21.049 3.830   1.00 58.98  ? 73  LYS A CE  1 
ATOM   192  N NZ  . LYS A 1 25 ? 8.907   -21.684 4.439   1.00 66.52  ? 73  LYS A NZ  1 
ATOM   193  N N   . VAL A 1 26 ? 1.372   -20.082 4.325   1.00 57.01  ? 74  VAL A N   1 
ATOM   194  C CA  . VAL A 1 26 ? 0.481   -19.699 5.393   1.00 58.93  ? 74  VAL A CA  1 
ATOM   195  C C   . VAL A 1 26 ? 0.647   -20.686 6.517   1.00 60.48  ? 74  VAL A C   1 
ATOM   196  O O   . VAL A 1 26 ? 0.665   -21.895 6.297   1.00 67.68  ? 74  VAL A O   1 
ATOM   197  C CB  . VAL A 1 26 ? -0.964  -19.650 4.945   1.00 62.70  ? 74  VAL A CB  1 
ATOM   198  C CG1 . VAL A 1 26 ? -1.841  -19.286 6.119   1.00 68.84  ? 74  VAL A CG1 1 
ATOM   199  C CG2 . VAL A 1 26 ? -1.115  -18.620 3.836   1.00 67.56  ? 74  VAL A CG2 1 
ATOM   200  N N   . GLU A 1 27 ? 0.813   -20.174 7.725   1.00 54.76  ? 75  GLU A N   1 
ATOM   201  C CA  . GLU A 1 27 ? 1.070   -21.044 8.857   1.00 54.02  ? 75  GLU A CA  1 
ATOM   202  C C   . GLU A 1 27 ? 0.324   -20.564 10.082  1.00 62.66  ? 75  GLU A C   1 
ATOM   203  O O   . GLU A 1 27 ? 0.092   -19.362 10.276  1.00 61.89  ? 75  GLU A O   1 
ATOM   204  C CB  . GLU A 1 27 ? 2.568   -21.135 9.148   1.00 51.03  ? 75  GLU A CB  1 
ATOM   205  C CG  . GLU A 1 27 ? 3.387   -21.742 8.040   1.00 51.92  ? 75  GLU A CG  1 
ATOM   206  C CD  . GLU A 1 27 ? 4.722   -22.276 8.523   1.00 60.74  ? 75  GLU A CD  1 
ATOM   207  O OE1 . GLU A 1 27 ? 5.095   -22.053 9.699   1.00 64.55  ? 75  GLU A OE1 1 
ATOM   208  O OE2 . GLU A 1 27 ? 5.409   -22.939 7.720   1.00 70.35  ? 75  GLU A OE2 1 
ATOM   209  N N   . PHE A 1 28 ? -0.062  -21.522 10.907  1.00 66.39  ? 76  PHE A N   1 
ATOM   210  C CA  . PHE A 1 28 ? -0.668  -21.210 12.187  1.00 70.33  ? 76  PHE A CA  1 
ATOM   211  C C   . PHE A 1 28 ? 0.178   -21.796 13.312  1.00 68.10  ? 76  PHE A C   1 
ATOM   212  O O   . PHE A 1 28 ? 0.617   -22.946 13.225  1.00 65.74  ? 76  PHE A O   1 
ATOM   213  C CB  . PHE A 1 28 ? -2.084  -21.745 12.230  1.00 67.91  ? 76  PHE A CB  1 
ATOM   214  C CG  . PHE A 1 28 ? -2.866  -21.275 13.393  1.00 71.36  ? 76  PHE A CG  1 
ATOM   215  C CD1 . PHE A 1 28 ? -2.834  -21.977 14.602  1.00 68.63  ? 76  PHE A CD1 1 
ATOM   216  C CD2 . PHE A 1 28 ? -3.643  -20.124 13.288  1.00 73.57  ? 76  PHE A CD2 1 
ATOM   217  C CE1 . PHE A 1 28 ? -3.567  -21.536 15.692  1.00 69.99  ? 76  PHE A CE1 1 
ATOM   218  C CE2 . PHE A 1 28 ? -4.385  -19.668 14.365  1.00 74.66  ? 76  PHE A CE2 1 
ATOM   219  C CZ  . PHE A 1 28 ? -4.352  -20.374 15.574  1.00 75.06  ? 76  PHE A CZ  1 
ATOM   220  N N   . LYS A 1 29 ? 0.412   -21.008 14.359  1.00 69.36  ? 77  LYS A N   1 
ATOM   221  C CA  . LYS A 1 29 ? 1.205   -21.468 15.493  1.00 65.74  ? 77  LYS A CA  1 
ATOM   222  C C   . LYS A 1 29 ? 1.026   -20.517 16.663  1.00 75.33  ? 77  LYS A C   1 
ATOM   223  O O   . LYS A 1 29 ? 0.819   -19.308 16.458  1.00 73.37  ? 77  LYS A O   1 
ATOM   224  C CB  . LYS A 1 29 ? 2.686   -21.582 15.108  1.00 63.88  ? 77  LYS A CB  1 
ATOM   225  C CG  . LYS A 1 29 ? 3.522   -22.330 16.133  1.00 70.64  ? 77  LYS A CG  1 
ATOM   226  C CD  . LYS A 1 29 ? 4.924   -22.719 15.610  1.00 63.79  ? 77  LYS A CD  1 
ATOM   227  C CE  . LYS A 1 29 ? 5.724   -23.501 16.686  1.00 78.99  ? 77  LYS A CE  1 
ATOM   228  N NZ  . LYS A 1 29 ? 6.099   -22.687 17.880  1.00 80.54  ? 77  LYS A NZ  1 
ATOM   229  N N   . ASP A 1 30 ? 1.096   -21.078 17.874  1.00 79.94  ? 78  ASP A N   1 
ATOM   230  C CA  . ASP A 1 30 ? 0.936   -20.345 19.136  1.00 78.55  ? 78  ASP A CA  1 
ATOM   231  C C   . ASP A 1 30 ? -0.327  -19.503 19.166  1.00 73.07  ? 78  ASP A C   1 
ATOM   232  O O   . ASP A 1 30 ? -0.311  -18.388 19.669  1.00 75.93  ? 78  ASP A O   1 
ATOM   233  C CB  . ASP A 1 30 ? 2.149   -19.465 19.398  1.00 73.19  ? 78  ASP A CB  1 
ATOM   234  C CG  . ASP A 1 30 ? 3.392   -20.276 19.676  1.00 104.30 ? 78  ASP A CG  1 
ATOM   235  O OD1 . ASP A 1 30 ? 3.252   -21.481 19.979  1.00 103.33 ? 78  ASP A OD1 1 
ATOM   236  O OD2 . ASP A 1 30 ? 4.504   -19.717 19.589  1.00 101.27 ? 78  ASP A OD2 1 
ATOM   237  N N   . ASN A 1 31 ? -1.397  -20.046 18.597  1.00 71.83  ? 79  ASN A N   1 
ATOM   238  C CA  . ASN A 1 31 ? -2.709  -19.407 18.556  1.00 71.18  ? 79  ASN A CA  1 
ATOM   239  C C   . ASN A 1 31 ? -2.783  -18.225 17.600  1.00 72.19  ? 79  ASN A C   1 
ATOM   240  O O   . ASN A 1 31 ? -3.580  -17.313 17.798  1.00 74.19  ? 79  ASN A O   1 
ATOM   241  C CB  . ASN A 1 31 ? -3.136  -18.959 19.949  1.00 77.72  ? 79  ASN A CB  1 
ATOM   242  C CG  . ASN A 1 31 ? -4.575  -19.312 20.244  1.00 105.04 ? 79  ASN A CG  1 
ATOM   243  O OD1 . ASN A 1 31 ? -5.464  -19.119 19.404  1.00 90.77  ? 79  ASN A OD1 1 
ATOM   244  N ND2 . ASN A 1 31 ? -4.812  -19.866 21.427  1.00 117.51 ? 79  ASN A ND2 1 
ATOM   245  N N   . GLU A 1 32 ? -1.973  -18.258 16.546  1.00 73.38  ? 80  GLU A N   1 
ATOM   246  C CA  . GLU A 1 32 ? -1.874  -17.150 15.601  1.00 70.75  ? 80  GLU A CA  1 
ATOM   247  C C   . GLU A 1 32 ? -1.355  -17.485 14.229  1.00 65.85  ? 80  GLU A C   1 
ATOM   248  O O   . GLU A 1 32 ? -0.419  -18.272 14.063  1.00 61.74  ? 80  GLU A O   1 
ATOM   249  C CB  . GLU A 1 32 ? -0.941  -16.054 16.129  1.00 72.30  ? 80  GLU A CB  1 
ATOM   250  C CG  . GLU A 1 32 ? -1.373  -15.300 17.369  1.00 77.40  ? 80  GLU A CG  1 
ATOM   251  C CD  . GLU A 1 32 ? -0.151  -14.564 17.867  1.00 83.25  ? 80  GLU A CD  1 
ATOM   252  O OE1 . GLU A 1 32 ? 0.265   -13.492 17.229  1.00 75.69  ? 80  GLU A OE1 1 
ATOM   253  O OE2 . GLU A 1 32 ? 0.536   -15.209 18.780  1.00 89.29  ? 80  GLU A OE2 1 
ATOM   254  N N   . TRP A 1 33 ? -1.908  -16.763 13.265  1.00 61.52  ? 81  TRP A N   1 
ATOM   255  C CA  . TRP A 1 33 ? -1.526  -16.842 11.871  1.00 63.32  ? 81  TRP A CA  1 
ATOM   256  C C   . TRP A 1 33 ? -0.260  -16.058 11.594  1.00 62.91  ? 81  TRP A C   1 
ATOM   257  O O   . TRP A 1 33 ? -0.043  -14.999 12.191  1.00 65.45  ? 81  TRP A O   1 
ATOM   258  C CB  . TRP A 1 33 ? -2.652  -16.288 11.022  1.00 69.48  ? 81  TRP A CB  1 
ATOM   259  C CG  . TRP A 1 33 ? -3.807  -17.177 11.014  1.00 74.31  ? 81  TRP A CG  1 
ATOM   260  C CD1 . TRP A 1 33 ? -5.013  -16.977 11.619  1.00 85.82  ? 81  TRP A CD1 1 
ATOM   261  C CD2 . TRP A 1 33 ? -3.873  -18.453 10.387  1.00 77.39  ? 81  TRP A CD2 1 
ATOM   262  N NE1 . TRP A 1 33 ? -5.838  -18.054 11.386  1.00 87.67  ? 81  TRP A NE1 1 
ATOM   263  C CE2 . TRP A 1 33 ? -5.157  -18.975 10.630  1.00 84.76  ? 81  TRP A CE2 1 
ATOM   264  C CE3 . TRP A 1 33 ? -2.969  -19.207 9.636   1.00 75.21  ? 81  TRP A CE3 1 
ATOM   265  C CZ2 . TRP A 1 33 ? -5.556  -20.220 10.149  1.00 75.11  ? 81  TRP A CZ2 1 
ATOM   266  C CZ3 . TRP A 1 33 ? -3.367  -20.435 9.158   1.00 75.19  ? 81  TRP A CZ3 1 
ATOM   267  C CH2 . TRP A 1 33 ? -4.648  -20.932 9.415   1.00 74.54  ? 81  TRP A CH2 1 
ATOM   268  N N   . LYS A 1 34 ? 0.574   -16.560 10.686  1.00 58.02  ? 82  LYS A N   1 
ATOM   269  C CA  . LYS A 1 34 ? 1.713   -15.792 10.201  1.00 50.67  ? 82  LYS A CA  1 
ATOM   270  C C   . LYS A 1 34 ? 1.933   -16.129 8.728   1.00 53.46  ? 82  LYS A C   1 
ATOM   271  O O   . LYS A 1 34 ? 1.836   -17.277 8.321   1.00 59.70  ? 82  LYS A O   1 
ATOM   272  C CB  . LYS A 1 34 ? 2.965   -16.083 11.024  1.00 51.65  ? 82  LYS A CB  1 
ATOM   273  C CG  . LYS A 1 34 ? 3.355   -17.533 11.009  1.00 48.39  ? 82  LYS A CG  1 
ATOM   274  C CD  . LYS A 1 34 ? 4.789   -17.755 11.468  1.00 45.50  ? 82  LYS A CD  1 
ATOM   275  C CE  . LYS A 1 34 ? 4.887   -19.096 12.189  1.00 60.30  ? 82  LYS A CE  1 
ATOM   276  N NZ  . LYS A 1 34 ? 6.303   -19.492 12.416  1.00 63.15  ? 82  LYS A NZ  1 
ATOM   277  N N   . TYR A 1 35 ? 2.230   -15.123 7.924   1.00 59.40  ? 83  TYR A N   1 
ATOM   278  C CA  . TYR A 1 35 ? 2.279   -15.310 6.484   1.00 52.04  ? 83  TYR A CA  1 
ATOM   279  C C   . TYR A 1 35 ? 3.650   -14.979 5.915   1.00 50.86  ? 83  TYR A C   1 
ATOM   280  O O   . TYR A 1 35 ? 4.130   -13.860 6.055   1.00 58.75  ? 83  TYR A O   1 
ATOM   281  C CB  . TYR A 1 35 ? 1.213   -14.441 5.817   1.00 53.45  ? 83  TYR A CB  1 
ATOM   282  C CG  . TYR A 1 35 ? -0.177  -14.587 6.419   1.00 68.20  ? 83  TYR A CG  1 
ATOM   283  C CD1 . TYR A 1 35 ? -0.530  -13.958 7.620   1.00 67.55  ? 83  TYR A CD1 1 
ATOM   284  C CD2 . TYR A 1 35 ? -1.135  -15.363 5.792   1.00 72.69  ? 83  TYR A CD2 1 
ATOM   285  C CE1 . TYR A 1 35 ? -1.805  -14.098 8.159   1.00 65.89  ? 83  TYR A CE1 1 
ATOM   286  C CE2 . TYR A 1 35 ? -2.402  -15.512 6.326   1.00 77.60  ? 83  TYR A CE2 1 
ATOM   287  C CZ  . TYR A 1 35 ? -2.733  -14.883 7.507   1.00 71.37  ? 83  TYR A CZ  1 
ATOM   288  O OH  . TYR A 1 35 ? -4.002  -15.044 8.024   1.00 91.18  ? 83  TYR A OH  1 
ATOM   289  N N   . PHE A 1 36 ? 4.290   -15.952 5.281   1.00 47.68  ? 84  PHE A N   1 
ATOM   290  C CA  . PHE A 1 36 ? 5.566   -15.708 4.630   1.00 46.61  ? 84  PHE A CA  1 
ATOM   291  C C   . PHE A 1 36 ? 5.257   -15.071 3.282   1.00 52.46  ? 84  PHE A C   1 
ATOM   292  O O   . PHE A 1 36 ? 4.429   -15.618 2.527   1.00 52.91  ? 84  PHE A O   1 
ATOM   293  C CB  . PHE A 1 36 ? 6.329   -17.012 4.481   1.00 43.20  ? 84  PHE A CB  1 
ATOM   294  C CG  . PHE A 1 36 ? 7.784   -16.839 4.155   1.00 49.73  ? 84  PHE A CG  1 
ATOM   295  C CD1 . PHE A 1 36 ? 8.651   -16.237 5.066   1.00 44.85  ? 84  PHE A CD1 1 
ATOM   296  C CD2 . PHE A 1 36 ? 8.300   -17.312 2.946   1.00 52.34  ? 84  PHE A CD2 1 
ATOM   297  C CE1 . PHE A 1 36 ? 9.995   -16.083 4.771   1.00 45.18  ? 84  PHE A CE1 1 
ATOM   298  C CE2 . PHE A 1 36 ? 9.642   -17.161 2.641   1.00 48.66  ? 84  PHE A CE2 1 
ATOM   299  C CZ  . PHE A 1 36 ? 10.492  -16.542 3.560   1.00 52.05  ? 84  PHE A CZ  1 
ATOM   300  N N   . VAL A 1 37 ? 5.860   -13.906 2.996   1.00 46.13  ? 85  VAL A N   1 
ATOM   301  C CA  . VAL A 1 37 ? 5.629   -13.231 1.711   1.00 47.19  ? 85  VAL A CA  1 
ATOM   302  C C   . VAL A 1 37 ? 6.902   -12.902 0.928   1.00 43.94  ? 85  VAL A C   1 
ATOM   303  O O   . VAL A 1 37 ? 8.002   -12.749 1.477   1.00 40.38  ? 85  VAL A O   1 
ATOM   304  C CB  . VAL A 1 37 ? 4.824   -11.906 1.865   1.00 42.53  ? 85  VAL A CB  1 
ATOM   305  C CG1 . VAL A 1 37 ? 3.533   -12.122 2.640   1.00 47.66  ? 85  VAL A CG1 1 
ATOM   306  C CG2 . VAL A 1 37 ? 5.646   -10.868 2.552   1.00 37.95  ? 85  VAL A CG2 1 
ATOM   307  N N   . HIS A 1 38 ? 6.729   -12.833 -0.387  1.00 44.01  ? 86  HIS A N   1 
ATOM   308  C CA  . HIS A 1 38 ? 7.782   -12.369 -1.261  1.00 43.38  ? 86  HIS A CA  1 
ATOM   309  C C   . HIS A 1 38 ? 7.428   -10.967 -1.688  1.00 43.31  ? 86  HIS A C   1 
ATOM   310  O O   . HIS A 1 38 ? 6.267   -10.685 -2.009  1.00 44.10  ? 86  HIS A O   1 
ATOM   311  C CB  . HIS A 1 38 ? 7.947   -13.267 -2.476  1.00 41.24  ? 86  HIS A CB  1 
ATOM   312  C CG  . HIS A 1 38 ? 8.920   -12.738 -3.482  1.00 37.85  ? 86  HIS A CG  1 
ATOM   313  N ND1 . HIS A 1 38 ? 8.528   -12.103 -4.640  1.00 29.07  ? 86  HIS A ND1 1 
ATOM   314  C CD2 . HIS A 1 38 ? 10.274  -12.748 -3.495  1.00 38.46  ? 86  HIS A CD2 1 
ATOM   315  C CE1 . HIS A 1 38 ? 9.602   -11.735 -5.318  1.00 47.54  ? 86  HIS A CE1 1 
ATOM   316  N NE2 . HIS A 1 38 ? 10.673  -12.119 -4.646  1.00 41.89  ? 86  HIS A NE2 1 
ATOM   317  N N   . TYR A 1 39 ? 8.424   -10.092 -1.689  1.00 37.34  ? 87  TYR A N   1 
ATOM   318  C CA  . TYR A 1 39 ? 8.235   -8.733  -2.152  1.00 44.20  ? 87  TYR A CA  1 
ATOM   319  C C   . TYR A 1 39 ? 8.686   -8.612  -3.586  1.00 46.43  ? 87  TYR A C   1 
ATOM   320  O O   . TYR A 1 39 ? 9.892   -8.763  -3.875  1.00 42.29  ? 87  TYR A O   1 
ATOM   321  C CB  . TYR A 1 39 ? 9.001   -7.761  -1.268  1.00 40.32  ? 87  TYR A CB  1 
ATOM   322  C CG  . TYR A 1 39 ? 8.505   -7.721  0.153   1.00 38.75  ? 87  TYR A CG  1 
ATOM   323  C CD1 . TYR A 1 39 ? 7.300   -7.120  0.473   1.00 44.08  ? 87  TYR A CD1 1 
ATOM   324  C CD2 . TYR A 1 39 ? 9.275   -8.224  1.187   1.00 43.43  ? 87  TYR A CD2 1 
ATOM   325  C CE1 . TYR A 1 39 ? 6.862   -7.056  1.792   1.00 45.75  ? 87  TYR A CE1 1 
ATOM   326  C CE2 . TYR A 1 39 ? 8.851   -8.166  2.495   1.00 48.06  ? 87  TYR A CE2 1 
ATOM   327  C CZ  . TYR A 1 39 ? 7.648   -7.581  2.792   1.00 41.64  ? 87  TYR A CZ  1 
ATOM   328  O OH  . TYR A 1 39 ? 7.234   -7.528  4.098   1.00 45.91  ? 87  TYR A OH  1 
ATOM   329  N N   . ILE A 1 40 ? 7.720   -8.353  -4.474  1.00 42.85  ? 88  ILE A N   1 
ATOM   330  C CA  . ILE A 1 40 ? 7.972   -8.302  -5.921  1.00 45.45  ? 88  ILE A CA  1 
ATOM   331  C C   . ILE A 1 40 ? 8.993   -7.234  -6.202  1.00 41.07  ? 88  ILE A C   1 
ATOM   332  O O   . ILE A 1 40 ? 8.861   -6.136  -5.697  1.00 47.20  ? 88  ILE A O   1 
ATOM   333  C CB  . ILE A 1 40 ? 6.694   -7.999  -6.721  1.00 42.99  ? 88  ILE A CB  1 
ATOM   334  C CG1 . ILE A 1 40 ? 5.657   -9.104  -6.516  1.00 53.29  ? 88  ILE A CG1 1 
ATOM   335  C CG2 . ILE A 1 40 ? 7.013   -7.917  -8.171  1.00 52.55  ? 88  ILE A CG2 1 
ATOM   336  C CD1 . ILE A 1 40 ? 4.279   -8.610  -6.326  1.00 49.23  ? 88  ILE A CD1 1 
ATOM   337  N N   . GLY A 1 41 ? 10.022  -7.553  -6.970  1.00 37.16  ? 89  GLY A N   1 
ATOM   338  C CA  . GLY A 1 41 ? 11.127  -6.624  -7.156  1.00 39.09  ? 89  GLY A CA  1 
ATOM   339  C C   . GLY A 1 41 ? 12.333  -6.884  -6.268  1.00 41.26  ? 89  GLY A C   1 
ATOM   340  O O   . GLY A 1 41 ? 13.414  -6.324  -6.486  1.00 48.66  ? 89  GLY A O   1 
ATOM   341  N N   . TRP A 1 42 ? 12.156  -7.742  -5.265  1.00 42.35  ? 90  TRP A N   1 
ATOM   342  C CA  . TRP A 1 42 ? 13.221  -8.046  -4.306  1.00 49.08  ? 90  TRP A CA  1 
ATOM   343  C C   . TRP A 1 42 ? 13.416  -9.544  -4.168  1.00 44.66  ? 90  TRP A C   1 
ATOM   344  O O   . TRP A 1 42 ? 12.455  -10.298 -3.944  1.00 44.29  ? 90  TRP A O   1 
ATOM   345  C CB  . TRP A 1 42 ? 12.887  -7.476  -2.938  1.00 43.47  ? 90  TRP A CB  1 
ATOM   346  C CG  . TRP A 1 42 ? 12.557  -6.052  -2.933  1.00 46.13  ? 90  TRP A CG  1 
ATOM   347  C CD1 . TRP A 1 42 ? 11.349  -5.485  -3.255  1.00 49.66  ? 90  TRP A CD1 1 
ATOM   348  C CD2 . TRP A 1 42 ? 13.415  -4.975  -2.542  1.00 45.01  ? 90  TRP A CD2 1 
ATOM   349  N NE1 . TRP A 1 42 ? 11.420  -4.114  -3.097  1.00 47.09  ? 90  TRP A NE1 1 
ATOM   350  C CE2 . TRP A 1 42 ? 12.678  -3.785  -2.664  1.00 43.81  ? 90  TRP A CE2 1 
ATOM   351  C CE3 . TRP A 1 42 ? 14.735  -4.904  -2.111  1.00 45.51  ? 90  TRP A CE3 1 
ATOM   352  C CZ2 . TRP A 1 42 ? 13.226  -2.543  -2.370  1.00 50.62  ? 90  TRP A CZ2 1 
ATOM   353  C CZ3 . TRP A 1 42 ? 15.278  -3.671  -1.820  1.00 51.58  ? 90  TRP A CZ3 1 
ATOM   354  C CH2 . TRP A 1 42 ? 14.530  -2.506  -1.947  1.00 53.19  ? 90  TRP A CH2 1 
ATOM   355  N N   . ASN A 1 43 ? 14.664  -9.959  -4.308  1.00 40.91  ? 91  ASN A N   1 
ATOM   356  C CA  . ASN A 1 43 ? 15.172  -11.298 -3.953  1.00 42.92  ? 91  ASN A CA  1 
ATOM   357  C C   . ASN A 1 43 ? 14.505  -12.066 -2.814  1.00 45.42  ? 91  ASN A C   1 
ATOM   358  O O   . ASN A 1 43 ? 13.773  -11.510 -2.000  1.00 42.75  ? 91  ASN A O   1 
ATOM   359  C CB  . ASN A 1 43 ? 16.617  -11.142 -3.555  1.00 48.61  ? 91  ASN A CB  1 
ATOM   360  C CG  . ASN A 1 43 ? 17.472  -12.073 -4.218  1.00 46.27  ? 91  ASN A CG  1 
ATOM   361  O OD1 . ASN A 1 43 ? 17.083  -12.664 -5.216  1.00 52.73  ? 91  ASN A OD1 1 
ATOM   362  N ND2 . ASN A 1 43 ? 18.693  -12.195 -3.730  1.00 48.25  ? 91  ASN A ND2 1 
ATOM   363  N N   . LYS A 1 44 ? 14.804  -13.351 -2.747  1.00 54.19  ? 92  LYS A N   1 
ATOM   364  C CA  . LYS A 1 44 ? 14.404  -14.193 -1.633  1.00 49.13  ? 92  LYS A CA  1 
ATOM   365  C C   . LYS A 1 44 ? 14.959  -13.604 -0.342  1.00 48.11  ? 92  LYS A C   1 
ATOM   366  O O   . LYS A 1 44 ? 14.295  -13.673 0.680   1.00 45.04  ? 92  LYS A O   1 
ATOM   367  C CB  . LYS A 1 44 ? 14.903  -15.630 -1.843  1.00 51.35  ? 92  LYS A CB  1 
ATOM   368  C CG  . LYS A 1 44 ? 16.436  -15.751 -1.798  1.00 59.42  ? 92  LYS A CG  1 
ATOM   369  C CD  . LYS A 1 44 ? 16.905  -17.199 -1.935  1.00 66.65  ? 92  LYS A CD  1 
ATOM   370  C CE  . LYS A 1 44 ? 18.311  -17.310 -2.583  1.00 102.12 ? 92  LYS A CE  1 
ATOM   371  N NZ  . LYS A 1 44 ? 18.611  -16.435 -3.757  1.00 74.30  ? 92  LYS A NZ  1 
ATOM   372  N N   . SER A 1 45 ? 16.138  -12.979 -0.395  1.00 43.73  ? 93  SER A N   1 
ATOM   373  C CA  . SER A 1 45 ? 16.756  -12.396 0.805   1.00 48.41  ? 93  SER A CA  1 
ATOM   374  C C   . SER A 1 45 ? 15.753  -11.619 1.641   1.00 46.99  ? 93  SER A C   1 
ATOM   375  O O   . SER A 1 45 ? 15.751  -11.693 2.870   1.00 51.58  ? 93  SER A O   1 
ATOM   376  C CB  . SER A 1 45 ? 17.902  -11.453 0.433   1.00 50.80  ? 93  SER A CB  1 
ATOM   377  O OG  . SER A 1 45 ? 18.901  -12.111 -0.302  1.00 54.45  ? 93  SER A OG  1 
ATOM   378  N N   . TRP A 1 46 ? 14.877  -10.901 0.949   1.00 42.40  ? 94  TRP A N   1 
ATOM   379  C CA  . TRP A 1 46 ? 13.980  -9.950  1.572   1.00 39.69  ? 94  TRP A CA  1 
ATOM   380  C C   . TRP A 1 46 ? 12.655  -10.582 1.904   1.00 44.87  ? 94  TRP A C   1 
ATOM   381  O O   . TRP A 1 46 ? 11.821  -9.934  2.544   1.00 53.98  ? 94  TRP A O   1 
ATOM   382  C CB  . TRP A 1 46 ? 13.782  -8.736  0.656   1.00 38.48  ? 94  TRP A CB  1 
ATOM   383  C CG  . TRP A 1 46 ? 14.949  -7.751  0.667   1.00 44.13  ? 94  TRP A CG  1 
ATOM   384  C CD1 . TRP A 1 46 ? 15.140  -6.729  1.543   1.00 44.64  ? 94  TRP A CD1 1 
ATOM   385  C CD2 . TRP A 1 46 ? 16.067  -7.711  -0.239  1.00 40.81  ? 94  TRP A CD2 1 
ATOM   386  N NE1 . TRP A 1 46 ? 16.298  -6.057  1.241   1.00 40.46  ? 94  TRP A NE1 1 
ATOM   387  C CE2 . TRP A 1 46 ? 16.880  -6.637  0.151   1.00 44.24  ? 94  TRP A CE2 1 
ATOM   388  C CE3 . TRP A 1 46 ? 16.452  -8.472  -1.334  1.00 43.70  ? 94  TRP A CE3 1 
ATOM   389  C CZ2 . TRP A 1 46 ? 18.060  -6.311  -0.517  1.00 43.40  ? 94  TRP A CZ2 1 
ATOM   390  C CZ3 . TRP A 1 46 ? 17.629  -8.142  -1.993  1.00 47.13  ? 94  TRP A CZ3 1 
ATOM   391  C CH2 . TRP A 1 46 ? 18.413  -7.074  -1.584  1.00 47.22  ? 94  TRP A CH2 1 
ATOM   392  N N   . ASP A 1 47 ? 12.441  -11.833 1.477   1.00 45.50  ? 95  ASP A N   1 
ATOM   393  C CA  . ASP A 1 47 ? 11.251  -12.583 1.891   1.00 48.64  ? 95  ASP A CA  1 
ATOM   394  C C   . ASP A 1 47 ? 11.194  -12.642 3.416   1.00 49.44  ? 95  ASP A C   1 
ATOM   395  O O   . ASP A 1 47 ? 12.237  -12.854 4.063   1.00 48.60  ? 95  ASP A O   1 
ATOM   396  C CB  . ASP A 1 47 ? 11.275  -14.012 1.318   1.00 46.21  ? 95  ASP A CB  1 
ATOM   397  C CG  . ASP A 1 47 ? 11.140  -14.045 -0.185  1.00 48.59  ? 95  ASP A CG  1 
ATOM   398  O OD1 . ASP A 1 47 ? 10.881  -12.976 -0.775  1.00 51.29  ? 95  ASP A OD1 1 
ATOM   399  O OD2 . ASP A 1 47 ? 11.261  -15.134 -0.773  1.00 52.86  ? 95  ASP A OD2 1 
ATOM   400  N N   . GLU A 1 48 ? 10.007  -12.476 4.003   1.00 46.15  ? 96  GLU A N   1 
ATOM   401  C CA  . GLU A 1 48 ? 9.894   -12.522 5.473   1.00 45.76  ? 96  GLU A CA  1 
ATOM   402  C C   . GLU A 1 48 ? 8.527   -12.907 5.987   1.00 50.69  ? 96  GLU A C   1 
ATOM   403  O O   . GLU A 1 48 ? 7.536   -12.722 5.291   1.00 45.27  ? 96  GLU A O   1 
ATOM   404  C CB  . GLU A 1 48 ? 10.273  -11.156 6.073   1.00 48.89  ? 96  GLU A CB  1 
ATOM   405  C CG  . GLU A 1 48 ? 9.214   -10.067 5.874   1.00 44.88  ? 96  GLU A CG  1 
ATOM   406  C CD  . GLU A 1 48 ? 9.656   -8.680  6.359   1.00 57.37  ? 96  GLU A CD  1 
ATOM   407  O OE1 . GLU A 1 48 ? 8.960   -7.707  6.006   1.00 50.30  ? 96  GLU A OE1 1 
ATOM   408  O OE2 . GLU A 1 48 ? 10.677  -8.562  7.100   1.00 63.83  ? 96  GLU A OE2 1 
ATOM   409  N N   . TRP A 1 49 ? 8.462   -13.400 7.225   1.00 49.60  ? 97  TRP A N   1 
ATOM   410  C CA  . TRP A 1 49 ? 7.169   -13.629 7.900   1.00 42.49  ? 97  TRP A CA  1 
ATOM   411  C C   . TRP A 1 49 ? 6.514   -12.325 8.375   1.00 42.65  ? 97  TRP A C   1 
ATOM   412  O O   . TRP A 1 49 ? 7.206   -11.399 8.802   1.00 44.82  ? 97  TRP A O   1 
ATOM   413  C CB  . TRP A 1 49 ? 7.362   -14.537 9.088   1.00 51.18  ? 97  TRP A CB  1 
ATOM   414  C CG  . TRP A 1 49 ? 7.721   -15.909 8.707   1.00 51.45  ? 97  TRP A CG  1 
ATOM   415  C CD1 . TRP A 1 49 ? 8.973   -16.468 8.703   1.00 40.32  ? 97  TRP A CD1 1 
ATOM   416  C CD2 . TRP A 1 49 ? 6.821   -16.928 8.280   1.00 43.22  ? 97  TRP A CD2 1 
ATOM   417  N NE1 . TRP A 1 49 ? 8.893   -17.768 8.295   1.00 47.34  ? 97  TRP A NE1 1 
ATOM   418  C CE2 . TRP A 1 49 ? 7.584   -18.074 8.024   1.00 49.73  ? 97  TRP A CE2 1 
ATOM   419  C CE3 . TRP A 1 49 ? 5.444   -16.980 8.088   1.00 46.18  ? 97  TRP A CE3 1 
ATOM   420  C CZ2 . TRP A 1 49 ? 7.010   -19.260 7.570   1.00 48.93  ? 97  TRP A CZ2 1 
ATOM   421  C CZ3 . TRP A 1 49 ? 4.880   -18.153 7.645   1.00 52.80  ? 97  TRP A CZ3 1 
ATOM   422  C CH2 . TRP A 1 49 ? 5.661   -19.277 7.386   1.00 51.19  ? 97  TRP A CH2 1 
ATOM   423  N N   . ILE A 1 50 ? 5.187   -12.267 8.330   1.00 44.17  ? 98  ILE A N   1 
ATOM   424  C CA  . ILE A 1 50 ? 4.435   -11.091 8.771   1.00 43.24  ? 98  ILE A CA  1 
ATOM   425  C C   . ILE A 1 50 ? 3.075   -11.474 9.311   1.00 42.56  ? 98  ILE A C   1 
ATOM   426  O O   . ILE A 1 50 ? 2.549   -12.506 8.972   1.00 41.88  ? 98  ILE A O   1 
ATOM   427  C CB  . ILE A 1 50 ? 4.186   -10.071 7.626   1.00 42.48  ? 98  ILE A CB  1 
ATOM   428  C CG1 . ILE A 1 50 ? 3.302   -10.688 6.577   1.00 46.40  ? 98  ILE A CG1 1 
ATOM   429  C CG2 . ILE A 1 50 ? 5.460   -9.553  6.982   1.00 47.69  ? 98  ILE A CG2 1 
ATOM   430  C CD1 . ILE A 1 50 ? 2.820   -9.683  5.598   1.00 48.49  ? 98  ILE A CD1 1 
ATOM   431  N N   . ARG A 1 51 ? 2.479   -10.610 10.120  1.00 51.43  ? 99  ARG A N   1 
ATOM   432  C CA  . ARG A 1 51 ? 1.159   -10.889 10.680  1.00 49.80  ? 99  ARG A CA  1 
ATOM   433  C C   . ARG A 1 51 ? 0.038   -10.394 9.788   1.00 55.07  ? 99  ARG A C   1 
ATOM   434  O O   . ARG A 1 51 ? 0.254   -9.599  8.864   1.00 56.12  ? 99  ARG A O   1 
ATOM   435  C CB  . ARG A 1 51 ? 1.020   -10.238 12.048  1.00 47.68  ? 99  ARG A CB  1 
ATOM   436  C CG  . ARG A 1 51 ? 1.987   -10.759 13.049  1.00 55.37  ? 99  ARG A CG  1 
ATOM   437  C CD  . ARG A 1 51 ? 1.691   -12.196 13.350  1.00 52.39  ? 99  ARG A CD  1 
ATOM   438  N NE  . ARG A 1 51 ? 2.428   -12.600 14.536  1.00 61.95  ? 99  ARG A NE  1 
ATOM   439  C CZ  . ARG A 1 51 ? 2.619   -13.857 14.910  1.00 64.99  ? 99  ARG A CZ  1 
ATOM   440  N NH1 . ARG A 1 51 ? 2.128   -14.872 14.199  1.00 51.97  ? 99  ARG A NH1 1 
ATOM   441  N NH2 . ARG A 1 51 ? 3.302   -14.089 16.009  1.00 55.03  ? 99  ARG A NH2 1 
ATOM   442  N N   . LEU A 1 52 ? -1.167  -10.845 10.095  1.00 60.79  ? 100 LEU A N   1 
ATOM   443  C CA  . LEU A 1 52 ? -2.352  -10.433 9.367   1.00 63.83  ? 100 LEU A CA  1 
ATOM   444  C C   . LEU A 1 52 ? -2.471  -8.906  9.278   1.00 61.02  ? 100 LEU A C   1 
ATOM   445  O O   . LEU A 1 52 ? -2.794  -8.371  8.219   1.00 62.94  ? 100 LEU A O   1 
ATOM   446  C CB  . LEU A 1 52 ? -3.591  -11.028 10.022  1.00 66.02  ? 100 LEU A CB  1 
ATOM   447  C CG  . LEU A 1 52 ? -4.930  -10.879 9.302   1.00 73.26  ? 100 LEU A CG  1 
ATOM   448  C CD1 . LEU A 1 52 ? -4.742  -11.102 7.812   1.00 73.72  ? 100 LEU A CD1 1 
ATOM   449  C CD2 . LEU A 1 52 ? -5.959  -11.862 9.850   1.00 87.82  ? 100 LEU A CD2 1 
ATOM   450  N N   . ASP A 1 53 ? -2.181  -8.209  10.374  1.00 63.13  ? 101 ASP A N   1 
ATOM   451  C CA  . ASP A 1 53 ? -2.239  -6.737  10.428  1.00 71.70  ? 101 ASP A CA  1 
ATOM   452  C C   . ASP A 1 53 ? -1.690  -6.096  9.166   1.00 70.99  ? 101 ASP A C   1 
ATOM   453  O O   . ASP A 1 53 ? -2.245  -5.130  8.658   1.00 74.14  ? 101 ASP A O   1 
ATOM   454  C CB  . ASP A 1 53 ? -1.409  -6.199  11.594  1.00 68.99  ? 101 ASP A CB  1 
ATOM   455  C CG  . ASP A 1 53 ? -1.252  -7.206  12.704  1.00 83.26  ? 101 ASP A CG  1 
ATOM   456  O OD1 . ASP A 1 53 ? -2.020  -8.207  12.742  1.00 85.50  ? 101 ASP A OD1 1 
ATOM   457  O OD2 . ASP A 1 53 ? -0.335  -6.998  13.530  1.00 94.07  ? 101 ASP A OD2 1 
ATOM   458  N N   . CYS A 1 54 ? -0.582  -6.663  8.690   1.00 68.73  ? 102 CYS A N   1 
ATOM   459  C CA  . CYS A 1 54 ? 0.256   -6.063  7.672   1.00 64.74  ? 102 CYS A CA  1 
ATOM   460  C C   . CYS A 1 54 ? -0.168  -6.437  6.271   1.00 65.16  ? 102 CYS A C   1 
ATOM   461  O O   . CYS A 1 54 ? 0.436   -5.978  5.300   1.00 65.58  ? 102 CYS A O   1 
ATOM   462  C CB  . CYS A 1 54 ? 1.703   -6.473  7.905   1.00 61.15  ? 102 CYS A CB  1 
ATOM   463  S SG  . CYS A 1 54 ? 2.304   -5.950  9.497   1.00 76.58  ? 102 CYS A SG  1 
ATOM   464  N N   . LEU A 1 55 ? -1.198  -7.271  6.167   1.00 64.44  ? 103 LEU A N   1 
ATOM   465  C CA  . LEU A 1 55 ? -1.683  -7.722  4.872   1.00 65.09  ? 103 LEU A CA  1 
ATOM   466  C C   . LEU A 1 55 ? -2.892  -6.926  4.429   1.00 68.39  ? 103 LEU A C   1 
ATOM   467  O O   . LEU A 1 55 ? -3.692  -6.460  5.244   1.00 68.13  ? 103 LEU A O   1 
ATOM   468  C CB  . LEU A 1 55 ? -2.026  -9.205  4.920   1.00 67.03  ? 103 LEU A CB  1 
ATOM   469  C CG  . LEU A 1 55 ? -0.783  -10.081 4.928   1.00 63.71  ? 103 LEU A CG  1 
ATOM   470  C CD1 . LEU A 1 55 ? -1.166  -11.478 5.267   1.00 61.93  ? 103 LEU A CD1 1 
ATOM   471  C CD2 . LEU A 1 55 ? -0.169  -10.018 3.551   1.00 57.06  ? 103 LEU A CD2 1 
ATOM   472  N N   . LEU A 1 56 ? -3.006  -6.754  3.120   1.00 69.95  ? 104 LEU A N   1 
ATOM   473  C CA  . LEU A 1 56 ? -4.159  -6.105  2.517   1.00 69.26  ? 104 LEU A CA  1 
ATOM   474  C C   . LEU A 1 56 ? -4.532  -6.850  1.237   1.00 77.08  ? 104 LEU A C   1 
ATOM   475  O O   . LEU A 1 56 ? -3.662  -7.098  0.401   1.00 73.61  ? 104 LEU A O   1 
ATOM   476  C CB  . LEU A 1 56 ? -3.826  -4.645  2.220   1.00 70.29  ? 104 LEU A CB  1 
ATOM   477  C CG  . LEU A 1 56 ? -4.213  -3.587  3.254   1.00 68.19  ? 104 LEU A CG  1 
ATOM   478  C CD1 . LEU A 1 56 ? -4.258  -2.228  2.605   1.00 75.44  ? 104 LEU A CD1 1 
ATOM   479  C CD2 . LEU A 1 56 ? -5.552  -3.906  3.901   1.00 62.98  ? 104 LEU A CD2 1 
ATOM   480  N N   . LYS A 1 57 ? -5.802  -7.227  1.099   1.00 81.74  ? 105 LYS A N   1 
ATOM   481  C CA  . LYS A 1 57 ? -6.361  -7.822  -0.125  1.00 86.66  ? 105 LYS A CA  1 
ATOM   482  C C   . LYS A 1 57 ? -6.077  -6.955  -1.347  1.00 91.19  ? 105 LYS A C   1 
ATOM   483  O O   . LYS A 1 57 ? -6.146  -5.740  -1.233  1.00 92.96  ? 105 LYS A O   1 
ATOM   484  C CB  . LYS A 1 57 ? -7.876  -7.949  0.039   1.00 81.25  ? 105 LYS A CB  1 
ATOM   485  C CG  . LYS A 1 57 ? -8.305  -9.190  0.779   1.00 85.69  ? 105 LYS A CG  1 
ATOM   486  C CD  . LYS A 1 57 ? -8.119  -10.416 -0.084  1.00 79.46  ? 105 LYS A CD  1 
ATOM   487  C CE  . LYS A 1 57 ? -8.314  -11.682 0.735   1.00 73.93  ? 105 LYS A CE  1 
ATOM   488  N NZ  . LYS A 1 57 ? -7.668  -12.853 0.075   1.00 82.70  ? 105 LYS A NZ  1 
ATOM   489  N N   . HIS A 1 58 ? -5.763  -7.503  -2.515  1.00 90.24  ? 106 HIS A N   1 
ATOM   490  C CA  . HIS A 1 58 ? -5.547  -6.551  -3.591  1.00 96.50  ? 106 HIS A CA  1 
ATOM   491  C C   . HIS A 1 58 ? -6.854  -5.795  -3.930  1.00 101.83 ? 106 HIS A C   1 
ATOM   492  O O   . HIS A 1 58 ? -7.430  -5.977  -4.985  1.00 111.27 ? 106 HIS A O   1 
ATOM   493  C CB  . HIS A 1 58 ? -5.048  -7.132  -4.914  1.00 98.15  ? 106 HIS A CB  1 
ATOM   494  C CG  . HIS A 1 58 ? -4.094  -6.206  -5.599  1.00 112.42 ? 106 HIS A CG  1 
ATOM   495  N ND1 . HIS A 1 58 ? -3.269  -6.585  -6.638  1.00 116.60 ? 106 HIS A ND1 1 
ATOM   496  C CD2 . HIS A 1 58 ? -3.695  -4.975  -5.221  1.00 124.08 ? 106 HIS A CD2 1 
ATOM   497  C CE1 . HIS A 1 58 ? -2.523  -5.537  -6.982  1.00 113.34 ? 106 HIS A CE1 1 
ATOM   498  N NE2 . HIS A 1 58 ? -2.733  -4.573  -6.116  1.00 118.95 ? 106 HIS A NE2 1 
ATOM   499  N N   . HIS B 1 3  ? -12.526 10.248  -9.006  1.00 100.18 ? 51  HIS B N   1 
ATOM   500  C CA  . HIS B 1 3  ? -13.282 9.064   -8.608  1.00 119.37 ? 51  HIS B CA  1 
ATOM   501  C C   . HIS B 1 3  ? -13.104 8.772   -7.120  1.00 114.42 ? 51  HIS B C   1 
ATOM   502  O O   . HIS B 1 3  ? -13.547 7.743   -6.607  1.00 106.75 ? 51  HIS B O   1 
ATOM   503  C CB  . HIS B 1 3  ? -12.865 7.850   -9.435  1.00 109.98 ? 51  HIS B CB  1 
ATOM   504  C CG  . HIS B 1 3  ? -13.947 6.824   -9.574  1.00 134.06 ? 51  HIS B CG  1 
ATOM   505  N ND1 . HIS B 1 3  ? -14.928 6.642   -8.621  1.00 128.29 ? 51  HIS B ND1 1 
ATOM   506  C CD2 . HIS B 1 3  ? -14.206 5.926   -10.553 1.00 130.98 ? 51  HIS B CD2 1 
ATOM   507  C CE1 . HIS B 1 3  ? -15.744 5.678   -9.007  1.00 127.43 ? 51  HIS B CE1 1 
ATOM   508  N NE2 . HIS B 1 3  ? -15.327 5.225   -10.177 1.00 132.01 ? 51  HIS B NE2 1 
ATOM   509  N N   . PHE B 1 4  ? -12.436 9.686   -6.435  1.00 109.75 ? 52  PHE B N   1 
ATOM   510  C CA  . PHE B 1 4  ? -12.266 9.598   -4.994  1.00 111.57 ? 52  PHE B CA  1 
ATOM   511  C C   . PHE B 1 4  ? -12.791 10.902  -4.407  1.00 114.66 ? 52  PHE B C   1 
ATOM   512  O O   . PHE B 1 4  ? -12.528 11.966  -4.959  1.00 116.69 ? 52  PHE B O   1 
ATOM   513  C CB  . PHE B 1 4  ? -10.793 9.385   -4.609  1.00 102.58 ? 52  PHE B CB  1 
ATOM   514  C CG  . PHE B 1 4  ? -10.180 8.116   -5.154  1.00 96.07  ? 52  PHE B CG  1 
ATOM   515  C CD1 . PHE B 1 4  ? -10.051 7.909   -6.522  1.00 102.19 ? 52  PHE B CD1 1 
ATOM   516  C CD2 . PHE B 1 4  ? -9.717  7.138   -4.286  1.00 94.16  ? 52  PHE B CD2 1 
ATOM   517  C CE1 . PHE B 1 4  ? -9.485  6.752   -7.011  1.00 94.57  ? 52  PHE B CE1 1 
ATOM   518  C CE2 . PHE B 1 4  ? -9.148  5.976   -4.762  1.00 87.47  ? 52  PHE B CE2 1 
ATOM   519  C CZ  . PHE B 1 4  ? -9.029  5.781   -6.125  1.00 88.31  ? 52  PHE B CZ  1 
ATOM   520  N N   . GLU B 1 5  ? -13.539 10.849  -3.312  1.00 105.06 ? 53  GLU B N   1 
ATOM   521  C CA  . GLU B 1 5  ? -14.074 12.090  -2.762  1.00 102.38 ? 53  GLU B CA  1 
ATOM   522  C C   . GLU B 1 5  ? -13.006 12.773  -1.938  1.00 99.07  ? 53  GLU B C   1 
ATOM   523  O O   . GLU B 1 5  ? -12.132 12.114  -1.382  1.00 94.76  ? 53  GLU B O   1 
ATOM   524  C CB  . GLU B 1 5  ? -15.334 11.833  -1.930  1.00 108.46 ? 53  GLU B CB  1 
ATOM   525  C CG  . GLU B 1 5  ? -16.135 10.596  -2.349  1.00 117.22 ? 53  GLU B CG  1 
ATOM   526  C CD  . GLU B 1 5  ? -16.574 10.604  -3.816  1.00 126.96 ? 53  GLU B CD  1 
ATOM   527  O OE1 . GLU B 1 5  ? -16.410 11.631  -4.508  1.00 124.94 ? 53  GLU B OE1 1 
ATOM   528  O OE2 . GLU B 1 5  ? -17.079 9.563   -4.286  1.00 122.51 ? 53  GLU B OE2 1 
ATOM   529  N N   . GLU B 1 6  ? -13.058 14.100  -1.890  1.00 97.84  ? 54  GLU B N   1 
ATOM   530  C CA  . GLU B 1 6  ? -12.074 14.870  -1.139  1.00 92.34  ? 54  GLU B CA  1 
ATOM   531  C C   . GLU B 1 6  ? -12.135 14.438  0.324   1.00 98.13  ? 54  GLU B C   1 
ATOM   532  O O   . GLU B 1 6  ? -13.189 13.989  0.797   1.00 100.45 ? 54  GLU B O   1 
ATOM   533  C CB  . GLU B 1 6  ? -12.319 16.374  -1.304  1.00 89.20  ? 54  GLU B CB  1 
ATOM   534  C CG  . GLU B 1 6  ? -12.070 16.861  -2.727  1.00 93.31  ? 54  GLU B CG  1 
ATOM   535  C CD  . GLU B 1 6  ? -12.472 18.300  -2.954  1.00 95.68  ? 54  GLU B CD  1 
ATOM   536  O OE1 . GLU B 1 6  ? -13.138 18.892  -2.075  1.00 101.01 ? 54  GLU B OE1 1 
ATOM   537  O OE2 . GLU B 1 6  ? -12.125 18.833  -4.028  1.00 89.41  ? 54  GLU B OE2 1 
ATOM   538  N N   . GLY B 1 7  ? -11.003 14.517  1.020   1.00 97.19  ? 55  GLY B N   1 
ATOM   539  C CA  . GLY B 1 7  ? -10.940 14.093  2.409   1.00 94.62  ? 55  GLY B CA  1 
ATOM   540  C C   . GLY B 1 7  ? -10.845 12.585  2.609   1.00 97.99  ? 55  GLY B C   1 
ATOM   541  O O   . GLY B 1 7  ? -10.630 12.116  3.732   1.00 101.65 ? 55  GLY B O   1 
ATOM   542  N N   . GLU B 1 8  ? -10.999 11.823  1.531   1.00 95.81  ? 56  GLU B N   1 
ATOM   543  C CA  . GLU B 1 8  ? -11.009 10.369  1.621   1.00 98.36  ? 56  GLU B CA  1 
ATOM   544  C C   . GLU B 1 8  ? -9.658  9.836   2.081   1.00 99.74  ? 56  GLU B C   1 
ATOM   545  O O   . GLU B 1 8  ? -8.629  10.508  1.949   1.00 93.67  ? 56  GLU B O   1 
ATOM   546  C CB  . GLU B 1 8  ? -11.388 9.776   0.272   1.00 102.80 ? 56  GLU B CB  1 
ATOM   547  C CG  . GLU B 1 8  ? -11.795 8.322   0.269   1.00 95.85  ? 56  GLU B CG  1 
ATOM   548  C CD  . GLU B 1 8  ? -12.342 7.932   -1.082  1.00 99.99  ? 56  GLU B CD  1 
ATOM   549  O OE1 . GLU B 1 8  ? -12.500 8.837   -1.924  1.00 104.63 ? 56  GLU B OE1 1 
ATOM   550  O OE2 . GLU B 1 8  ? -12.627 6.743   -1.308  1.00 101.19 ? 56  GLU B OE2 1 
ATOM   551  N N   . ARG B 1 9  ? -9.662  8.634   2.645   1.00 107.48 ? 57  ARG B N   1 
ATOM   552  C CA  . ARG B 1 9  ? -8.417  7.991   3.030   1.00 105.29 ? 57  ARG B CA  1 
ATOM   553  C C   . ARG B 1 9  ? -8.176  6.800   2.135   1.00 105.21 ? 57  ARG B C   1 
ATOM   554  O O   . ARG B 1 9  ? -9.011  5.898   2.019   1.00 96.71  ? 57  ARG B O   1 
ATOM   555  C CB  . ARG B 1 9  ? -8.439  7.581   4.494   1.00 109.17 ? 57  ARG B CB  1 
ATOM   556  C CG  . ARG B 1 9  ? -8.287  8.756   5.434   1.00 125.16 ? 57  ARG B CG  1 
ATOM   557  C CD  . ARG B 1 9  ? -7.052  8.602   6.296   1.00 123.56 ? 57  ARG B CD  1 
ATOM   558  N NE  . ARG B 1 9  ? -7.279  7.660   7.386   1.00 134.56 ? 57  ARG B NE  1 
ATOM   559  C CZ  . ARG B 1 9  ? -6.734  7.762   8.593   1.00 129.27 ? 57  ARG B CZ  1 
ATOM   560  N NH1 . ARG B 1 9  ? -5.931  8.775   8.889   1.00 124.66 ? 57  ARG B NH1 1 
ATOM   561  N NH2 . ARG B 1 9  ? -7.007  6.853   9.516   1.00 129.63 ? 57  ARG B NH2 1 
ATOM   562  N N   . VAL B 1 10 ? -7.021  6.824   1.483   1.00 94.55  ? 58  VAL B N   1 
ATOM   563  C CA  . VAL B 1 10 ? -6.703  5.853   0.451   1.00 92.43  ? 58  VAL B CA  1 
ATOM   564  C C   . VAL B 1 10 ? -5.231  5.461   0.495   1.00 92.39  ? 58  VAL B C   1 
ATOM   565  O O   . VAL B 1 10 ? -4.453  5.975   1.312   1.00 84.12  ? 58  VAL B O   1 
ATOM   566  C CB  . VAL B 1 10 ? -7.042  6.406   -0.957  1.00 91.39  ? 58  VAL B CB  1 
ATOM   567  C CG1 . VAL B 1 10 ? -8.551  6.619   -1.110  1.00 93.68  ? 58  VAL B CG1 1 
ATOM   568  C CG2 . VAL B 1 10 ? -6.289  7.716   -1.203  1.00 79.70  ? 58  VAL B CG2 1 
ATOM   569  N N   . LEU B 1 11 ? -4.858  4.540   -0.383  1.00 80.46  ? 59  LEU B N   1 
ATOM   570  C CA  . LEU B 1 11 ? -3.455  4.191   -0.567  1.00 81.45  ? 59  LEU B CA  1 
ATOM   571  C C   . LEU B 1 11 ? -2.913  4.899   -1.802  1.00 73.02  ? 59  LEU B C   1 
ATOM   572  O O   . LEU B 1 11 ? -3.497  4.818   -2.891  1.00 73.11  ? 59  LEU B O   1 
ATOM   573  C CB  . LEU B 1 11 ? -3.282  2.667   -0.677  1.00 77.65  ? 59  LEU B CB  1 
ATOM   574  C CG  . LEU B 1 11 ? -3.174  1.924   0.664   1.00 76.90  ? 59  LEU B CG  1 
ATOM   575  C CD1 . LEU B 1 11 ? -3.028  0.422   0.502   1.00 74.82  ? 59  LEU B CD1 1 
ATOM   576  C CD2 . LEU B 1 11 ? -1.967  2.459   1.408   1.00 72.07  ? 59  LEU B CD2 1 
ATOM   577  N N   . ALA B 1 12 ? -1.799  5.600   -1.626  1.00 66.10  ? 60  ALA B N   1 
ATOM   578  C CA  . ALA B 1 12 ? -1.232  6.413   -2.696  1.00 68.00  ? 60  ALA B CA  1 
ATOM   579  C C   . ALA B 1 12 ? 0.197   6.015   -3.018  1.00 64.88  ? 60  ALA B C   1 
ATOM   580  O O   . ALA B 1 12 ? 1.078   6.134   -2.183  1.00 64.39  ? 60  ALA B O   1 
ATOM   581  C CB  . ALA B 1 12 ? -1.280  7.888   -2.316  1.00 71.91  ? 60  ALA B CB  1 
ATOM   582  N N   . LYS B 1 13 ? 0.433   5.588   -4.249  1.00 70.72  ? 61  LYS B N   1 
ATOM   583  C CA  . LYS B 1 13 ? 1.737   5.061   -4.633  1.00 76.61  ? 61  LYS B CA  1 
ATOM   584  C C   . LYS B 1 13 ? 2.794   6.150   -4.748  1.00 79.66  ? 61  LYS B C   1 
ATOM   585  O O   . LYS B 1 13 ? 2.701   7.032   -5.592  1.00 90.86  ? 61  LYS B O   1 
ATOM   586  C CB  . LYS B 1 13 ? 1.638   4.304   -5.967  1.00 79.53  ? 61  LYS B CB  1 
ATOM   587  C CG  . LYS B 1 13 ? 2.914   3.574   -6.400  1.00 78.18  ? 61  LYS B CG  1 
ATOM   588  C CD  . LYS B 1 13 ? 2.740   2.998   -7.800  1.00 87.95  ? 61  LYS B CD  1 
ATOM   589  C CE  . LYS B 1 13 ? 3.919   2.142   -8.244  1.00 93.33  ? 61  LYS B CE  1 
ATOM   590  N NZ  . LYS B 1 13 ? 4.802   1.738   -7.120  1.00 83.03  ? 61  LYS B NZ  1 
ATOM   591  N N   . HIS B 1 14 ? 3.804   6.090   -3.897  1.00 75.98  ? 62  HIS B N   1 
ATOM   592  C CA  . HIS B 1 14 ? 4.967   6.925   -4.095  1.00 81.33  ? 62  HIS B CA  1 
ATOM   593  C C   . HIS B 1 14 ? 6.177   6.036   -4.304  1.00 82.61  ? 62  HIS B C   1 
ATOM   594  O O   . HIS B 1 14 ? 6.605   5.355   -3.373  1.00 85.44  ? 62  HIS B O   1 
ATOM   595  C CB  . HIS B 1 14 ? 5.180   7.862   -2.909  1.00 82.81  ? 62  HIS B CB  1 
ATOM   596  C CG  . HIS B 1 14 ? 6.129   8.980   -3.198  1.00 93.19  ? 62  HIS B CG  1 
ATOM   597  N ND1 . HIS B 1 14 ? 7.178   9.303   -2.365  1.00 97.94  ? 62  HIS B ND1 1 
ATOM   598  C CD2 . HIS B 1 14 ? 6.191   9.848   -4.236  1.00 97.32  ? 62  HIS B CD2 1 
ATOM   599  C CE1 . HIS B 1 14 ? 7.840   10.328  -2.872  1.00 94.42  ? 62  HIS B CE1 1 
ATOM   600  N NE2 . HIS B 1 14 ? 7.263   10.675  -4.009  1.00 97.20  ? 62  HIS B NE2 1 
ATOM   601  N N   . SER B 1 15 ? 6.708   6.036   -5.526  1.00 86.63  ? 63  SER B N   1 
ATOM   602  C CA  . SER B 1 15 ? 7.881   5.237   -5.894  1.00 88.31  ? 63  SER B CA  1 
ATOM   603  C C   . SER B 1 15 ? 7.602   3.733   -5.759  1.00 84.69  ? 63  SER B C   1 
ATOM   604  O O   . SER B 1 15 ? 6.653   3.206   -6.354  1.00 84.92  ? 63  SER B O   1 
ATOM   605  C CB  . SER B 1 15 ? 9.101   5.651   -5.044  1.00 89.02  ? 63  SER B CB  1 
ATOM   606  O OG  . SER B 1 15 ? 8.941   5.281   -3.681  1.00 87.87  ? 63  SER B OG  1 
ATOM   607  N N   . ASP B 1 16 ? 8.427   3.053   -4.968  1.00 86.23  ? 64  ASP B N   1 
ATOM   608  C CA  . ASP B 1 16 ? 8.284   1.621   -4.736  1.00 83.45  ? 64  ASP B CA  1 
ATOM   609  C C   . ASP B 1 16 ? 6.922   1.218   -4.169  1.00 79.00  ? 64  ASP B C   1 
ATOM   610  O O   . ASP B 1 16 ? 6.411   0.143   -4.474  1.00 83.33  ? 64  ASP B O   1 
ATOM   611  C CB  . ASP B 1 16 ? 9.367   1.133   -3.765  1.00 84.98  ? 64  ASP B CB  1 
ATOM   612  C CG  . ASP B 1 16 ? 10.743  1.615   -4.135  1.00 94.36  ? 64  ASP B CG  1 
ATOM   613  O OD1 . ASP B 1 16 ? 10.827  2.513   -4.996  1.00 99.80  ? 64  ASP B OD1 1 
ATOM   614  O OD2 . ASP B 1 16 ? 11.737  1.101   -3.565  1.00 87.46  ? 64  ASP B OD2 1 
ATOM   615  N N   . CYS B 1 17 ? 6.338   2.072   -3.336  1.00 73.31  ? 65  CYS B N   1 
ATOM   616  C CA  . CYS B 1 17 ? 5.290   1.625   -2.424  1.00 66.09  ? 65  CYS B CA  1 
ATOM   617  C C   . CYS B 1 17 ? 4.150   2.586   -2.117  1.00 69.99  ? 65  CYS B C   1 
ATOM   618  O O   . CYS B 1 17 ? 4.223   3.786   -2.355  1.00 75.14  ? 65  CYS B O   1 
ATOM   619  C CB  . CYS B 1 17 ? 5.963   1.210   -1.127  1.00 65.22  ? 65  CYS B CB  1 
ATOM   620  S SG  . CYS B 1 17 ? 6.868   2.574   -0.379  1.00 73.30  ? 65  CYS B SG  1 
ATOM   621  N N   . PHE B 1 18 ? 3.090   2.017   -1.566  1.00 67.42  ? 66  PHE B N   1 
ATOM   622  C CA  . PHE B 1 18 ? 1.845   2.724   -1.289  1.00 65.53  ? 66  PHE B CA  1 
ATOM   623  C C   . PHE B 1 18 ? 1.758   3.185   0.149   1.00 64.25  ? 66  PHE B C   1 
ATOM   624  O O   . PHE B 1 18 ? 1.644   2.361   1.062   1.00 68.70  ? 66  PHE B O   1 
ATOM   625  C CB  . PHE B 1 18 ? 0.638   1.819   -1.582  1.00 67.21  ? 66  PHE B CB  1 
ATOM   626  C CG  . PHE B 1 18 ? 0.455   1.506   -3.031  1.00 69.68  ? 66  PHE B CG  1 
ATOM   627  C CD1 . PHE B 1 18 ? 1.407   0.779   -3.730  1.00 72.38  ? 66  PHE B CD1 1 
ATOM   628  C CD2 . PHE B 1 18 ? -0.677  1.948   -3.704  1.00 77.45  ? 66  PHE B CD2 1 
ATOM   629  C CE1 . PHE B 1 18 ? 1.237   0.500   -5.070  1.00 77.73  ? 66  PHE B CE1 1 
ATOM   630  C CE2 . PHE B 1 18 ? -0.856  1.675   -5.045  1.00 77.51  ? 66  PHE B CE2 1 
ATOM   631  C CZ  . PHE B 1 18 ? 0.106   0.950   -5.730  1.00 82.23  ? 66  PHE B CZ  1 
ATOM   632  N N   . TYR B 1 19 ? 1.786   4.496   0.350   1.00 66.00  ? 67  TYR B N   1 
ATOM   633  C CA  . TYR B 1 19 ? 1.571   5.082   1.673   1.00 61.57  ? 67  TYR B CA  1 
ATOM   634  C C   . TYR B 1 19 ? 0.078   5.242   1.926   1.00 69.02  ? 67  TYR B C   1 
ATOM   635  O O   . TYR B 1 19 ? -0.700  5.339   0.978   1.00 75.16  ? 67  TYR B O   1 
ATOM   636  C CB  . TYR B 1 19 ? 2.288   6.415   1.764   1.00 61.00  ? 67  TYR B CB  1 
ATOM   637  C CG  . TYR B 1 19 ? 3.782   6.261   1.725   1.00 67.44  ? 67  TYR B CG  1 
ATOM   638  C CD1 . TYR B 1 19 ? 4.433   6.044   0.523   1.00 71.51  ? 67  TYR B CD1 1 
ATOM   639  C CD2 . TYR B 1 19 ? 4.549   6.353   2.888   1.00 67.41  ? 67  TYR B CD2 1 
ATOM   640  C CE1 . TYR B 1 19 ? 5.805   5.899   0.471   1.00 79.05  ? 67  TYR B CE1 1 
ATOM   641  C CE2 . TYR B 1 19 ? 5.924   6.221   2.852   1.00 70.12  ? 67  TYR B CE2 1 
ATOM   642  C CZ  . TYR B 1 19 ? 6.549   5.992   1.635   1.00 77.96  ? 67  TYR B CZ  1 
ATOM   643  O OH  . TYR B 1 19 ? 7.923   5.844   1.554   1.00 70.02  ? 67  TYR B OH  1 
ATOM   644  N N   . GLU B 1 20 ? -0.350  5.248   3.182   1.00 70.26  ? 68  GLU B N   1 
ATOM   645  C CA  . GLU B 1 20 ? -1.740  5.609   3.453   1.00 81.18  ? 68  GLU B CA  1 
ATOM   646  C C   . GLU B 1 20 ? -1.795  7.122   3.499   1.00 89.34  ? 68  GLU B C   1 
ATOM   647  O O   . GLU B 1 20 ? -0.937  7.773   4.111   1.00 84.32  ? 68  GLU B O   1 
ATOM   648  C CB  . GLU B 1 20 ? -2.268  4.974   4.743   1.00 83.36  ? 68  GLU B CB  1 
ATOM   649  C CG  . GLU B 1 20 ? -3.085  3.686   4.502   1.00 94.88  ? 68  GLU B CG  1 
ATOM   650  C CD  . GLU B 1 20 ? -3.371  2.893   5.771   1.00 100.90 ? 68  GLU B CD  1 
ATOM   651  O OE1 . GLU B 1 20 ? -2.601  3.020   6.746   1.00 94.54  ? 68  GLU B OE1 1 
ATOM   652  O OE2 . GLU B 1 20 ? -4.353  2.121   5.788   1.00 91.36  ? 68  GLU B OE2 1 
ATOM   653  N N   . ALA B 1 21 ? -2.783  7.683   2.815   1.00 85.56  ? 69  ALA B N   1 
ATOM   654  C CA  . ALA B 1 21 ? -2.795  9.119   2.602   1.00 85.31  ? 69  ALA B CA  1 
ATOM   655  C C   . ALA B 1 21 ? -4.198  9.678   2.625   1.00 86.85  ? 69  ALA B C   1 
ATOM   656  O O   . ALA B 1 21 ? -5.186  8.938   2.513   1.00 87.46  ? 69  ALA B O   1 
ATOM   657  C CB  . ALA B 1 21 ? -2.107  9.468   1.279   1.00 80.29  ? 69  ALA B CB  1 
ATOM   658  N N   . LYS B 1 22 ? -4.266  10.996  2.764   1.00 81.94  ? 70  LYS B N   1 
ATOM   659  C CA  . LYS B 1 22 ? -5.526  11.717  2.777   1.00 89.55  ? 70  LYS B CA  1 
ATOM   660  C C   . LYS B 1 22 ? -5.638  12.570  1.530   1.00 85.58  ? 70  LYS B C   1 
ATOM   661  O O   . LYS B 1 22 ? -4.748  13.388  1.265   1.00 80.67  ? 70  LYS B O   1 
ATOM   662  C CB  . LYS B 1 22 ? -5.619  12.589  4.024   1.00 90.91  ? 70  LYS B CB  1 
ATOM   663  C CG  . LYS B 1 22 ? -6.500  12.007  5.111   1.00 98.50  ? 70  LYS B CG  1 
ATOM   664  C CD  . LYS B 1 22 ? -6.596  12.930  6.318   1.00 97.78  ? 70  LYS B CD  1 
ATOM   665  C CE  . LYS B 1 22 ? -6.316  14.369  5.949   1.00 99.28  ? 70  LYS B CE  1 
ATOM   666  N NZ  . LYS B 1 22 ? -6.642  15.297  7.071   1.00 106.08 ? 70  LYS B NZ  1 
ATOM   667  N N   . VAL B 1 23 ? -6.711  12.381  0.759   1.00 86.55  ? 71  VAL B N   1 
ATOM   668  C CA  . VAL B 1 23 ? -6.925  13.203  -0.435  1.00 86.94  ? 71  VAL B CA  1 
ATOM   669  C C   . VAL B 1 23 ? -7.542  14.519  0.022   1.00 85.54  ? 71  VAL B C   1 
ATOM   670  O O   . VAL B 1 23 ? -8.631  14.554  0.600   1.00 84.12  ? 71  VAL B O   1 
ATOM   671  C CB  . VAL B 1 23 ? -7.822  12.491  -1.517  1.00 88.47  ? 71  VAL B CB  1 
ATOM   672  C CG1 . VAL B 1 23 ? -8.184  11.080  -1.093  1.00 91.43  ? 71  VAL B CG1 1 
ATOM   673  C CG2 . VAL B 1 23 ? -9.047  13.300  -1.918  1.00 84.46  ? 71  VAL B CG2 1 
ATOM   674  N N   . LEU B 1 24 ? -6.804  15.603  -0.175  1.00 87.15  ? 72  LEU B N   1 
ATOM   675  C CA  . LEU B 1 24 ? -7.294  16.912  0.216   1.00 89.53  ? 72  LEU B CA  1 
ATOM   676  C C   . LEU B 1 24 ? -8.249  17.396  -0.876  1.00 83.46  ? 72  LEU B C   1 
ATOM   677  O O   . LEU B 1 24 ? -9.448  17.542  -0.650  1.00 85.26  ? 72  LEU B O   1 
ATOM   678  C CB  . LEU B 1 24 ? -6.128  17.886  0.438   1.00 86.24  ? 72  LEU B CB  1 
ATOM   679  C CG  . LEU B 1 24 ? -5.128  17.372  1.492   1.00 83.73  ? 72  LEU B CG  1 
ATOM   680  C CD1 . LEU B 1 24 ? -3.921  18.299  1.720   1.00 77.63  ? 72  LEU B CD1 1 
ATOM   681  C CD2 . LEU B 1 24 ? -5.835  17.061  2.791   1.00 75.48  ? 72  LEU B CD2 1 
ATOM   682  N N   . LYS B 1 25 ? -7.730  17.585  -2.079  1.00 81.29  ? 73  LYS B N   1 
ATOM   683  C CA  . LYS B 1 25 ? -8.555  18.121  -3.146  1.00 85.55  ? 73  LYS B CA  1 
ATOM   684  C C   . LYS B 1 25 ? -8.604  17.246  -4.398  1.00 76.49  ? 73  LYS B C   1 
ATOM   685  O O   . LYS B 1 25 ? -7.645  16.556  -4.740  1.00 75.28  ? 73  LYS B O   1 
ATOM   686  C CB  . LYS B 1 25 ? -8.067  19.528  -3.507  1.00 89.73  ? 73  LYS B CB  1 
ATOM   687  C CG  . LYS B 1 25 ? -8.103  20.511  -2.348  1.00 92.01  ? 73  LYS B CG  1 
ATOM   688  C CD  . LYS B 1 25 ? -9.512  20.638  -1.755  1.00 107.04 ? 73  LYS B CD  1 
ATOM   689  C CE  . LYS B 1 25 ? -10.451 21.436  -2.665  1.00 100.94 ? 73  LYS B CE  1 
ATOM   690  N NZ  . LYS B 1 25 ? -11.791 21.690  -2.061  1.00 87.56  ? 73  LYS B NZ  1 
ATOM   691  N N   . VAL B 1 26 ? -9.747  17.297  -5.069  1.00 75.36  ? 74  VAL B N   1 
ATOM   692  C CA  . VAL B 1 26 ? -9.973  16.611  -6.335  1.00 73.29  ? 74  VAL B CA  1 
ATOM   693  C C   . VAL B 1 26 ? -10.164 17.612  -7.475  1.00 72.85  ? 74  VAL B C   1 
ATOM   694  O O   . VAL B 1 26 ? -10.959 18.537  -7.372  1.00 76.92  ? 74  VAL B O   1 
ATOM   695  C CB  . VAL B 1 26 ? -11.209 15.719  -6.259  1.00 66.84  ? 74  VAL B CB  1 
ATOM   696  C CG1 . VAL B 1 26 ? -11.507 15.101  -7.615  1.00 63.50  ? 74  VAL B CG1 1 
ATOM   697  C CG2 . VAL B 1 26 ? -10.995 14.674  -5.223  1.00 69.34  ? 74  VAL B CG2 1 
ATOM   698  N N   . GLU B 1 27 ? -9.428  17.427  -8.560  1.00 72.33  ? 75  GLU B N   1 
ATOM   699  C CA  . GLU B 1 27 ? -9.523  18.324  -9.696  1.00 67.88  ? 75  GLU B CA  1 
ATOM   700  C C   . GLU B 1 27 ? -9.536  17.588  -11.025 1.00 71.37  ? 75  GLU B C   1 
ATOM   701  O O   . GLU B 1 27 ? -9.046  16.469  -11.158 1.00 79.08  ? 75  GLU B O   1 
ATOM   702  C CB  . GLU B 1 27 ? -8.367  19.322  -9.689  1.00 71.82  ? 75  GLU B CB  1 
ATOM   703  C CG  . GLU B 1 27 ? -8.575  20.498  -8.754  1.00 68.14  ? 75  GLU B CG  1 
ATOM   704  C CD  . GLU B 1 27 ? -7.578  21.607  -8.996  1.00 70.11  ? 75  GLU B CD  1 
ATOM   705  O OE1 . GLU B 1 27 ? -7.010  21.680  -10.105 1.00 70.16  ? 75  GLU B OE1 1 
ATOM   706  O OE2 . GLU B 1 27 ? -7.347  22.398  -8.062  1.00 68.17  ? 75  GLU B OE2 1 
ATOM   707  N N   . PHE B 1 28 ? -10.120 18.234  -12.014 1.00 72.81  ? 76  PHE B N   1 
ATOM   708  C CA  . PHE B 1 28 ? -10.018 17.771  -13.376 1.00 74.14  ? 76  PHE B CA  1 
ATOM   709  C C   . PHE B 1 28 ? -9.540  18.929  -14.230 1.00 77.31  ? 76  PHE B C   1 
ATOM   710  O O   . PHE B 1 28 ? -10.124 20.012  -14.199 1.00 78.18  ? 76  PHE B O   1 
ATOM   711  C CB  . PHE B 1 28 ? -11.350 17.248  -13.879 1.00 72.93  ? 76  PHE B CB  1 
ATOM   712  C CG  . PHE B 1 28 ? -11.268 16.640  -15.226 1.00 81.64  ? 76  PHE B CG  1 
ATOM   713  C CD1 . PHE B 1 28 ? -11.216 17.438  -16.361 1.00 79.74  ? 76  PHE B CD1 1 
ATOM   714  C CD2 . PHE B 1 28 ? -11.220 15.265  -15.365 1.00 85.00  ? 76  PHE B CD2 1 
ATOM   715  C CE1 . PHE B 1 28 ? -11.121 16.875  -17.610 1.00 84.45  ? 76  PHE B CE1 1 
ATOM   716  C CE2 . PHE B 1 28 ? -11.134 14.692  -16.608 1.00 88.33  ? 76  PHE B CE2 1 
ATOM   717  C CZ  . PHE B 1 28 ? -11.096 15.498  -17.735 1.00 88.67  ? 76  PHE B CZ  1 
ATOM   718  N N   . LYS B 1 29 ? -8.486  18.698  -14.998 1.00 77.86  ? 77  LYS B N   1 
ATOM   719  C CA  . LYS B 1 29 ? -7.825  19.764  -15.727 1.00 76.21  ? 77  LYS B CA  1 
ATOM   720  C C   . LYS B 1 29 ? -6.950  19.118  -16.812 1.00 88.56  ? 77  LYS B C   1 
ATOM   721  O O   . LYS B 1 29 ? -6.525  17.973  -16.645 1.00 90.61  ? 77  LYS B O   1 
ATOM   722  C CB  . LYS B 1 29 ? -6.994  20.623  -14.777 1.00 64.15  ? 77  LYS B CB  1 
ATOM   723  C CG  . LYS B 1 29 ? -6.653  21.989  -15.319 1.00 75.83  ? 77  LYS B CG  1 
ATOM   724  C CD  . LYS B 1 29 ? -5.775  22.807  -14.351 1.00 77.00  ? 77  LYS B CD  1 
ATOM   725  C CE  . LYS B 1 29 ? -6.055  24.314  -14.496 1.00 80.50  ? 77  LYS B CE  1 
ATOM   726  N NZ  . LYS B 1 29 ? -5.156  25.209  -13.696 1.00 95.49  ? 77  LYS B NZ  1 
ATOM   727  N N   . ASP B 1 30 ? -6.704  19.838  -17.910 1.00 89.28  ? 78  ASP B N   1 
ATOM   728  C CA  . ASP B 1 30 ? -5.876  19.357  -19.011 1.00 85.30  ? 78  ASP B CA  1 
ATOM   729  C C   . ASP B 1 30 ? -6.330  17.969  -19.405 1.00 83.64  ? 78  ASP B C   1 
ATOM   730  O O   . ASP B 1 30 ? -5.506  17.062  -19.581 1.00 85.39  ? 78  ASP B O   1 
ATOM   731  C CB  . ASP B 1 30 ? -4.396  19.362  -18.615 1.00 87.64  ? 78  ASP B CB  1 
ATOM   732  C CG  . ASP B 1 30 ? -3.892  20.734  -18.321 1.00 103.29 ? 78  ASP B CG  1 
ATOM   733  O OD1 . ASP B 1 30 ? -4.245  21.258  -17.241 1.00 97.92  ? 78  ASP B OD1 1 
ATOM   734  O OD2 . ASP B 1 30 ? -3.132  21.279  -19.143 1.00 106.63 ? 78  ASP B OD2 1 
ATOM   735  N N   . ASN B 1 31 ? -7.647  17.853  -19.528 1.00 81.49  ? 79  ASN B N   1 
ATOM   736  C CA  . ASN B 1 31 ? -8.383  16.626  -19.706 1.00 91.74  ? 79  ASN B CA  1 
ATOM   737  C C   . ASN B 1 31 ? -8.121  15.515  -18.692 1.00 91.43  ? 79  ASN B C   1 
ATOM   738  O O   . ASN B 1 31 ? -8.651  14.435  -18.897 1.00 94.42  ? 79  ASN B O   1 
ATOM   739  C CB  . ASN B 1 31 ? -8.145  16.010  -21.078 1.00 92.24  ? 79  ASN B CB  1 
ATOM   740  C CG  . ASN B 1 31 ? -9.388  15.338  -21.622 1.00 99.10  ? 79  ASN B CG  1 
ATOM   741  O OD1 . ASN B 1 31 ? -10.397 15.099  -20.900 1.00 93.57  ? 79  ASN B OD1 1 
ATOM   742  N ND2 . ASN B 1 31 ? -9.235  14.822  -22.828 1.00 100.83 ? 79  ASN B ND2 1 
ATOM   743  N N   . GLU B 1 32 ? -7.434  15.736  -17.577 1.00 91.00  ? 80  GLU B N   1 
ATOM   744  C CA  . GLU B 1 32 ? -7.275  14.601  -16.684 1.00 89.73  ? 80  GLU B CA  1 
ATOM   745  C C   . GLU B 1 32 ? -7.295  14.896  -15.199 1.00 87.05  ? 80  GLU B C   1 
ATOM   746  O O   . GLU B 1 32 ? -6.908  15.976  -14.760 1.00 81.74  ? 80  GLU B O   1 
ATOM   747  C CB  . GLU B 1 32 ? -5.988  13.827  -17.023 1.00 90.87  ? 80  GLU B CB  1 
ATOM   748  C CG  . GLU B 1 32 ? -6.302  12.456  -17.606 1.00 96.36  ? 80  GLU B CG  1 
ATOM   749  C CD  . GLU B 1 32 ? -6.649  11.433  -16.541 1.00 105.39 ? 80  GLU B CD  1 
ATOM   750  O OE1 . GLU B 1 32 ? -6.025  11.480  -15.461 1.00 112.51 ? 80  GLU B OE1 1 
ATOM   751  O OE2 . GLU B 1 32 ? -7.546  10.590  -16.783 1.00 100.11 ? 80  GLU B OE2 1 
ATOM   752  N N   . TRP B 1 33 ? -7.761  13.902  -14.442 1.00 86.71  ? 81  TRP B N   1 
ATOM   753  C CA  . TRP B 1 33 ? -7.904  13.999  -12.997 1.00 81.42  ? 81  TRP B CA  1 
ATOM   754  C C   . TRP B 1 33 ? -6.573  14.110  -12.268 1.00 80.85  ? 81  TRP B C   1 
ATOM   755  O O   . TRP B 1 33 ? -5.555  13.584  -12.711 1.00 86.37  ? 81  TRP B O   1 
ATOM   756  C CB  . TRP B 1 33 ? -8.647  12.788  -12.488 1.00 80.85  ? 81  TRP B CB  1 
ATOM   757  C CG  . TRP B 1 33 ? -10.021 12.685  -13.004 1.00 79.46  ? 81  TRP B CG  1 
ATOM   758  C CD1 . TRP B 1 33 ? -10.441 11.942  -14.056 1.00 81.19  ? 81  TRP B CD1 1 
ATOM   759  C CD2 . TRP B 1 33 ? -11.177 13.346  -12.487 1.00 85.46  ? 81  TRP B CD2 1 
ATOM   760  N NE1 . TRP B 1 33 ? -11.794 12.096  -14.231 1.00 80.73  ? 81  TRP B NE1 1 
ATOM   761  C CE2 . TRP B 1 33 ? -12.268 12.953  -13.277 1.00 77.86  ? 81  TRP B CE2 1 
ATOM   762  C CE3 . TRP B 1 33 ? -11.393 14.233  -11.433 1.00 83.70  ? 81  TRP B CE3 1 
ATOM   763  C CZ2 . TRP B 1 33 ? -13.555 13.418  -13.046 1.00 82.07  ? 81  TRP B CZ2 1 
ATOM   764  C CZ3 . TRP B 1 33 ? -12.675 14.692  -11.208 1.00 75.82  ? 81  TRP B CZ3 1 
ATOM   765  C CH2 . TRP B 1 33 ? -13.736 14.285  -12.007 1.00 74.80  ? 81  TRP B CH2 1 
ATOM   766  N N   . LYS B 1 34 ? -6.591  14.779  -11.127 1.00 79.07  ? 82  LYS B N   1 
ATOM   767  C CA  . LYS B 1 34 ? -5.382  14.983  -10.352 1.00 72.14  ? 82  LYS B CA  1 
ATOM   768  C C   . LYS B 1 34 ? -5.814  15.180  -8.919  1.00 81.07  ? 82  LYS B C   1 
ATOM   769  O O   . LYS B 1 34 ? -6.912  15.666  -8.663  1.00 74.34  ? 82  LYS B O   1 
ATOM   770  C CB  . LYS B 1 34 ? -4.578  16.163  -10.897 1.00 74.50  ? 82  LYS B CB  1 
ATOM   771  C CG  . LYS B 1 34 ? -4.851  17.516  -10.253 1.00 85.34  ? 82  LYS B CG  1 
ATOM   772  C CD  . LYS B 1 34 ? -4.532  18.646  -11.236 1.00 93.87  ? 82  LYS B CD  1 
ATOM   773  C CE  . LYS B 1 34 ? -4.548  20.016  -10.590 1.00 96.68  ? 82  LYS B CE  1 
ATOM   774  N NZ  . LYS B 1 34 ? -3.539  20.182  -9.515  1.00 94.74  ? 82  LYS B NZ  1 
ATOM   775  N N   . TYR B 1 35 ? -4.989  14.734  -7.981  1.00 79.87  ? 83  TYR B N   1 
ATOM   776  C CA  . TYR B 1 35 ? -5.432  14.627  -6.606  1.00 71.42  ? 83  TYR B CA  1 
ATOM   777  C C   . TYR B 1 35 ? -4.396  15.215  -5.683  1.00 77.74  ? 83  TYR B C   1 
ATOM   778  O O   . TYR B 1 35 ? -3.199  14.922  -5.801  1.00 75.82  ? 83  TYR B O   1 
ATOM   779  C CB  . TYR B 1 35 ? -5.713  13.171  -6.241  1.00 68.87  ? 83  TYR B CB  1 
ATOM   780  C CG  . TYR B 1 35 ? -6.786  12.516  -7.084  1.00 66.88  ? 83  TYR B CG  1 
ATOM   781  C CD1 . TYR B 1 35 ? -6.562  12.189  -8.418  1.00 69.96  ? 83  TYR B CD1 1 
ATOM   782  C CD2 . TYR B 1 35 ? -8.024  12.217  -6.539  1.00 66.88  ? 83  TYR B CD2 1 
ATOM   783  C CE1 . TYR B 1 35 ? -7.545  11.602  -9.194  1.00 73.56  ? 83  TYR B CE1 1 
ATOM   784  C CE2 . TYR B 1 35 ? -9.016  11.621  -7.302  1.00 75.75  ? 83  TYR B CE2 1 
ATOM   785  C CZ  . TYR B 1 35 ? -8.771  11.319  -8.631  1.00 79.27  ? 83  TYR B CZ  1 
ATOM   786  O OH  . TYR B 1 35 ? -9.760  10.725  -9.390  1.00 85.03  ? 83  TYR B OH  1 
ATOM   787  N N   . PHE B 1 36 ? -4.844  16.077  -4.782  1.00 77.53  ? 84  PHE B N   1 
ATOM   788  C CA  . PHE B 1 36 ? -3.926  16.601  -3.805  1.00 79.84  ? 84  PHE B CA  1 
ATOM   789  C C   . PHE B 1 36 ? -4.059  15.755  -2.558  1.00 80.74  ? 84  PHE B C   1 
ATOM   790  O O   . PHE B 1 36 ? -5.126  15.722  -1.932  1.00 76.81  ? 84  PHE B O   1 
ATOM   791  C CB  . PHE B 1 36 ? -4.194  18.075  -3.522  1.00 79.10  ? 84  PHE B CB  1 
ATOM   792  C CG  . PHE B 1 36 ? -3.052  18.759  -2.843  1.00 75.50  ? 84  PHE B CG  1 
ATOM   793  C CD1 . PHE B 1 36 ? -1.890  19.053  -3.560  1.00 75.26  ? 84  PHE B CD1 1 
ATOM   794  C CD2 . PHE B 1 36 ? -3.133  19.111  -1.500  1.00 68.25  ? 84  PHE B CD2 1 
ATOM   795  C CE1 . PHE B 1 36 ? -0.825  19.675  -2.951  1.00 78.92  ? 84  PHE B CE1 1 
ATOM   796  C CE2 . PHE B 1 36 ? -2.075  19.737  -0.871  1.00 74.29  ? 84  PHE B CE2 1 
ATOM   797  C CZ  . PHE B 1 36 ? -0.914  20.024  -1.597  1.00 82.33  ? 84  PHE B CZ  1 
ATOM   798  N N   . VAL B 1 37 ? -2.986  15.046  -2.214  1.00 81.94  ? 85  VAL B N   1 
ATOM   799  C CA  . VAL B 1 37 ? -3.040  14.101  -1.108  1.00 82.12  ? 85  VAL B CA  1 
ATOM   800  C C   . VAL B 1 37 ? -2.103  14.495  0.009   1.00 81.58  ? 85  VAL B C   1 
ATOM   801  O O   . VAL B 1 37 ? -1.047  15.072  -0.250  1.00 79.75  ? 85  VAL B O   1 
ATOM   802  C CB  . VAL B 1 37 ? -2.672  12.680  -1.552  1.00 75.29  ? 85  VAL B CB  1 
ATOM   803  C CG1 . VAL B 1 37 ? -3.646  12.184  -2.602  1.00 74.97  ? 85  VAL B CG1 1 
ATOM   804  C CG2 . VAL B 1 37 ? -1.247  12.644  -2.070  1.00 76.62  ? 85  VAL B CG2 1 
ATOM   805  N N   . HIS B 1 38 ? -2.498  14.199  1.245   1.00 82.85  ? 86  HIS B N   1 
ATOM   806  C CA  . HIS B 1 38 ? -1.572  14.298  2.371   1.00 89.91  ? 86  HIS B CA  1 
ATOM   807  C C   . HIS B 1 38 ? -1.266  12.892  2.883   1.00 92.72  ? 86  HIS B C   1 
ATOM   808  O O   . HIS B 1 38 ? -2.174  12.131  3.228   1.00 85.21  ? 86  HIS B O   1 
ATOM   809  C CB  . HIS B 1 38 ? -2.121  15.169  3.514   1.00 86.91  ? 86  HIS B CB  1 
ATOM   810  C CG  . HIS B 1 38 ? -1.424  14.957  4.827   1.00 87.26  ? 86  HIS B CG  1 
ATOM   811  N ND1 . HIS B 1 38 ? -0.190  15.514  5.112   1.00 90.83  ? 86  HIS B ND1 1 
ATOM   812  C CD2 . HIS B 1 38 ? -1.788  14.280  5.943   1.00 92.99  ? 86  HIS B CD2 1 
ATOM   813  C CE1 . HIS B 1 38 ? 0.180   15.170  6.330   1.00 91.77  ? 86  HIS B CE1 1 
ATOM   814  N NE2 . HIS B 1 38 ? -0.772  14.420  6.859   1.00 91.91  ? 86  HIS B NE2 1 
ATOM   815  N N   . TYR B 1 39 ? 0.024   12.567  2.913   1.00 92.56  ? 87  TYR B N   1 
ATOM   816  C CA  . TYR B 1 39 ? 0.511   11.322  3.484   1.00 89.02  ? 87  TYR B CA  1 
ATOM   817  C C   . TYR B 1 39 ? 0.427   11.360  5.003   1.00 89.30  ? 87  TYR B C   1 
ATOM   818  O O   . TYR B 1 39 ? 1.041   12.220  5.638   1.00 95.33  ? 87  TYR B O   1 
ATOM   819  C CB  . TYR B 1 39 ? 1.954   11.057  3.043   1.00 92.73  ? 87  TYR B CB  1 
ATOM   820  C CG  . TYR B 1 39 ? 2.182   11.106  1.541   1.00 89.33  ? 87  TYR B CG  1 
ATOM   821  C CD1 . TYR B 1 39 ? 1.571   10.190  0.692   1.00 88.83  ? 87  TYR B CD1 1 
ATOM   822  C CD2 . TYR B 1 39 ? 3.035   12.039  0.979   1.00 96.92  ? 87  TYR B CD2 1 
ATOM   823  C CE1 . TYR B 1 39 ? 1.789   10.222  -0.678  1.00 85.51  ? 87  TYR B CE1 1 
ATOM   824  C CE2 . TYR B 1 39 ? 3.263   12.073  -0.383  1.00 98.33  ? 87  TYR B CE2 1 
ATOM   825  C CZ  . TYR B 1 39 ? 2.636   11.167  -1.207  1.00 96.27  ? 87  TYR B CZ  1 
ATOM   826  O OH  . TYR B 1 39 ? 2.855   11.204  -2.565  1.00 93.03  ? 87  TYR B OH  1 
ATOM   827  N N   . ILE B 1 40 ? -0.330  10.432  5.580   1.00 87.94  ? 88  ILE B N   1 
ATOM   828  C CA  . ILE B 1 40 ? -0.526  10.371  7.027   1.00 87.71  ? 88  ILE B CA  1 
ATOM   829  C C   . ILE B 1 40 ? 0.791   10.205  7.777   1.00 91.68  ? 88  ILE B C   1 
ATOM   830  O O   . ILE B 1 40 ? 1.648   9.424   7.353   1.00 93.09  ? 88  ILE B O   1 
ATOM   831  C CB  . ILE B 1 40 ? -1.441  9.215   7.392   1.00 79.36  ? 88  ILE B CB  1 
ATOM   832  C CG1 . ILE B 1 40 ? -2.633  9.197   6.437   1.00 86.11  ? 88  ILE B CG1 1 
ATOM   833  C CG2 . ILE B 1 40 ? -1.849  9.291   8.846   1.00 77.58  ? 88  ILE B CG2 1 
ATOM   834  C CD1 . ILE B 1 40 ? -3.825  9.952   6.923   1.00 92.69  ? 88  ILE B CD1 1 
ATOM   835  N N   . GLY B 1 41 ? 0.954   10.938  8.880   1.00 92.26  ? 89  GLY B N   1 
ATOM   836  C CA  . GLY B 1 41 ? 2.176   10.871  9.673   1.00 95.21  ? 89  GLY B CA  1 
ATOM   837  C C   . GLY B 1 41 ? 3.396   11.423  8.958   1.00 113.33 ? 89  GLY B C   1 
ATOM   838  O O   . GLY B 1 41 ? 4.514   10.922  9.119   1.00 108.49 ? 89  GLY B O   1 
ATOM   839  N N   . TRP B 1 42 ? 3.175   12.459  8.159   1.00 107.62 ? 90  TRP B N   1 
ATOM   840  C CA  . TRP B 1 42 ? 4.254   13.079  7.413   1.00 102.94 ? 90  TRP B CA  1 
ATOM   841  C C   . TRP B 1 42 ? 4.053   14.580  7.312   1.00 100.71 ? 90  TRP B C   1 
ATOM   842  O O   . TRP B 1 42 ? 2.985   15.108  7.641   1.00 100.91 ? 90  TRP B O   1 
ATOM   843  C CB  . TRP B 1 42 ? 4.356   12.474  6.014   1.00 103.94 ? 90  TRP B CB  1 
ATOM   844  C CG  . TRP B 1 42 ? 4.856   11.068  6.002   1.00 106.06 ? 90  TRP B CG  1 
ATOM   845  C CD1 . TRP B 1 42 ? 4.112   9.928   6.098   1.00 98.22  ? 90  TRP B CD1 1 
ATOM   846  C CD2 . TRP B 1 42 ? 6.220   10.650  5.908   1.00 114.56 ? 90  TRP B CD2 1 
ATOM   847  N NE1 . TRP B 1 42 ? 4.926   8.826   6.059   1.00 95.32  ? 90  TRP B NE1 1 
ATOM   848  C CE2 . TRP B 1 42 ? 6.229   9.240   5.940   1.00 108.41 ? 90  TRP B CE2 1 
ATOM   849  C CE3 . TRP B 1 42 ? 7.435   11.327  5.777   1.00 123.74 ? 90  TRP B CE3 1 
ATOM   850  C CZ2 . TRP B 1 42 ? 7.406   8.499   5.851   1.00 110.64 ? 90  TRP B CZ2 1 
ATOM   851  C CZ3 . TRP B 1 42 ? 8.600   10.595  5.698   1.00 109.72 ? 90  TRP B CZ3 1 
ATOM   852  C CH2 . TRP B 1 42 ? 8.580   9.198   5.732   1.00 109.03 ? 90  TRP B CH2 1 
ATOM   853  N N   . ASN B 1 43 ? 5.091   15.260  6.841   1.00 104.26 ? 91  ASN B N   1 
ATOM   854  C CA  . ASN B 1 43 ? 5.055   16.700  6.620   1.00 109.24 ? 91  ASN B CA  1 
ATOM   855  C C   . ASN B 1 43 ? 3.921   17.119  5.690   1.00 105.87 ? 91  ASN B C   1 
ATOM   856  O O   . ASN B 1 43 ? 3.395   16.310  4.922   1.00 106.30 ? 91  ASN B O   1 
ATOM   857  C CB  . ASN B 1 43 ? 6.392   17.182  6.049   1.00 111.59 ? 91  ASN B CB  1 
ATOM   858  C CG  . ASN B 1 43 ? 6.605   18.673  6.227   1.00 115.82 ? 91  ASN B CG  1 
ATOM   859  O OD1 . ASN B 1 43 ? 5.756   19.380  6.780   1.00 113.59 ? 91  ASN B OD1 1 
ATOM   860  N ND2 . ASN B 1 43 ? 7.740   19.166  5.741   1.00 116.72 ? 91  ASN B ND2 1 
ATOM   861  N N   . LYS B 1 44 ? 3.545   18.389  5.761   1.00 100.06 ? 92  LYS B N   1 
ATOM   862  C CA  . LYS B 1 44 ? 2.455   18.881  4.939   1.00 97.21  ? 92  LYS B CA  1 
ATOM   863  C C   . LYS B 1 44 ? 3.044   19.282  3.607   1.00 101.22 ? 92  LYS B C   1 
ATOM   864  O O   . LYS B 1 44 ? 2.345   19.410  2.613   1.00 106.80 ? 92  LYS B O   1 
ATOM   865  C CB  . LYS B 1 44 ? 1.742   20.050  5.610   1.00 90.23  ? 92  LYS B CB  1 
ATOM   866  C CG  . LYS B 1 44 ? 1.500   19.880  7.108   1.00 103.30 ? 92  LYS B CG  1 
ATOM   867  C CD  . LYS B 1 44 ? 1.083   18.462  7.519   1.00 92.93  ? 92  LYS B CD  1 
ATOM   868  C CE  . LYS B 1 44 ? -0.029  18.506  8.550   1.00 87.55  ? 92  LYS B CE  1 
ATOM   869  N NZ  . LYS B 1 44 ? 0.006   17.318  9.441   1.00 94.13  ? 92  LYS B NZ  1 
ATOM   870  N N   . SER B 1 45 ? 4.357   19.462  3.591   1.00 104.01 ? 93  SER B N   1 
ATOM   871  C CA  . SER B 1 45 ? 5.058   19.768  2.357   1.00 107.09 ? 93  SER B CA  1 
ATOM   872  C C   . SER B 1 45 ? 5.092   18.518  1.506   1.00 119.39 ? 93  SER B C   1 
ATOM   873  O O   . SER B 1 45 ? 5.222   18.580  0.282   1.00 110.96 ? 93  SER B O   1 
ATOM   874  C CB  . SER B 1 45 ? 6.477   20.240  2.633   1.00 108.61 ? 93  SER B CB  1 
ATOM   875  O OG  . SER B 1 45 ? 7.130   19.335  3.501   1.00 112.12 ? 93  SER B OG  1 
ATOM   876  N N   . TRP B 1 46 ? 4.994   17.375  2.176   1.00 113.99 ? 94  TRP B N   1 
ATOM   877  C CA  . TRP B 1 46 ? 4.971   16.103  1.484   1.00 111.88 ? 94  TRP B CA  1 
ATOM   878  C C   . TRP B 1 46 ? 3.698   15.987  0.650   1.00 108.95 ? 94  TRP B C   1 
ATOM   879  O O   . TRP B 1 46 ? 3.686   15.265  -0.352  1.00 109.07 ? 94  TRP B O   1 
ATOM   880  C CB  . TRP B 1 46 ? 5.068   14.922  2.462   1.00 120.58 ? 94  TRP B CB  1 
ATOM   881  C CG  . TRP B 1 46 ? 6.379   14.775  3.211   1.00 122.38 ? 94  TRP B CG  1 
ATOM   882  C CD1 . TRP B 1 46 ? 6.533   14.432  4.518   1.00 117.25 ? 94  TRP B CD1 1 
ATOM   883  C CD2 . TRP B 1 46 ? 7.705   14.963  2.689   1.00 123.91 ? 94  TRP B CD2 1 
ATOM   884  N NE1 . TRP B 1 46 ? 7.866   14.401  4.852   1.00 119.69 ? 94  TRP B NE1 1 
ATOM   885  C CE2 . TRP B 1 46 ? 8.604   14.717  3.748   1.00 129.04 ? 94  TRP B CE2 1 
ATOM   886  C CE3 . TRP B 1 46 ? 8.216   15.308  1.437   1.00 123.08 ? 94  TRP B CE3 1 
ATOM   887  C CZ2 . TRP B 1 46 ? 9.991   14.813  3.581   1.00 136.72 ? 94  TRP B CZ2 1 
ATOM   888  C CZ3 . TRP B 1 46 ? 9.586   15.403  1.280   1.00 123.11 ? 94  TRP B CZ3 1 
ATOM   889  C CH2 . TRP B 1 46 ? 10.456  15.156  2.344   1.00 141.69 ? 94  TRP B CH2 1 
ATOM   890  N N   . ASP B 1 47 ? 2.633   16.688  1.057   1.00 112.65 ? 95  ASP B N   1 
ATOM   891  C CA  . ASP B 1 47 ? 1.377   16.640  0.311   1.00 100.16 ? 95  ASP B CA  1 
ATOM   892  C C   . ASP B 1 47 ? 1.617   17.077  -1.128  1.00 97.91  ? 95  ASP B C   1 
ATOM   893  O O   . ASP B 1 47 ? 2.303   18.068  -1.370  1.00 101.76 ? 95  ASP B O   1 
ATOM   894  C CB  . ASP B 1 47 ? 0.285   17.512  0.946   1.00 92.94  ? 95  ASP B CB  1 
ATOM   895  C CG  . ASP B 1 47 ? 0.305   17.471  2.450   1.00 93.51  ? 95  ASP B CG  1 
ATOM   896  O OD1 . ASP B 1 47 ? 0.585   16.395  3.011   1.00 92.92  ? 95  ASP B OD1 1 
ATOM   897  O OD2 . ASP B 1 47 ? -0.052  18.490  3.072   1.00 94.25  ? 95  ASP B OD2 1 
ATOM   898  N N   . GLU B 1 48 ? 1.082   16.323  -2.083  1.00 93.65  ? 96  GLU B N   1 
ATOM   899  C CA  . GLU B 1 48 ? 1.376   16.581  -3.491  1.00 89.90  ? 96  GLU B CA  1 
ATOM   900  C C   . GLU B 1 48 ? 0.191   16.289  -4.412  1.00 89.24  ? 96  GLU B C   1 
ATOM   901  O O   . GLU B 1 48 ? -0.788  15.638  -4.025  1.00 84.16  ? 96  GLU B O   1 
ATOM   902  C CB  . GLU B 1 48 ? 2.584   15.747  -3.953  1.00 94.22  ? 96  GLU B CB  1 
ATOM   903  C CG  . GLU B 1 48 ? 2.765   14.419  -3.220  1.00 99.59  ? 96  GLU B CG  1 
ATOM   904  C CD  . GLU B 1 48 ? 3.929   13.604  -3.764  1.00 103.25 ? 96  GLU B CD  1 
ATOM   905  O OE1 . GLU B 1 48 ? 4.203   13.700  -4.981  1.00 100.56 ? 96  GLU B OE1 1 
ATOM   906  O OE2 . GLU B 1 48 ? 4.554   12.849  -2.983  1.00 105.99 ? 96  GLU B OE2 1 
ATOM   907  N N   . TRP B 1 49 ? 0.280   16.785  -5.637  1.00 84.36  ? 97  TRP B N   1 
ATOM   908  C CA  . TRP B 1 49 ? -0.665  16.395  -6.663  1.00 83.25  ? 97  TRP B CA  1 
ATOM   909  C C   . TRP B 1 49 ? -0.143  15.118  -7.284  1.00 85.20  ? 97  TRP B C   1 
ATOM   910  O O   . TRP B 1 49 ? 1.060   14.978  -7.520  1.00 78.37  ? 97  TRP B O   1 
ATOM   911  C CB  . TRP B 1 49 ? -0.848  17.503  -7.709  1.00 81.39  ? 97  TRP B CB  1 
ATOM   912  C CG  . TRP B 1 49 ? -1.556  18.722  -7.153  1.00 79.65  ? 97  TRP B CG  1 
ATOM   913  C CD1 . TRP B 1 49 ? -0.984  19.888  -6.741  1.00 78.02  ? 97  TRP B CD1 1 
ATOM   914  C CD2 . TRP B 1 49 ? -2.971  18.877  -6.935  1.00 80.00  ? 97  TRP B CD2 1 
ATOM   915  N NE1 . TRP B 1 49 ? -1.954  20.756  -6.293  1.00 86.19  ? 97  TRP B NE1 1 
ATOM   916  C CE2 . TRP B 1 49 ? -3.180  20.152  -6.408  1.00 78.86  ? 97  TRP B CE2 1 
ATOM   917  C CE3 . TRP B 1 49 ? -4.076  18.048  -7.158  1.00 82.68  ? 97  TRP B CE3 1 
ATOM   918  C CZ2 . TRP B 1 49 ? -4.461  20.630  -6.088  1.00 83.03  ? 97  TRP B CZ2 1 
ATOM   919  C CZ3 . TRP B 1 49 ? -5.346  18.524  -6.849  1.00 78.39  ? 97  TRP B CZ3 1 
ATOM   920  C CH2 . TRP B 1 49 ? -5.527  19.797  -6.318  1.00 76.83  ? 97  TRP B CH2 1 
ATOM   921  N N   . ILE B 1 50 ? -1.048  14.173  -7.515  1.00 78.96  ? 98  ILE B N   1 
ATOM   922  C CA  . ILE B 1 50 ? -0.680  12.872  -8.063  1.00 75.91  ? 98  ILE B CA  1 
ATOM   923  C C   . ILE B 1 50 ? -1.729  12.378  -9.048  1.00 73.31  ? 98  ILE B C   1 
ATOM   924  O O   . ILE B 1 50 ? -2.913  12.675  -8.906  1.00 71.11  ? 98  ILE B O   1 
ATOM   925  C CB  . ILE B 1 50 ? -0.491  11.807  -6.946  1.00 74.11  ? 98  ILE B CB  1 
ATOM   926  C CG1 . ILE B 1 50 ? -1.755  11.683  -6.107  1.00 69.98  ? 98  ILE B CG1 1 
ATOM   927  C CG2 . ILE B 1 50 ? 0.722   12.119  -6.053  1.00 82.65  ? 98  ILE B CG2 1 
ATOM   928  C CD1 . ILE B 1 50 ? -1.695  10.565  -5.118  1.00 66.39  ? 98  ILE B CD1 1 
ATOM   929  N N   . ARG B 1 51 ? -1.277  11.603  -10.032 1.00 81.86  ? 99  ARG B N   1 
ATOM   930  C CA  . ARG B 1 51 ? -2.133  11.094  -11.100 1.00 82.62  ? 99  ARG B CA  1 
ATOM   931  C C   . ARG B 1 51 ? -3.018  9.957   -10.594 1.00 78.44  ? 99  ARG B C   1 
ATOM   932  O O   . ARG B 1 51 ? -2.718  9.376   -9.560  1.00 82.28  ? 99  ARG B O   1 
ATOM   933  C CB  . ARG B 1 51 ? -1.266  10.644  -12.270 1.00 94.11  ? 99  ARG B CB  1 
ATOM   934  C CG  . ARG B 1 51 ? -0.083  11.585  -12.532 1.00 113.41 ? 99  ARG B CG  1 
ATOM   935  C CD  . ARG B 1 51 ? -0.015  11.973  -13.998 1.00 117.53 ? 99  ARG B CD  1 
ATOM   936  N NE  . ARG B 1 51 ? -0.606  13.289  -14.231 1.00 130.84 ? 99  ARG B NE  1 
ATOM   937  C CZ  . ARG B 1 51 ? -0.856  13.795  -15.434 1.00 122.73 ? 99  ARG B CZ  1 
ATOM   938  N NH1 . ARG B 1 51 ? -0.583  13.090  -16.522 1.00 120.30 ? 99  ARG B NH1 1 
ATOM   939  N NH2 . ARG B 1 51 ? -1.397  14.998  -15.549 1.00 128.25 ? 99  ARG B NH2 1 
ATOM   940  N N   . LEU B 1 52 ? -4.105  9.641   -11.301 1.00 77.71  ? 100 LEU B N   1 
ATOM   941  C CA  . LEU B 1 52 ? -5.078  8.675   -10.781 1.00 80.66  ? 100 LEU B CA  1 
ATOM   942  C C   . LEU B 1 52 ? -4.471  7.284   -10.739 1.00 80.57  ? 100 LEU B C   1 
ATOM   943  O O   . LEU B 1 52 ? -4.892  6.436   -9.954  1.00 79.09  ? 100 LEU B O   1 
ATOM   944  C CB  . LEU B 1 52 ? -6.367  8.679   -11.615 1.00 79.80  ? 100 LEU B CB  1 
ATOM   945  C CG  . LEU B 1 52 ? -7.434  7.596   -11.418 1.00 80.47  ? 100 LEU B CG  1 
ATOM   946  C CD1 . LEU B 1 52 ? -8.783  8.136   -11.814 1.00 83.95  ? 100 LEU B CD1 1 
ATOM   947  C CD2 . LEU B 1 52 ? -7.144  6.350   -12.244 1.00 93.73  ? 100 LEU B CD2 1 
ATOM   948  N N   . ASP B 1 53 ? -3.487  7.060   -11.604 1.00 87.75  ? 101 ASP B N   1 
ATOM   949  C CA  . ASP B 1 53 ? -2.690  5.831   -11.608 1.00 89.80  ? 101 ASP B CA  1 
ATOM   950  C C   . ASP B 1 53 ? -2.328  5.447   -10.192 1.00 86.57  ? 101 ASP B C   1 
ATOM   951  O O   . ASP B 1 53 ? -2.676  4.376   -9.685  1.00 86.43  ? 101 ASP B O   1 
ATOM   952  C CB  . ASP B 1 53 ? -1.391  6.029   -12.391 1.00 99.82  ? 101 ASP B CB  1 
ATOM   953  C CG  . ASP B 1 53 ? -1.608  6.670   -13.728 1.00 98.58  ? 101 ASP B CG  1 
ATOM   954  O OD1 . ASP B 1 53 ? -2.574  7.466   -13.859 1.00 101.53 ? 101 ASP B OD1 1 
ATOM   955  O OD2 . ASP B 1 53 ? -0.792  6.392   -14.636 1.00 97.44  ? 101 ASP B OD2 1 
ATOM   956  N N   . CYS B 1 54 ? -1.633  6.392   -9.573  1.00 80.92  ? 102 CYS B N   1 
ATOM   957  C CA  . CYS B 1 54 ? -0.929  6.206   -8.331  1.00 77.27  ? 102 CYS B CA  1 
ATOM   958  C C   . CYS B 1 54 ? -1.864  5.927   -7.163  1.00 74.41  ? 102 CYS B C   1 
ATOM   959  O O   . CYS B 1 54 ? -1.453  5.440   -6.115  1.00 79.64  ? 102 CYS B O   1 
ATOM   960  C CB  . CYS B 1 54 ? -0.090  7.449   -8.056  1.00 76.32  ? 102 CYS B CB  1 
ATOM   961  S SG  . CYS B 1 54 ? 1.340   7.565   -9.155  1.00 99.42  ? 102 CYS B SG  1 
ATOM   962  N N   . LEU B 1 55 ? -3.133  6.233   -7.344  1.00 75.49  ? 103 LEU B N   1 
ATOM   963  C CA  . LEU B 1 55 ? -4.087  6.120   -6.246  1.00 82.01  ? 103 LEU B CA  1 
ATOM   964  C C   . LEU B 1 55 ? -4.699  4.747   -6.194  1.00 72.14  ? 103 LEU B C   1 
ATOM   965  O O   . LEU B 1 55 ? -4.902  4.098   -7.218  1.00 67.74  ? 103 LEU B O   1 
ATOM   966  C CB  . LEU B 1 55 ? -5.198  7.185   -6.347  1.00 78.88  ? 103 LEU B CB  1 
ATOM   967  C CG  . LEU B 1 55 ? -5.566  7.861   -5.025  1.00 77.42  ? 103 LEU B CG  1 
ATOM   968  C CD1 . LEU B 1 55 ? -4.345  8.505   -4.413  1.00 70.40  ? 103 LEU B CD1 1 
ATOM   969  C CD2 . LEU B 1 55 ? -6.663  8.893   -5.260  1.00 84.30  ? 103 LEU B CD2 1 
ATOM   970  N N   . LEU B 1 56 ? -4.980  4.314   -4.974  1.00 76.30  ? 104 LEU B N   1 
ATOM   971  C CA  . LEU B 1 56 ? -5.510  2.995   -4.759  1.00 78.22  ? 104 LEU B CA  1 
ATOM   972  C C   . LEU B 1 56 ? -6.606  2.995   -3.722  1.00 82.33  ? 104 LEU B C   1 
ATOM   973  O O   . LEU B 1 56 ? -6.471  3.557   -2.634  1.00 83.10  ? 104 LEU B O   1 
ATOM   974  C CB  . LEU B 1 56 ? -4.406  2.032   -4.351  1.00 81.25  ? 104 LEU B CB  1 
ATOM   975  C CG  . LEU B 1 56 ? -4.566  0.738   -5.140  1.00 83.12  ? 104 LEU B CG  1 
ATOM   976  C CD1 . LEU B 1 56 ? -4.165  0.964   -6.596  1.00 80.63  ? 104 LEU B CD1 1 
ATOM   977  C CD2 . LEU B 1 56 ? -3.771  -0.380  -4.508  1.00 79.70  ? 104 LEU B CD2 1 
ATOM   978  N N   . LYS B 1 57 ? -7.695  2.349   -4.109  1.00 88.63  ? 105 LYS B N   1 
ATOM   979  C CA  . LYS B 1 57 ? -8.882  2.170   -3.311  1.00 97.36  ? 105 LYS B CA  1 
ATOM   980  C C   . LYS B 1 57 ? -8.519  1.539   -1.974  1.00 105.75 ? 105 LYS B C   1 
ATOM   981  O O   . LYS B 1 57 ? -7.499  0.868   -1.870  1.00 110.25 ? 105 LYS B O   1 
ATOM   982  C CB  . LYS B 1 57 ? -9.841  1.281   -4.089  1.00 103.12 ? 105 LYS B CB  1 
ATOM   983  C CG  . LYS B 1 57 ? -9.374  1.097   -5.538  1.00 103.07 ? 105 LYS B CG  1 
ATOM   984  C CD  . LYS B 1 57 ? -9.923  -0.178  -6.175  1.00 112.01 ? 105 LYS B CD  1 
ATOM   985  C CE  . LYS B 1 57 ? -9.393  -0.376  -7.595  1.00 119.25 ? 105 LYS B CE  1 
ATOM   986  N NZ  . LYS B 1 57 ? -9.915  0.631   -8.564  1.00 117.10 ? 105 LYS B NZ  1 
ATOM   987  N N   . HIS B 1 58 ? -9.329  1.757   -0.946  1.00 106.87 ? 106 HIS B N   1 
ATOM   988  C CA  . HIS B 1 58 ? -9.127  1.050   0.314   1.00 109.96 ? 106 HIS B CA  1 
ATOM   989  C C   . HIS B 1 58 ? -10.399 0.350   0.772   1.00 123.28 ? 106 HIS B C   1 
ATOM   990  O O   . HIS B 1 58 ? -10.344 -0.605  1.545   1.00 113.73 ? 106 HIS B O   1 
ATOM   991  C CB  . HIS B 1 58 ? -8.628  2.000   1.401   1.00 110.26 ? 106 HIS B CB  1 
ATOM   992  C CG  . HIS B 1 58 ? -7.734  1.342   2.408   1.00 113.30 ? 106 HIS B CG  1 
ATOM   993  N ND1 . HIS B 1 58 ? -6.714  2.009   3.045   1.00 113.72 ? 106 HIS B ND1 1 
ATOM   994  C CD2 . HIS B 1 58 ? -7.723  0.076   2.889   1.00 107.04 ? 106 HIS B CD2 1 
ATOM   995  C CE1 . HIS B 1 58 ? -6.097  1.179   3.870   1.00 95.19  ? 106 HIS B CE1 1 
ATOM   996  N NE2 . HIS B 1 58 ? -6.692  0.001   3.796   1.00 101.43 ? 106 HIS B NE2 1 
HETATM 997  N N   . M3L C 2 6  ? 14.453  -0.400  0.696   1.00 64.46  ? 36  M3L C N   1 
HETATM 998  C CA  . M3L C 2 6  ? 14.974  -0.914  1.950   1.00 63.41  ? 36  M3L C CA  1 
HETATM 999  C CB  . M3L C 2 6  ? 15.948  -2.055  1.768   1.00 53.27  ? 36  M3L C CB  1 
HETATM 1000 C CG  . M3L C 2 6  ? 15.024  -3.269  1.683   1.00 67.98  ? 36  M3L C CG  1 
HETATM 1001 C CD  . M3L C 2 6  ? 13.587  -3.038  2.209   1.00 59.23  ? 36  M3L C CD  1 
HETATM 1002 C CE  . M3L C 2 6  ? 12.542  -3.149  1.095   1.00 50.08  ? 36  M3L C CE  1 
HETATM 1003 N NZ  . M3L C 2 6  ? 11.538  -4.160  1.521   1.00 61.76  ? 36  M3L C NZ  1 
HETATM 1004 C C   . M3L C 2 6  ? 15.699  0.124   2.699   1.00 83.55  ? 36  M3L C C   1 
HETATM 1005 O O   . M3L C 2 6  ? 16.366  -0.190  3.718   1.00 97.48  ? 36  M3L C O   1 
HETATM 1006 C CM1 . M3L C 2 6  ? 10.278  -3.453  1.814   1.00 51.98  ? 36  M3L C CM1 1 
HETATM 1007 C CM2 . M3L C 2 6  ? 11.955  -4.837  2.795   1.00 57.77  ? 36  M3L C CM2 1 
HETATM 1008 C CM3 . M3L C 2 6  ? 11.337  -5.155  0.415   1.00 37.93  ? 36  M3L C CM3 1 
HETATM 1009 N N   . M3L D 2 6  ? 12.703  10.250  2.101   1.00 84.21  ? 36  M3L D N   1 
HETATM 1010 C CA  . M3L D 2 6  ? 11.380  9.849   1.628   1.00 71.86  ? 36  M3L D CA  1 
HETATM 1011 C CB  . M3L D 2 6  ? 10.755  11.012  0.883   1.00 83.23  ? 36  M3L D CB  1 
HETATM 1012 C CG  . M3L D 2 6  ? 9.736   11.640  1.841   1.00 99.03  ? 36  M3L D CG  1 
HETATM 1013 C CD  . M3L D 2 6  ? 8.783   10.573  2.401   1.00 95.04  ? 36  M3L D CD  1 
HETATM 1014 C CE  . M3L D 2 6  ? 7.938   9.937   1.284   1.00 92.09  ? 36  M3L D CE  1 
HETATM 1015 N NZ  . M3L D 2 6  ? 6.508   10.289  1.496   1.00 94.23  ? 36  M3L D NZ  1 
HETATM 1016 C C   . M3L D 2 6  ? 11.441  8.687   0.688   1.00 77.46  ? 36  M3L D C   1 
HETATM 1017 O O   . M3L D 2 6  ? 12.558  8.128   0.528   1.00 84.80  ? 36  M3L D O   1 
HETATM 1018 C CM1 . M3L D 2 6  ? 5.668   9.463   0.586   1.00 90.75  ? 36  M3L D CM1 1 
HETATM 1019 C CM2 . M3L D 2 6  ? 6.314   11.746  1.310   1.00 101.46 ? 36  M3L D CM2 1 
HETATM 1020 C CM3 . M3L D 2 6  ? 6.085   9.989   2.871   1.00 91.96  ? 36  M3L D CM3 1 
HETATM 1021 O O   . HOH E 3 .  ? 6.580   -5.412  -4.076  1.00 50.92  ? 201 HOH A O   1 
HETATM 1022 O O   . HOH E 3 .  ? 14.227  -11.343 4.940   1.00 67.83  ? 202 HOH A O   1 
HETATM 1023 O O   . HOH E 3 .  ? 11.176  -10.358 -1.390  1.00 44.21  ? 203 HOH A O   1 
HETATM 1024 O O   . HOH E 3 .  ? -1.702  -12.790 12.228  1.00 66.46  ? 204 HOH A O   1 
HETATM 1025 O O   . HOH E 3 .  ? 0.633   -4.341  10.158  1.00 74.20  ? 205 HOH A O   1 
HETATM 1026 O O   . HOH F 3 .  ? 5.084   7.627   10.739  1.00 71.37  ? 201 HOH B O   1 
HETATM 1027 O O   . HOH F 3 .  ? 3.818   7.242   -9.424  1.00 69.49  ? 202 HOH B O   1 
HETATM 1028 O O   . HOH F 3 .  ? 5.862   8.701   13.083  1.00 66.46  ? 203 HOH B O   1 
# 
